data_6QP3
#
_entry.id   6QP3
#
_cell.length_a   75.279
_cell.length_b   105.526
_cell.length_c   209.576
_cell.angle_alpha   90.000
_cell.angle_beta   90.000
_cell.angle_gamma   90.000
#
_symmetry.space_group_name_H-M   'P 21 21 21'
#
loop_
_entity.id
_entity.type
_entity.pdbx_description
1 polymer 'Cystathionine beta-lyase PatB'
2 non-polymer 'ACETATE ION'
3 non-polymer "PYRIDOXAL-5'-PHOSPHATE"
4 water water
#
_entity_poly.entity_id   1
_entity_poly.type   'polypeptide(L)'
_entity_poly.pdbx_seq_one_letter_code
;MNFDKREERLGTQSVKWDKTGELFGVTDALPMWVADMDFRAPEAITEALKERLDHGIFGYTTPDQKTKDAVCGWMQNRHG
WKVNPESITFSPGVVTALSMAVQAFTEPGDQVVVQPPVYTPFYHMVEKNGRHILHNPLLEKDGAYAIDFEDLETKLSDPS
VTLFILCNPHNPSGRSWSREDLLKLGELCLEHGVTVVSDEIHSDLMLYGHKHTPFASLSDDFADISVTCAAPSKTFNIAG
LQASAIIIPDRLKRAKFSASLQRNGLGGLNAFAVTAIEAAYSKGGPWLDELITYIEKNMNEAEAFLSTELPKVKMMKPDA
SYLIWLDFSAYGLSDAELQQRMLKKGKVILEPGTKYGPGGEGFMRLNAGCSLATLQDGLRRIKAALS
;
_entity_poly.pdbx_strand_id   A,B,C,D
#
loop_
_chem_comp.id
_chem_comp.type
_chem_comp.name
_chem_comp.formula
ACT non-polymer 'ACETATE ION' 'C2 H3 O2 -1'
PLP non-polymer PYRIDOXAL-5'-PHOSPHATE 'C8 H10 N O6 P'
#
# COMPACT_ATOMS: atom_id res chain seq x y z
N MET A 1 -5.50 28.30 16.66
CA MET A 1 -6.72 27.94 17.43
C MET A 1 -6.43 28.23 18.91
N ASN A 2 -7.38 27.91 19.79
CA ASN A 2 -7.37 28.33 21.21
C ASN A 2 -8.06 27.24 22.03
N PHE A 3 -7.33 26.22 22.48
CA PHE A 3 -7.92 25.02 23.13
C PHE A 3 -8.08 25.26 24.62
N ASP A 4 -7.58 26.40 25.12
CA ASP A 4 -7.59 26.83 26.55
C ASP A 4 -8.91 27.55 26.86
N LYS A 5 -9.49 28.20 25.84
CA LYS A 5 -10.89 28.71 25.81
C LYS A 5 -11.78 27.74 26.61
N ARG A 6 -12.59 28.27 27.53
CA ARG A 6 -13.42 27.46 28.46
C ARG A 6 -14.84 27.43 27.89
N GLU A 7 -15.39 26.24 27.65
CA GLU A 7 -16.72 26.03 27.03
C GLU A 7 -17.70 25.60 28.12
N GLU A 8 -18.95 26.08 28.07
CA GLU A 8 -20.02 25.51 28.92
C GLU A 8 -20.82 24.48 28.10
N ARG A 9 -20.79 23.22 28.53
CA ARG A 9 -21.41 22.06 27.84
C ARG A 9 -22.62 21.56 28.63
N LEU A 10 -22.85 22.05 29.84
CA LEU A 10 -24.05 21.68 30.63
C LEU A 10 -25.29 22.32 29.97
N GLY A 11 -26.29 21.50 29.66
CA GLY A 11 -27.51 21.95 28.97
C GLY A 11 -27.38 21.88 27.46
N THR A 12 -26.51 21.01 26.93
CA THR A 12 -26.38 20.88 25.46
C THR A 12 -26.81 19.49 25.02
N GLN A 13 -27.48 18.74 25.89
CA GLN A 13 -27.92 17.35 25.66
C GLN A 13 -26.69 16.47 25.41
N SER A 14 -25.57 16.89 26.00
CA SER A 14 -24.28 16.15 25.90
C SER A 14 -24.34 14.92 26.81
N VAL A 15 -24.16 13.74 26.23
CA VAL A 15 -24.06 12.45 26.96
C VAL A 15 -22.98 12.60 28.03
N LYS A 16 -21.83 13.20 27.70
CA LYS A 16 -20.66 13.34 28.59
C LYS A 16 -20.97 14.21 29.82
N TRP A 17 -21.64 15.35 29.67
CA TRP A 17 -21.81 16.38 30.74
C TRP A 17 -23.21 16.34 31.37
N ASP A 18 -24.23 15.99 30.58
CA ASP A 18 -25.67 16.17 30.91
C ASP A 18 -26.32 14.83 31.31
N LYS A 19 -25.70 13.66 31.06
CA LYS A 19 -26.30 12.35 31.43
C LYS A 19 -25.53 11.71 32.61
N THR A 20 -24.98 12.48 33.54
CA THR A 20 -24.11 11.91 34.61
C THR A 20 -25.01 11.37 35.72
N GLY A 21 -26.10 12.08 36.01
CA GLY A 21 -27.16 11.64 36.94
C GLY A 21 -27.65 10.25 36.59
N GLU A 22 -28.16 10.06 35.37
CA GLU A 22 -28.72 8.77 34.88
C GLU A 22 -27.68 7.66 35.02
N LEU A 23 -26.41 7.92 34.66
CA LEU A 23 -25.44 6.85 34.30
C LEU A 23 -24.43 6.57 35.42
N PHE A 24 -24.25 7.50 36.39
CA PHE A 24 -23.20 7.45 37.45
C PHE A 24 -23.72 7.76 38.87
N GLY A 25 -24.87 8.41 39.05
CA GLY A 25 -25.42 8.74 40.38
C GLY A 25 -24.78 9.97 41.01
N VAL A 26 -24.28 10.90 40.19
CA VAL A 26 -23.67 12.19 40.67
C VAL A 26 -23.93 13.28 39.62
N THR A 27 -24.03 14.53 40.09
CA THR A 27 -24.37 15.74 39.30
C THR A 27 -23.23 16.76 39.47
N ASP A 28 -22.28 16.51 40.39
CA ASP A 28 -21.27 17.52 40.84
C ASP A 28 -19.85 17.04 40.51
N ALA A 29 -19.72 15.99 39.70
CA ALA A 29 -18.41 15.42 39.33
C ALA A 29 -17.94 15.95 37.95
N LEU A 30 -16.63 16.12 37.78
CA LEU A 30 -15.99 16.48 36.49
C LEU A 30 -16.03 15.29 35.53
N PRO A 31 -16.79 15.36 34.42
CA PRO A 31 -16.88 14.28 33.44
C PRO A 31 -15.63 14.24 32.54
N MET A 32 -14.96 13.08 32.57
CA MET A 32 -13.71 12.78 31.83
C MET A 32 -13.76 11.33 31.33
N TRP A 33 -14.95 10.89 30.94
CA TRP A 33 -15.23 9.47 30.65
C TRP A 33 -15.43 9.30 29.15
N VAL A 34 -16.67 9.26 28.68
CA VAL A 34 -17.00 9.01 27.24
C VAL A 34 -16.05 9.77 26.31
N ALA A 35 -15.64 9.14 25.20
CA ALA A 35 -14.68 9.70 24.24
C ALA A 35 -15.29 10.68 23.24
N ASP A 36 -15.44 11.90 23.72
CA ASP A 36 -15.72 13.16 22.99
C ASP A 36 -14.88 14.22 23.71
N MET A 37 -14.48 15.25 22.99
CA MET A 37 -13.54 16.28 23.48
C MET A 37 -14.40 17.40 24.07
N ASP A 38 -13.82 18.29 24.86
CA ASP A 38 -14.52 19.48 25.40
C ASP A 38 -14.33 20.65 24.41
N PHE A 39 -13.95 20.40 23.15
CA PHE A 39 -13.50 21.47 22.19
C PHE A 39 -14.54 21.72 21.08
N ARG A 40 -14.62 22.97 20.66
CA ARG A 40 -15.36 23.39 19.46
C ARG A 40 -14.78 22.64 18.27
N ALA A 41 -15.65 22.15 17.39
CA ALA A 41 -15.24 21.55 16.11
C ALA A 41 -14.38 22.61 15.45
N PRO A 42 -13.44 22.28 14.55
CA PRO A 42 -12.74 23.30 13.80
C PRO A 42 -13.73 24.21 13.05
N GLU A 43 -13.35 25.49 12.87
CA GLU A 43 -14.13 26.52 12.12
C GLU A 43 -14.32 26.04 10.68
N ALA A 44 -13.38 25.28 10.11
CA ALA A 44 -13.53 24.73 8.74
C ALA A 44 -14.78 23.84 8.67
N ILE A 45 -15.12 23.07 9.71
CA ILE A 45 -16.36 22.24 9.72
C ILE A 45 -17.61 23.11 9.96
N THR A 46 -17.61 23.99 10.97
CA THR A 46 -18.81 24.77 11.38
C THR A 46 -19.17 25.79 10.29
N GLU A 47 -18.21 26.52 9.69
CA GLU A 47 -18.41 27.37 8.49
C GLU A 47 -19.38 26.64 7.56
N ALA A 48 -18.98 25.44 7.11
CA ALA A 48 -19.68 24.68 6.06
C ALA A 48 -21.01 24.15 6.62
N LEU A 49 -21.11 23.77 7.88
CA LEU A 49 -22.44 23.39 8.41
C LEU A 49 -23.38 24.62 8.35
N LYS A 50 -22.92 25.79 8.78
CA LYS A 50 -23.73 27.03 8.75
C LYS A 50 -24.18 27.32 7.32
N GLU A 51 -23.29 27.08 6.36
CA GLU A 51 -23.56 27.16 4.91
C GLU A 51 -24.72 26.19 4.57
N ARG A 52 -24.67 24.94 5.04
CA ARG A 52 -25.75 23.96 4.75
C ARG A 52 -27.04 24.43 5.40
N LEU A 53 -26.98 24.95 6.62
CA LEU A 53 -28.19 25.45 7.29
C LEU A 53 -28.78 26.58 6.44
N ASP A 54 -27.95 27.46 5.90
CA ASP A 54 -28.42 28.68 5.18
C ASP A 54 -29.23 28.28 3.94
N HIS A 55 -28.90 27.18 3.24
CA HIS A 55 -29.64 26.76 2.03
C HIS A 55 -31.09 26.46 2.44
N GLY A 56 -31.30 25.88 3.64
CA GLY A 56 -32.62 25.86 4.31
C GLY A 56 -33.49 24.67 3.94
N ILE A 57 -33.10 23.94 2.90
CA ILE A 57 -33.79 22.68 2.47
C ILE A 57 -32.99 21.46 2.96
N PHE A 58 -33.65 20.56 3.67
CA PHE A 58 -33.07 19.34 4.28
C PHE A 58 -33.84 18.10 3.83
N GLY A 59 -33.93 17.89 2.52
CA GLY A 59 -34.43 16.64 1.92
C GLY A 59 -33.34 15.58 1.76
N TYR A 60 -33.62 14.52 0.99
CA TYR A 60 -32.80 13.30 0.93
C TYR A 60 -31.47 13.73 0.33
N THR A 61 -30.40 13.56 1.10
CA THR A 61 -29.04 14.04 0.80
C THR A 61 -28.14 12.82 0.69
N THR A 62 -27.32 12.80 -0.35
CA THR A 62 -26.40 11.68 -0.71
C THR A 62 -24.98 12.23 -0.87
N PRO A 63 -23.98 11.53 -0.30
CA PRO A 63 -22.58 11.71 -0.73
C PRO A 63 -22.34 11.54 -2.24
N ASP A 64 -21.34 12.21 -2.81
CA ASP A 64 -21.19 12.32 -4.28
C ASP A 64 -19.70 12.19 -4.59
N GLN A 65 -19.28 12.54 -5.81
CA GLN A 65 -17.87 12.36 -6.24
C GLN A 65 -16.92 13.20 -5.35
N LYS A 66 -17.34 14.37 -4.88
CA LYS A 66 -16.45 15.31 -4.16
C LYS A 66 -16.29 14.86 -2.70
N THR A 67 -17.31 14.20 -2.12
CA THR A 67 -17.29 13.62 -0.73
C THR A 67 -16.26 12.47 -0.67
N LYS A 68 -16.35 11.52 -1.60
CA LYS A 68 -15.41 10.39 -1.74
C LYS A 68 -13.97 10.93 -1.94
N ASP A 69 -13.76 11.91 -2.84
CA ASP A 69 -12.42 12.48 -3.13
C ASP A 69 -11.82 13.13 -1.87
N ALA A 70 -12.64 13.68 -0.96
CA ALA A 70 -12.12 14.25 0.30
C ALA A 70 -11.62 13.09 1.18
N VAL A 71 -12.37 11.99 1.26
CA VAL A 71 -11.93 10.78 2.02
C VAL A 71 -10.62 10.27 1.39
N CYS A 72 -10.62 9.98 0.11
CA CYS A 72 -9.43 9.51 -0.62
C CYS A 72 -8.27 10.47 -0.40
N GLY A 73 -8.48 11.75 -0.67
CA GLY A 73 -7.44 12.76 -0.53
C GLY A 73 -6.82 12.76 0.84
N TRP A 74 -7.67 12.66 1.85
CA TRP A 74 -7.21 12.65 3.26
C TRP A 74 -6.34 11.41 3.55
N MET A 75 -6.76 10.23 3.11
CA MET A 75 -6.02 8.99 3.42
C MET A 75 -4.67 9.01 2.73
N GLN A 76 -4.60 9.62 1.56
CA GLN A 76 -3.32 9.71 0.80
C GLN A 76 -2.41 10.73 1.46
N ASN A 77 -2.96 11.84 1.91
CA ASN A 77 -2.19 12.93 2.54
C ASN A 77 -1.77 12.61 3.97
N ARG A 78 -2.65 12.05 4.77
CA ARG A 78 -2.34 11.77 6.19
C ARG A 78 -1.65 10.43 6.38
N HIS A 79 -2.06 9.41 5.62
CA HIS A 79 -1.57 8.04 5.88
C HIS A 79 -0.81 7.40 4.73
N GLY A 80 -0.63 8.08 3.60
CA GLY A 80 0.11 7.53 2.45
C GLY A 80 -0.61 6.37 1.72
N TRP A 81 -1.92 6.20 1.98
CA TRP A 81 -2.78 5.06 1.58
C TRP A 81 -3.70 5.44 0.40
N LYS A 82 -3.55 4.74 -0.73
CA LYS A 82 -4.41 4.92 -1.92
C LYS A 82 -5.73 4.16 -1.70
N VAL A 83 -6.83 4.93 -1.74
CA VAL A 83 -8.23 4.44 -1.74
C VAL A 83 -8.86 4.90 -3.06
N ASN A 84 -9.43 3.96 -3.81
CA ASN A 84 -10.36 4.23 -4.94
C ASN A 84 -11.69 4.63 -4.33
N PRO A 85 -12.26 5.77 -4.78
CA PRO A 85 -13.58 6.22 -4.34
C PRO A 85 -14.61 5.08 -4.19
N GLU A 86 -14.53 4.13 -5.13
CA GLU A 86 -15.47 3.00 -5.34
C GLU A 86 -15.38 2.04 -4.13
N SER A 87 -14.27 2.04 -3.40
CA SER A 87 -14.06 1.21 -2.18
C SER A 87 -14.95 1.71 -1.04
N ILE A 88 -15.45 2.95 -1.08
CA ILE A 88 -16.02 3.62 0.12
C ILE A 88 -17.52 3.42 0.16
N THR A 89 -18.03 2.84 1.25
CA THR A 89 -19.46 2.86 1.64
C THR A 89 -19.55 3.74 2.88
N PHE A 90 -20.42 4.75 2.88
CA PHE A 90 -20.70 5.58 4.08
C PHE A 90 -21.63 4.82 5.04
N SER A 91 -21.48 5.12 6.34
CA SER A 91 -22.33 4.60 7.43
C SER A 91 -22.58 5.71 8.45
N PRO A 92 -23.73 5.67 9.17
CA PRO A 92 -24.02 6.64 10.22
C PRO A 92 -23.12 6.52 11.45
N GLY A 93 -22.10 5.66 11.41
CA GLY A 93 -21.20 5.43 12.55
C GLY A 93 -20.44 4.13 12.41
N VAL A 94 -19.35 4.01 13.15
CA VAL A 94 -18.46 2.82 13.10
C VAL A 94 -19.07 1.66 13.88
N VAL A 95 -19.79 1.91 14.96
CA VAL A 95 -20.41 0.79 15.72
C VAL A 95 -21.42 0.10 14.80
N THR A 96 -22.18 0.88 14.00
CA THR A 96 -23.15 0.37 13.01
C THR A 96 -22.39 -0.52 12.01
N ALA A 97 -21.28 -0.03 11.48
CA ALA A 97 -20.40 -0.75 10.52
C ALA A 97 -19.89 -2.04 11.18
N LEU A 98 -19.44 -1.99 12.43
CA LEU A 98 -19.04 -3.24 13.17
C LEU A 98 -20.21 -4.22 13.05
N SER A 99 -21.44 -3.80 13.39
CA SER A 99 -22.64 -4.69 13.37
C SER A 99 -22.85 -5.22 11.96
N MET A 100 -22.79 -4.34 10.98
CA MET A 100 -23.10 -4.73 9.58
C MET A 100 -22.08 -5.78 9.18
N ALA A 101 -20.79 -5.55 9.48
CA ALA A 101 -19.66 -6.44 9.07
C ALA A 101 -19.84 -7.81 9.73
N VAL A 102 -20.29 -7.83 10.97
CA VAL A 102 -20.50 -9.12 11.67
C VAL A 102 -21.53 -9.87 10.85
N GLN A 103 -22.62 -9.18 10.52
CA GLN A 103 -23.81 -9.82 9.92
C GLN A 103 -23.43 -10.30 8.52
N ALA A 104 -22.56 -9.56 7.82
CA ALA A 104 -22.25 -9.78 6.38
C ALA A 104 -21.24 -10.91 6.25
N PHE A 105 -20.22 -11.01 7.12
CA PHE A 105 -19.01 -11.86 6.91
C PHE A 105 -18.90 -13.02 7.88
N THR A 106 -19.94 -13.32 8.66
CA THR A 106 -19.99 -14.45 9.62
C THR A 106 -21.40 -15.02 9.67
N GLU A 107 -21.54 -16.27 10.13
CA GLU A 107 -22.86 -16.93 10.28
C GLU A 107 -23.21 -17.01 11.75
N PRO A 108 -24.51 -17.03 12.11
CA PRO A 108 -24.91 -17.34 13.48
C PRO A 108 -24.12 -18.55 13.99
N GLY A 109 -23.47 -18.42 15.15
CA GLY A 109 -22.75 -19.51 15.81
C GLY A 109 -21.25 -19.46 15.54
N ASP A 110 -20.81 -18.66 14.57
CA ASP A 110 -19.35 -18.44 14.31
C ASP A 110 -18.72 -17.86 15.58
N GLN A 111 -17.38 -17.88 15.66
CA GLN A 111 -16.56 -17.18 16.69
C GLN A 111 -15.84 -15.98 16.02
N VAL A 112 -15.75 -14.88 16.77
CA VAL A 112 -15.03 -13.64 16.36
C VAL A 112 -13.94 -13.37 17.37
N VAL A 113 -12.70 -13.20 16.91
CA VAL A 113 -11.57 -12.95 17.83
C VAL A 113 -11.39 -11.44 17.98
N VAL A 114 -11.29 -10.97 19.23
CA VAL A 114 -10.87 -9.60 19.64
C VAL A 114 -9.73 -9.73 20.66
N GLN A 115 -9.04 -8.64 20.91
CA GLN A 115 -7.86 -8.62 21.82
C GLN A 115 -8.24 -7.78 23.03
N PRO A 116 -8.71 -8.39 24.14
CA PRO A 116 -9.15 -7.62 25.30
C PRO A 116 -8.00 -7.14 26.17
N PRO A 117 -8.14 -6.05 26.94
CA PRO A 117 -9.37 -5.24 26.98
C PRO A 117 -9.58 -4.40 25.73
N VAL A 118 -10.83 -4.14 25.39
CA VAL A 118 -11.10 -3.43 24.12
C VAL A 118 -12.46 -2.74 24.26
N TYR A 119 -12.63 -1.67 23.48
CA TYR A 119 -13.90 -0.94 23.21
C TYR A 119 -15.08 -1.91 23.33
N THR A 120 -16.01 -1.61 24.27
CA THR A 120 -17.14 -2.48 24.70
C THR A 120 -18.01 -2.93 23.52
N PRO A 121 -18.47 -2.04 22.62
CA PRO A 121 -19.28 -2.49 21.48
C PRO A 121 -18.70 -3.63 20.63
N PHE A 122 -17.39 -3.85 20.63
CA PHE A 122 -16.80 -5.04 19.96
C PHE A 122 -17.49 -6.31 20.50
N TYR A 123 -17.73 -6.37 21.81
CA TYR A 123 -18.36 -7.55 22.47
C TYR A 123 -19.80 -7.61 22.00
N HIS A 124 -20.48 -6.49 22.18
CA HIS A 124 -21.94 -6.33 21.97
C HIS A 124 -22.32 -6.66 20.51
N MET A 125 -21.58 -6.17 19.50
CA MET A 125 -21.98 -6.31 18.08
C MET A 125 -21.77 -7.75 17.58
N VAL A 126 -21.04 -8.55 18.35
CA VAL A 126 -20.82 -10.00 18.14
C VAL A 126 -21.87 -10.75 18.94
N GLU A 127 -21.93 -10.52 20.26
CA GLU A 127 -22.80 -11.33 21.17
C GLU A 127 -24.27 -11.08 20.79
N LYS A 128 -24.67 -9.83 20.58
CA LYS A 128 -26.09 -9.47 20.37
C LYS A 128 -26.54 -9.99 19.00
N ASN A 129 -25.63 -10.40 18.11
CA ASN A 129 -25.98 -11.01 16.80
C ASN A 129 -25.82 -12.55 16.82
N GLY A 130 -25.77 -13.17 18.00
CA GLY A 130 -25.67 -14.63 18.14
C GLY A 130 -24.37 -15.21 17.57
N ARG A 131 -23.34 -14.40 17.34
CA ARG A 131 -21.91 -14.84 17.22
C ARG A 131 -21.23 -14.86 18.61
N HIS A 132 -20.05 -15.47 18.74
CA HIS A 132 -19.33 -15.74 20.02
C HIS A 132 -17.94 -15.11 19.99
N ILE A 133 -17.67 -14.25 20.98
CA ILE A 133 -16.32 -13.69 21.31
C ILE A 133 -15.36 -14.84 21.65
N LEU A 134 -14.21 -14.90 20.98
CA LEU A 134 -13.04 -15.67 21.44
C LEU A 134 -11.91 -14.68 21.74
N HIS A 135 -11.45 -14.62 22.97
CA HIS A 135 -10.43 -13.62 23.36
C HIS A 135 -9.00 -14.04 23.03
N ASN A 136 -8.25 -13.15 22.41
CA ASN A 136 -6.77 -13.17 22.30
C ASN A 136 -6.18 -12.10 23.25
N PRO A 137 -6.16 -12.32 24.59
CA PRO A 137 -5.73 -11.29 25.52
C PRO A 137 -4.40 -10.65 25.07
N LEU A 138 -4.27 -9.35 25.30
CA LEU A 138 -2.99 -8.62 25.12
C LEU A 138 -2.12 -8.88 26.35
N LEU A 139 -0.82 -8.80 26.16
CA LEU A 139 0.22 -8.96 27.23
C LEU A 139 0.71 -7.59 27.64
N GLU A 140 0.80 -7.34 28.94
CA GLU A 140 1.49 -6.14 29.48
C GLU A 140 2.97 -6.51 29.48
N LYS A 141 3.77 -5.90 28.60
CA LYS A 141 5.24 -6.08 28.53
C LYS A 141 5.90 -4.71 28.56
N ASP A 142 6.46 -4.33 29.72
CA ASP A 142 7.29 -3.10 29.93
C ASP A 142 6.40 -1.86 29.89
N GLY A 143 5.30 -1.85 30.64
CA GLY A 143 4.35 -0.71 30.72
C GLY A 143 3.69 -0.37 29.39
N ALA A 144 3.65 -1.32 28.45
CA ALA A 144 2.95 -1.21 27.14
C ALA A 144 2.37 -2.56 26.73
N TYR A 145 1.31 -2.53 25.94
CA TYR A 145 0.62 -3.76 25.51
C TYR A 145 1.37 -4.29 24.30
N ALA A 146 1.58 -5.61 24.26
CA ALA A 146 2.06 -6.35 23.07
C ALA A 146 1.04 -7.44 22.75
N ILE A 147 0.88 -7.76 21.47
CA ILE A 147 0.03 -8.87 20.97
C ILE A 147 0.72 -10.20 21.31
N ASP A 148 -0.04 -11.21 21.72
CA ASP A 148 0.43 -12.60 22.01
C ASP A 148 0.17 -13.50 20.79
N PHE A 149 1.15 -13.61 19.89
CA PHE A 149 0.98 -14.28 18.57
C PHE A 149 0.75 -15.79 18.68
N GLU A 150 1.26 -16.46 19.74
CA GLU A 150 1.14 -17.94 19.92
C GLU A 150 -0.33 -18.26 20.22
N ASP A 151 -0.93 -17.49 21.13
CA ASP A 151 -2.37 -17.59 21.49
C ASP A 151 -3.23 -17.30 20.25
N LEU A 152 -2.92 -16.22 19.52
CA LEU A 152 -3.70 -15.78 18.34
C LEU A 152 -3.76 -16.92 17.30
N GLU A 153 -2.61 -17.47 16.88
CA GLU A 153 -2.52 -18.64 15.96
C GLU A 153 -3.40 -19.79 16.49
N THR A 154 -3.28 -20.13 17.76
CA THR A 154 -4.12 -21.19 18.38
C THR A 154 -5.58 -20.84 18.17
N LYS A 155 -5.95 -19.58 18.46
CA LYS A 155 -7.36 -19.12 18.40
C LYS A 155 -7.87 -18.98 16.96
N LEU A 156 -7.08 -18.41 16.05
CA LEU A 156 -7.43 -18.11 14.64
C LEU A 156 -7.62 -19.38 13.82
N SER A 157 -7.02 -20.50 14.23
CA SER A 157 -7.04 -21.75 13.46
C SER A 157 -8.24 -22.63 13.79
N ASP A 158 -9.05 -22.27 14.78
CA ASP A 158 -10.29 -23.03 15.05
C ASP A 158 -11.21 -22.75 13.85
N PRO A 159 -11.79 -23.77 13.20
CA PRO A 159 -12.62 -23.60 12.00
C PRO A 159 -13.88 -22.72 12.08
N SER A 160 -14.44 -22.57 13.27
CA SER A 160 -15.64 -21.73 13.48
C SER A 160 -15.24 -20.25 13.61
N VAL A 161 -13.94 -19.97 13.67
CA VAL A 161 -13.47 -18.55 13.70
C VAL A 161 -13.37 -18.02 12.26
N THR A 162 -14.19 -17.01 11.99
CA THR A 162 -14.41 -16.46 10.65
C THR A 162 -14.11 -14.95 10.61
N LEU A 163 -13.87 -14.34 11.77
CA LEU A 163 -13.68 -12.88 11.85
C LEU A 163 -12.73 -12.51 12.99
N PHE A 164 -11.99 -11.44 12.77
CA PHE A 164 -11.07 -10.85 13.75
C PHE A 164 -11.28 -9.33 13.72
N ILE A 165 -11.56 -8.72 14.86
CA ILE A 165 -11.74 -7.25 14.88
C ILE A 165 -10.49 -6.62 15.50
N LEU A 166 -9.77 -5.84 14.68
CA LEU A 166 -8.54 -5.14 15.09
C LEU A 166 -8.93 -3.72 15.46
N CYS A 167 -8.47 -3.27 16.62
CA CYS A 167 -8.58 -1.86 17.06
C CYS A 167 -7.18 -1.26 17.01
N ASN A 168 -6.95 -0.34 16.07
CA ASN A 168 -5.61 0.21 15.75
C ASN A 168 -5.80 1.66 15.32
N PRO A 169 -5.46 2.65 16.16
CA PRO A 169 -4.99 2.43 17.52
C PRO A 169 -5.99 1.70 18.43
N HIS A 170 -5.46 0.90 19.33
CA HIS A 170 -6.22 0.11 20.31
C HIS A 170 -6.85 0.99 21.41
N ASN A 171 -8.12 0.72 21.71
CA ASN A 171 -8.91 1.41 22.76
C ASN A 171 -9.40 0.37 23.77
N PRO A 172 -8.93 0.38 25.03
CA PRO A 172 -8.09 1.45 25.55
C PRO A 172 -6.58 1.20 25.39
N SER A 173 -5.78 2.20 25.80
CA SER A 173 -4.30 2.38 25.84
C SER A 173 -3.78 3.30 24.75
N GLY A 174 -4.46 3.38 23.62
CA GLY A 174 -3.96 4.16 22.48
C GLY A 174 -2.73 3.53 21.87
N ARG A 175 -2.55 2.22 21.98
CA ARG A 175 -1.40 1.51 21.36
C ARG A 175 -1.53 1.53 19.85
N SER A 176 -0.49 1.99 19.15
CA SER A 176 -0.37 1.95 17.67
C SER A 176 0.45 0.72 17.32
N TRP A 177 -0.17 -0.26 16.66
CA TRP A 177 0.52 -1.53 16.31
C TRP A 177 1.59 -1.24 15.25
N SER A 178 2.71 -1.99 15.32
CA SER A 178 3.86 -1.88 14.40
C SER A 178 3.47 -2.49 13.04
N ARG A 179 4.19 -2.11 11.98
CA ARG A 179 4.01 -2.75 10.67
C ARG A 179 4.10 -4.27 10.89
N GLU A 180 5.10 -4.73 11.63
CA GLU A 180 5.41 -6.19 11.70
C GLU A 180 4.27 -6.92 12.42
N ASP A 181 3.69 -6.33 13.47
CA ASP A 181 2.51 -6.87 14.19
C ASP A 181 1.37 -7.13 13.17
N LEU A 182 1.09 -6.17 12.28
CA LEU A 182 -0.05 -6.22 11.34
C LEU A 182 0.19 -7.31 10.29
N LEU A 183 1.37 -7.27 9.67
CA LEU A 183 1.89 -8.34 8.76
C LEU A 183 1.76 -9.73 9.42
N LYS A 184 2.10 -9.90 10.69
CA LYS A 184 1.96 -11.24 11.34
C LYS A 184 0.47 -11.57 11.44
N LEU A 185 -0.34 -10.62 11.88
CA LEU A 185 -1.80 -10.80 12.04
C LEU A 185 -2.42 -11.16 10.69
N GLY A 186 -2.09 -10.36 9.67
CA GLY A 186 -2.61 -10.52 8.30
C GLY A 186 -2.33 -11.90 7.75
N GLU A 187 -1.10 -12.37 7.85
CA GLU A 187 -0.74 -13.69 7.29
C GLU A 187 -1.52 -14.78 8.00
N LEU A 188 -1.65 -14.67 9.32
CA LEU A 188 -2.41 -15.69 10.10
C LEU A 188 -3.85 -15.76 9.58
N CYS A 189 -4.43 -14.59 9.35
CA CYS A 189 -5.84 -14.44 8.90
C CYS A 189 -6.00 -14.96 7.46
N LEU A 190 -5.02 -14.72 6.58
CA LEU A 190 -5.12 -15.27 5.21
C LEU A 190 -5.11 -16.79 5.32
N GLU A 191 -4.09 -17.33 5.97
CA GLU A 191 -3.88 -18.76 6.21
C GLU A 191 -5.14 -19.42 6.74
N HIS A 192 -5.76 -18.83 7.76
CA HIS A 192 -6.91 -19.42 8.47
C HIS A 192 -8.28 -18.99 7.95
N GLY A 193 -8.35 -18.22 6.86
CA GLY A 193 -9.63 -17.80 6.25
C GLY A 193 -10.47 -16.94 7.18
N VAL A 194 -9.87 -15.89 7.67
CA VAL A 194 -10.54 -14.97 8.62
C VAL A 194 -10.59 -13.57 8.02
N THR A 195 -11.78 -13.01 7.90
CA THR A 195 -11.95 -11.61 7.47
C THR A 195 -11.54 -10.73 8.65
N VAL A 196 -10.92 -9.62 8.31
CA VAL A 196 -10.41 -8.61 9.27
C VAL A 196 -11.23 -7.31 9.23
N VAL A 197 -11.81 -6.94 10.36
CA VAL A 197 -12.42 -5.60 10.51
C VAL A 197 -11.38 -4.76 11.27
N SER A 198 -10.89 -3.71 10.65
CA SER A 198 -9.90 -2.78 11.26
C SER A 198 -10.63 -1.50 11.67
N ASP A 199 -10.67 -1.26 12.96
CA ASP A 199 -11.32 -0.05 13.53
C ASP A 199 -10.20 0.96 13.69
N GLU A 200 -10.06 1.88 12.74
CA GLU A 200 -8.98 2.88 12.67
C GLU A 200 -9.51 4.27 13.03
N ILE A 201 -10.52 4.38 13.91
CA ILE A 201 -11.21 5.66 14.24
C ILE A 201 -10.28 6.62 15.00
N HIS A 202 -9.32 6.12 15.79
CA HIS A 202 -8.34 6.97 16.52
C HIS A 202 -7.09 7.26 15.67
N SER A 203 -7.05 6.80 14.42
CA SER A 203 -5.78 6.69 13.63
C SER A 203 -5.28 8.05 13.17
N ASP A 204 -6.07 9.12 13.23
CA ASP A 204 -5.63 10.47 12.77
C ASP A 204 -4.91 11.17 13.93
N LEU A 205 -5.18 10.73 15.16
CA LEU A 205 -4.76 11.41 16.42
C LEU A 205 -3.40 10.86 16.90
N MET A 206 -2.44 10.72 15.98
CA MET A 206 -1.13 10.07 16.26
C MET A 206 -0.25 11.08 17.01
N LEU A 207 0.27 10.70 18.18
CA LEU A 207 1.10 11.57 19.07
C LEU A 207 2.62 11.31 18.84
N TYR A 208 3.45 12.36 18.95
CA TYR A 208 4.93 12.29 19.00
C TYR A 208 5.52 11.81 17.65
N GLY A 209 4.80 11.93 16.55
CA GLY A 209 5.21 11.40 15.22
C GLY A 209 5.23 9.88 15.18
N HIS A 210 4.45 9.21 16.02
CA HIS A 210 4.05 7.80 15.80
C HIS A 210 3.36 7.69 14.43
N LYS A 211 3.64 6.62 13.70
CA LYS A 211 3.16 6.41 12.32
C LYS A 211 2.06 5.36 12.35
N HIS A 212 0.93 5.70 11.73
CA HIS A 212 -0.21 4.78 11.60
C HIS A 212 -0.04 4.00 10.30
N THR A 213 -0.29 2.70 10.37
CA THR A 213 -0.25 1.80 9.19
C THR A 213 -1.63 1.18 9.06
N PRO A 214 -2.45 1.64 8.09
CA PRO A 214 -3.74 1.01 7.86
C PRO A 214 -3.44 -0.42 7.34
N PHE A 215 -4.02 -1.42 8.01
CA PHE A 215 -3.89 -2.87 7.69
C PHE A 215 -4.04 -3.15 6.19
N ALA A 216 -5.03 -2.53 5.55
CA ALA A 216 -5.39 -2.76 4.13
C ALA A 216 -4.31 -2.19 3.21
N SER A 217 -3.45 -1.30 3.69
CA SER A 217 -2.42 -0.60 2.88
C SER A 217 -1.22 -1.53 2.57
N LEU A 218 -1.13 -2.66 3.28
CA LEU A 218 0.11 -3.49 3.38
C LEU A 218 0.24 -4.46 2.21
N SER A 219 -0.86 -4.99 1.65
CA SER A 219 -0.84 -5.79 0.40
C SER A 219 -2.23 -5.83 -0.21
N ASP A 220 -2.30 -6.09 -1.51
CA ASP A 220 -3.51 -6.58 -2.21
C ASP A 220 -4.30 -7.57 -1.35
N ASP A 221 -3.65 -8.65 -0.93
CA ASP A 221 -4.28 -9.76 -0.17
C ASP A 221 -4.95 -9.23 1.09
N PHE A 222 -4.28 -8.36 1.82
CA PHE A 222 -4.81 -7.77 3.06
C PHE A 222 -6.04 -6.94 2.69
N ALA A 223 -5.91 -6.11 1.67
CA ALA A 223 -6.99 -5.24 1.16
C ALA A 223 -8.22 -6.12 0.85
N ASP A 224 -8.03 -7.29 0.25
CA ASP A 224 -9.14 -8.19 -0.20
C ASP A 224 -9.79 -8.93 0.95
N ILE A 225 -9.20 -8.94 2.15
CA ILE A 225 -9.89 -9.55 3.32
C ILE A 225 -10.23 -8.50 4.39
N SER A 226 -10.12 -7.20 4.11
CA SER A 226 -10.27 -6.14 5.16
C SER A 226 -11.51 -5.26 4.95
N VAL A 227 -11.97 -4.72 6.06
CA VAL A 227 -13.05 -3.72 6.20
C VAL A 227 -12.45 -2.66 7.13
N THR A 228 -12.05 -1.52 6.60
CA THR A 228 -11.43 -0.46 7.42
C THR A 228 -12.52 0.52 7.81
N CYS A 229 -12.73 0.73 9.11
CA CYS A 229 -13.69 1.74 9.63
C CYS A 229 -12.88 2.99 10.01
N ALA A 230 -13.13 4.09 9.29
CA ALA A 230 -12.53 5.44 9.46
C ALA A 230 -13.66 6.45 9.69
N ALA A 231 -13.42 7.56 10.37
CA ALA A 231 -14.44 8.60 10.62
C ALA A 231 -13.76 9.88 11.02
N PRO A 232 -14.38 11.04 10.71
CA PRO A 232 -13.90 12.31 11.22
C PRO A 232 -14.30 12.52 12.67
N SER A 233 -15.13 11.65 13.22
CA SER A 233 -15.76 11.93 14.54
C SER A 233 -14.80 12.06 15.73
N LYS A 234 -13.80 11.21 15.83
CA LYS A 234 -12.92 11.31 16.99
C LYS A 234 -11.85 12.37 16.77
N THR A 235 -11.48 12.39 15.47
CA THR A 235 -10.46 13.35 15.02
C THR A 235 -10.93 14.79 15.22
N PHE A 236 -12.18 15.08 14.91
CA PHE A 236 -12.63 16.50 14.86
C PHE A 236 -13.77 16.76 15.87
N ASN A 237 -13.99 15.81 16.78
CA ASN A 237 -15.03 15.86 17.83
C ASN A 237 -16.38 16.19 17.20
N ILE A 238 -16.86 15.33 16.31
CA ILE A 238 -18.20 15.47 15.65
C ILE A 238 -18.89 14.11 15.66
N ALA A 239 -18.85 13.40 16.79
CA ALA A 239 -19.57 12.11 16.93
C ALA A 239 -21.06 12.41 16.75
N GLY A 240 -21.44 13.65 17.01
CA GLY A 240 -22.86 14.04 17.06
C GLY A 240 -23.47 14.02 15.68
N LEU A 241 -22.63 13.95 14.66
CA LEU A 241 -23.08 14.12 13.27
C LEU A 241 -23.34 12.78 12.59
N GLN A 242 -22.96 11.65 13.20
CA GLN A 242 -23.14 10.26 12.63
C GLN A 242 -22.61 10.21 11.20
N ALA A 243 -21.28 10.33 11.03
CA ALA A 243 -20.55 10.25 9.75
C ALA A 243 -19.37 9.26 9.86
N SER A 244 -19.34 8.28 8.94
CA SER A 244 -18.33 7.18 8.82
C SER A 244 -18.07 6.94 7.34
N ALA A 245 -16.80 6.73 6.96
CA ALA A 245 -16.39 6.13 5.67
C ALA A 245 -15.90 4.72 5.97
N ILE A 246 -16.57 3.70 5.46
CA ILE A 246 -16.11 2.28 5.63
C ILE A 246 -15.47 1.80 4.32
N ILE A 247 -14.18 1.49 4.35
CA ILE A 247 -13.40 1.12 3.14
C ILE A 247 -13.26 -0.41 3.04
N ILE A 248 -13.60 -0.94 1.86
CA ILE A 248 -13.69 -2.39 1.56
C ILE A 248 -13.35 -2.57 0.09
N PRO A 249 -12.05 -2.63 -0.23
CA PRO A 249 -11.57 -2.82 -1.60
C PRO A 249 -12.12 -4.04 -2.36
N ASP A 250 -12.45 -5.14 -1.69
CA ASP A 250 -13.02 -6.32 -2.39
C ASP A 250 -14.48 -6.00 -2.78
N ARG A 251 -14.80 -6.12 -4.06
CA ARG A 251 -16.15 -5.81 -4.57
C ARG A 251 -17.16 -6.72 -3.88
N LEU A 252 -16.92 -8.03 -3.85
CA LEU A 252 -17.85 -9.00 -3.22
C LEU A 252 -18.06 -8.64 -1.74
N LYS A 253 -16.99 -8.38 -0.99
CA LYS A 253 -17.12 -7.98 0.44
C LYS A 253 -17.90 -6.67 0.54
N ARG A 254 -17.65 -5.68 -0.30
CA ARG A 254 -18.39 -4.38 -0.30
C ARG A 254 -19.88 -4.65 -0.52
N ALA A 255 -20.25 -5.49 -1.50
CA ALA A 255 -21.65 -5.80 -1.88
C ALA A 255 -22.35 -6.50 -0.72
N LYS A 256 -21.61 -7.32 0.02
CA LYS A 256 -22.19 -8.06 1.16
C LYS A 256 -22.48 -7.07 2.29
N PHE A 257 -21.56 -6.13 2.51
CA PHE A 257 -21.65 -5.09 3.55
C PHE A 257 -22.84 -4.17 3.20
N SER A 258 -22.94 -3.70 1.94
CA SER A 258 -24.05 -2.85 1.41
C SER A 258 -25.40 -3.54 1.65
N ALA A 259 -25.48 -4.81 1.29
CA ALA A 259 -26.66 -5.69 1.45
C ALA A 259 -27.09 -5.69 2.91
N SER A 260 -26.14 -5.82 3.84
CA SER A 260 -26.48 -5.75 5.30
C SER A 260 -27.11 -4.40 5.62
N LEU A 261 -26.55 -3.31 5.09
CA LEU A 261 -27.10 -1.93 5.31
C LEU A 261 -28.55 -1.88 4.80
N GLN A 262 -28.77 -2.31 3.55
CA GLN A 262 -30.08 -2.25 2.83
C GLN A 262 -31.13 -2.97 3.66
N ARG A 263 -30.83 -4.22 4.03
CA ARG A 263 -31.68 -5.14 4.82
C ARG A 263 -32.22 -4.50 6.10
N ASN A 264 -31.36 -3.78 6.83
CA ASN A 264 -31.66 -3.13 8.13
C ASN A 264 -32.20 -1.71 7.95
N GLY A 265 -32.59 -1.34 6.72
CA GLY A 265 -33.15 -0.02 6.38
C GLY A 265 -32.19 1.13 6.63
N LEU A 266 -30.92 0.98 6.19
CA LEU A 266 -29.84 1.98 6.34
C LEU A 266 -29.16 2.22 5.00
N GLY A 267 -28.16 3.10 5.00
CA GLY A 267 -27.40 3.51 3.82
C GLY A 267 -27.42 5.01 3.64
N GLY A 268 -28.46 5.69 4.13
CA GLY A 268 -28.46 7.16 4.11
C GLY A 268 -27.51 7.73 5.15
N LEU A 269 -26.81 8.83 4.83
CA LEU A 269 -26.25 9.79 5.85
C LEU A 269 -27.21 10.99 5.95
N ASN A 270 -27.38 11.57 7.13
CA ASN A 270 -28.05 12.89 7.26
C ASN A 270 -27.24 13.94 6.49
N ALA A 271 -27.87 15.07 6.17
CA ALA A 271 -27.33 16.12 5.27
C ALA A 271 -26.15 16.83 5.93
N PHE A 272 -26.14 16.93 7.25
CA PHE A 272 -25.03 17.55 8.01
C PHE A 272 -23.82 16.63 7.99
N ALA A 273 -24.06 15.33 8.22
CA ALA A 273 -23.01 14.28 8.05
C ALA A 273 -22.29 14.49 6.70
N VAL A 274 -23.05 14.71 5.63
CA VAL A 274 -22.49 14.74 4.24
C VAL A 274 -21.60 15.98 4.07
N THR A 275 -22.07 17.14 4.51
CA THR A 275 -21.25 18.39 4.56
C THR A 275 -20.04 18.18 5.49
N ALA A 276 -20.22 17.57 6.65
CA ALA A 276 -19.21 17.53 7.72
C ALA A 276 -17.98 16.73 7.28
N ILE A 277 -18.18 15.63 6.58
CA ILE A 277 -17.09 14.66 6.25
C ILE A 277 -16.31 15.20 5.05
N GLU A 278 -16.97 15.94 4.17
CA GLU A 278 -16.27 16.68 3.09
C GLU A 278 -15.43 17.82 3.70
N ALA A 279 -15.99 18.66 4.57
CA ALA A 279 -15.27 19.82 5.15
C ALA A 279 -14.06 19.32 5.97
N ALA A 280 -14.32 18.33 6.83
CA ALA A 280 -13.34 17.75 7.78
C ALA A 280 -12.11 17.22 7.06
N TYR A 281 -12.32 16.41 6.04
CA TYR A 281 -11.21 15.69 5.36
C TYR A 281 -10.57 16.63 4.32
N SER A 282 -11.20 17.78 4.05
CA SER A 282 -10.77 18.82 3.05
C SER A 282 -9.88 19.84 3.73
N LYS A 283 -10.36 20.40 4.88
CA LYS A 283 -9.73 21.59 5.52
C LYS A 283 -9.42 21.34 7.00
N GLY A 284 -9.58 20.12 7.49
CA GLY A 284 -9.32 19.75 8.90
C GLY A 284 -7.84 19.74 9.26
N GLY A 285 -6.95 19.51 8.30
CA GLY A 285 -5.52 19.30 8.55
C GLY A 285 -4.99 20.26 9.61
N PRO A 286 -4.83 21.55 9.27
CA PRO A 286 -4.16 22.53 10.13
C PRO A 286 -4.61 22.50 11.61
N TRP A 287 -5.92 22.37 11.83
CA TRP A 287 -6.52 22.29 13.18
C TRP A 287 -6.10 20.99 13.87
N LEU A 288 -6.19 19.84 13.20
CA LEU A 288 -5.65 18.57 13.74
C LEU A 288 -4.22 18.77 14.20
N ASP A 289 -3.36 19.39 13.39
CA ASP A 289 -1.91 19.44 13.71
C ASP A 289 -1.68 20.24 15.00
N GLU A 290 -2.52 21.25 15.28
CA GLU A 290 -2.51 22.04 16.54
C GLU A 290 -3.09 21.21 17.68
N LEU A 291 -4.10 20.37 17.42
CA LEU A 291 -4.71 19.48 18.45
C LEU A 291 -3.66 18.44 18.92
N ILE A 292 -2.92 17.83 18.00
CA ILE A 292 -1.86 16.84 18.34
C ILE A 292 -0.93 17.49 19.37
N THR A 293 -0.31 18.61 19.03
CA THR A 293 0.66 19.35 19.89
C THR A 293 0.04 19.63 21.26
N TYR A 294 -1.24 20.03 21.25
CA TYR A 294 -2.01 20.32 22.47
C TYR A 294 -2.18 19.04 23.28
N ILE A 295 -2.48 17.93 22.61
CA ILE A 295 -2.71 16.64 23.32
C ILE A 295 -1.35 16.13 23.81
N GLU A 296 -0.29 16.27 23.03
CA GLU A 296 1.08 15.87 23.46
C GLU A 296 1.37 16.54 24.81
N LYS A 297 1.17 17.85 24.92
CA LYS A 297 1.51 18.66 26.11
C LYS A 297 0.60 18.28 27.27
N ASN A 298 -0.63 17.85 26.99
CA ASN A 298 -1.55 17.34 28.03
C ASN A 298 -1.03 16.00 28.55
N MET A 299 -0.61 15.12 27.65
CA MET A 299 -0.05 13.79 27.98
C MET A 299 1.27 13.94 28.76
N ASN A 300 2.11 14.92 28.42
CA ASN A 300 3.39 15.18 29.16
C ASN A 300 3.05 15.63 30.59
N GLU A 301 2.00 16.42 30.76
CA GLU A 301 1.60 16.96 32.08
C GLU A 301 1.06 15.82 32.96
N ALA A 302 0.26 14.92 32.41
CA ALA A 302 -0.36 13.81 33.19
C ALA A 302 0.75 12.86 33.65
N GLU A 303 1.72 12.59 32.78
CA GLU A 303 2.89 11.70 33.01
C GLU A 303 3.78 12.37 34.07
N ALA A 304 4.23 13.61 33.84
CA ALA A 304 4.91 14.43 34.88
C ALA A 304 4.19 14.19 36.23
N PHE A 305 2.88 14.46 36.29
CA PHE A 305 2.17 14.62 37.56
C PHE A 305 2.04 13.27 38.26
N LEU A 306 1.62 12.22 37.55
CA LEU A 306 1.30 10.91 38.19
C LEU A 306 2.60 10.30 38.72
N SER A 307 3.72 10.43 37.99
CA SER A 307 5.00 9.76 38.31
C SER A 307 5.65 10.45 39.52
N THR A 308 5.35 11.75 39.69
CA THR A 308 5.74 12.59 40.84
C THR A 308 4.80 12.31 42.01
N GLU A 309 3.53 12.73 41.90
CA GLU A 309 2.50 12.82 42.97
C GLU A 309 1.82 11.49 43.28
N LEU A 310 1.63 10.58 42.30
CA LEU A 310 0.85 9.31 42.46
C LEU A 310 1.63 8.11 41.95
N PRO A 311 2.67 7.68 42.67
CA PRO A 311 3.63 6.72 42.14
C PRO A 311 3.15 5.24 42.15
N LYS A 312 2.03 4.96 42.80
CA LYS A 312 1.36 3.63 42.75
C LYS A 312 0.40 3.55 41.56
N VAL A 313 0.12 4.67 40.90
CA VAL A 313 -0.71 4.68 39.67
C VAL A 313 0.25 4.54 38.48
N LYS A 314 0.05 3.53 37.62
CA LYS A 314 0.92 3.31 36.44
C LYS A 314 0.15 3.69 35.18
N MET A 315 0.64 4.72 34.51
CA MET A 315 0.04 5.33 33.30
C MET A 315 0.75 4.75 32.09
N MET A 316 0.01 4.06 31.22
CA MET A 316 0.39 3.83 29.81
C MET A 316 0.27 5.15 29.08
N LYS A 317 1.39 5.66 28.63
CA LYS A 317 1.44 6.84 27.74
C LYS A 317 0.92 6.37 26.38
N PRO A 318 -0.19 6.94 25.84
CA PRO A 318 -0.70 6.49 24.56
C PRO A 318 0.18 6.96 23.40
N ASP A 319 0.30 6.13 22.37
CA ASP A 319 0.95 6.46 21.08
C ASP A 319 0.01 7.33 20.27
N ALA A 320 -1.29 7.24 20.56
CA ALA A 320 -2.32 8.01 19.86
C ALA A 320 -3.52 8.31 20.75
N SER A 321 -4.25 9.34 20.31
CA SER A 321 -5.56 9.77 20.80
C SER A 321 -5.39 10.44 22.18
N TYR A 322 -6.49 10.74 22.84
CA TYR A 322 -6.53 11.70 23.97
C TYR A 322 -7.04 10.95 25.20
N LEU A 323 -7.17 9.64 25.11
CA LEU A 323 -7.61 8.78 26.25
C LEU A 323 -6.39 8.07 26.88
N ILE A 324 -6.27 8.17 28.21
CA ILE A 324 -5.17 7.58 29.00
C ILE A 324 -5.73 6.42 29.81
N TRP A 325 -5.28 5.21 29.50
CA TRP A 325 -5.52 3.98 30.29
C TRP A 325 -4.62 4.01 31.55
N LEU A 326 -5.23 3.97 32.74
CA LEU A 326 -4.50 4.11 34.04
C LEU A 326 -4.62 2.85 34.88
N ASP A 327 -3.51 2.41 35.48
CA ASP A 327 -3.45 1.17 36.32
C ASP A 327 -3.44 1.56 37.80
N PHE A 328 -4.51 1.24 38.54
CA PHE A 328 -4.63 1.42 40.02
C PHE A 328 -4.53 0.09 40.81
N SER A 329 -4.12 -1.02 40.18
CA SER A 329 -3.87 -2.36 40.78
C SER A 329 -3.15 -2.27 42.13
N ALA A 330 -2.09 -1.47 42.18
CA ALA A 330 -1.21 -1.31 43.35
C ALA A 330 -2.02 -0.94 44.61
N TYR A 331 -3.22 -0.40 44.49
CA TYR A 331 -4.02 0.08 45.66
C TYR A 331 -4.81 -1.07 46.28
N GLY A 332 -4.98 -2.20 45.57
CA GLY A 332 -5.65 -3.42 46.08
C GLY A 332 -7.13 -3.23 46.33
N LEU A 333 -7.78 -2.39 45.52
CA LEU A 333 -9.22 -2.03 45.63
C LEU A 333 -10.04 -2.79 44.58
N SER A 334 -11.30 -3.10 44.90
CA SER A 334 -12.27 -3.59 43.90
C SER A 334 -12.45 -2.48 42.86
N ASP A 335 -12.96 -2.83 41.67
CA ASP A 335 -13.37 -1.88 40.61
C ASP A 335 -14.59 -1.09 41.13
N ALA A 336 -15.48 -1.77 41.88
CA ALA A 336 -16.66 -1.16 42.53
C ALA A 336 -16.21 -0.02 43.46
N GLU A 337 -15.18 -0.25 44.30
CA GLU A 337 -14.67 0.73 45.31
C GLU A 337 -13.83 1.82 44.61
N LEU A 338 -12.94 1.46 43.72
CA LEU A 338 -12.17 2.46 42.95
C LEU A 338 -13.14 3.51 42.40
N GLN A 339 -14.22 3.08 41.74
CA GLN A 339 -15.14 4.00 41.02
C GLN A 339 -15.88 4.90 42.02
N GLN A 340 -16.24 4.40 43.20
CA GLN A 340 -16.96 5.19 44.23
C GLN A 340 -16.02 6.26 44.81
N ARG A 341 -14.74 5.92 44.98
CA ARG A 341 -13.69 6.87 45.45
C ARG A 341 -13.53 7.98 44.39
N MET A 342 -13.63 7.66 43.10
CA MET A 342 -13.51 8.71 42.06
C MET A 342 -14.80 9.54 42.02
N LEU A 343 -15.98 8.89 42.09
CA LEU A 343 -17.30 9.58 41.99
C LEU A 343 -17.58 10.43 43.24
N LYS A 344 -17.47 9.87 44.44
CA LYS A 344 -17.93 10.53 45.69
C LYS A 344 -16.78 11.34 46.33
N LYS A 345 -15.54 10.84 46.36
CA LYS A 345 -14.42 11.48 47.12
C LYS A 345 -13.54 12.37 46.21
N GLY A 346 -13.29 12.05 44.97
CA GLY A 346 -12.53 12.96 44.09
C GLY A 346 -13.44 13.91 43.32
N LYS A 347 -14.71 13.52 43.13
CA LYS A 347 -15.70 14.25 42.30
C LYS A 347 -15.23 14.21 40.83
N VAL A 348 -14.73 13.08 40.35
CA VAL A 348 -14.30 12.94 38.93
C VAL A 348 -14.86 11.62 38.36
N ILE A 349 -15.30 11.63 37.10
CA ILE A 349 -15.86 10.47 36.34
C ILE A 349 -14.86 10.02 35.25
N LEU A 350 -14.18 8.91 35.51
CA LEU A 350 -13.37 8.15 34.52
C LEU A 350 -14.20 6.95 34.04
N GLU A 351 -13.84 6.35 32.91
CA GLU A 351 -14.46 5.07 32.45
C GLU A 351 -13.89 3.96 33.33
N PRO A 352 -14.76 3.16 33.99
CA PRO A 352 -14.28 1.99 34.74
C PRO A 352 -13.74 0.92 33.81
N GLY A 353 -12.59 0.34 34.13
CA GLY A 353 -11.85 -0.55 33.22
C GLY A 353 -12.54 -1.89 32.97
N THR A 354 -13.45 -2.33 33.86
CA THR A 354 -14.25 -3.58 33.71
C THR A 354 -15.17 -3.50 32.47
N LYS A 355 -15.60 -2.31 32.08
CA LYS A 355 -16.31 -1.99 30.82
C LYS A 355 -15.64 -2.72 29.64
N TYR A 356 -14.31 -2.81 29.64
CA TYR A 356 -13.54 -3.30 28.47
C TYR A 356 -13.26 -4.81 28.57
N GLY A 357 -13.85 -5.53 29.52
CA GLY A 357 -13.70 -7.00 29.67
C GLY A 357 -12.36 -7.45 30.26
N PRO A 358 -11.93 -8.71 30.01
CA PRO A 358 -10.75 -9.27 30.69
C PRO A 358 -9.45 -8.49 30.48
N GLY A 359 -8.74 -8.18 31.57
CA GLY A 359 -7.55 -7.31 31.58
C GLY A 359 -7.89 -5.88 31.99
N GLY A 360 -9.17 -5.54 32.10
CA GLY A 360 -9.62 -4.19 32.49
C GLY A 360 -9.66 -3.97 33.99
N GLU A 361 -9.57 -5.07 34.76
CA GLU A 361 -9.54 -5.12 36.26
C GLU A 361 -8.45 -4.19 36.82
N GLY A 362 -8.82 -3.32 37.76
CA GLY A 362 -7.87 -2.39 38.41
C GLY A 362 -7.53 -1.17 37.55
N PHE A 363 -7.99 -1.09 36.31
CA PHE A 363 -7.73 0.10 35.46
C PHE A 363 -8.98 0.98 35.41
N MET A 364 -8.76 2.24 35.07
CA MET A 364 -9.78 3.20 34.61
C MET A 364 -9.17 4.01 33.46
N ARG A 365 -10.04 4.56 32.60
CA ARG A 365 -9.63 5.41 31.44
C ARG A 365 -10.00 6.89 31.67
N LEU A 366 -9.07 7.81 31.41
CA LEU A 366 -9.19 9.27 31.69
C LEU A 366 -9.21 10.06 30.37
N ASN A 367 -10.24 10.89 30.18
CA ASN A 367 -10.43 11.68 28.94
C ASN A 367 -9.65 12.97 29.10
N ALA A 368 -8.46 13.03 28.50
CA ALA A 368 -7.55 14.20 28.52
C ALA A 368 -7.84 15.16 27.35
N GLY A 369 -9.02 15.04 26.73
CA GLY A 369 -9.45 15.83 25.57
C GLY A 369 -10.12 17.12 26.00
N CYS A 370 -9.45 17.82 26.90
CA CYS A 370 -9.94 19.03 27.59
C CYS A 370 -8.77 19.98 27.73
N SER A 371 -9.03 21.22 28.08
CA SER A 371 -7.99 22.25 28.34
C SER A 371 -7.03 21.71 29.40
N LEU A 372 -5.74 22.03 29.25
CA LEU A 372 -4.73 21.81 30.32
C LEU A 372 -5.39 21.99 31.71
N ALA A 373 -5.97 23.17 31.95
CA ALA A 373 -6.61 23.55 33.24
C ALA A 373 -7.60 22.45 33.70
N THR A 374 -8.47 21.95 32.82
CA THR A 374 -9.45 20.90 33.20
C THR A 374 -8.67 19.62 33.54
N LEU A 375 -7.65 19.28 32.77
CA LEU A 375 -6.78 18.10 33.07
C LEU A 375 -6.12 18.23 34.46
N GLN A 376 -5.44 19.35 34.74
CA GLN A 376 -4.84 19.67 36.07
C GLN A 376 -5.89 19.50 37.19
N ASP A 377 -7.10 19.97 36.99
CA ASP A 377 -8.18 19.84 38.01
C ASP A 377 -8.46 18.35 38.23
N GLY A 378 -8.58 17.58 37.15
CA GLY A 378 -8.94 16.15 37.19
C GLY A 378 -7.85 15.34 37.84
N LEU A 379 -6.59 15.63 37.51
CA LEU A 379 -5.41 14.94 38.13
C LEU A 379 -5.45 15.13 39.65
N ARG A 380 -5.68 16.37 40.13
CA ARG A 380 -5.85 16.71 41.56
C ARG A 380 -7.04 15.93 42.14
N ARG A 381 -8.11 15.74 41.36
CA ARG A 381 -9.30 14.98 41.84
C ARG A 381 -8.95 13.48 42.00
N ILE A 382 -8.12 12.96 41.10
CA ILE A 382 -7.67 11.53 41.18
C ILE A 382 -6.82 11.39 42.45
N LYS A 383 -5.88 12.31 42.70
CA LYS A 383 -5.03 12.26 43.92
C LYS A 383 -5.92 12.29 45.18
N ALA A 384 -6.82 13.28 45.23
CA ALA A 384 -7.83 13.44 46.29
C ALA A 384 -8.55 12.11 46.48
N ALA A 385 -8.94 11.46 45.39
CA ALA A 385 -9.77 10.23 45.41
C ALA A 385 -9.09 9.16 46.28
N LEU A 386 -7.75 9.14 46.28
CA LEU A 386 -6.89 8.14 46.97
C LEU A 386 -6.25 8.80 48.23
N SER A 387 -6.56 8.31 49.45
CA SER A 387 -6.57 9.09 50.74
C SER A 387 -5.44 10.13 50.75
N ASN B 2 21.09 -0.67 18.15
CA ASN B 2 21.88 0.42 18.81
C ASN B 2 22.86 1.09 17.82
N PHE B 3 22.50 2.29 17.30
CA PHE B 3 23.26 3.05 16.28
C PHE B 3 24.31 3.96 16.94
N ASP B 4 24.48 3.86 18.26
CA ASP B 4 25.36 4.75 19.07
C ASP B 4 26.76 4.13 19.21
N LYS B 5 26.87 2.82 19.04
CA LYS B 5 28.18 2.13 18.90
C LYS B 5 29.06 2.98 17.99
N ARG B 6 30.23 3.35 18.48
CA ARG B 6 31.40 3.81 17.67
C ARG B 6 31.89 2.59 16.87
N GLU B 7 32.16 2.76 15.57
CA GLU B 7 32.64 1.68 14.67
C GLU B 7 33.91 2.17 13.96
N GLU B 8 34.91 1.30 13.80
CA GLU B 8 36.16 1.60 13.05
C GLU B 8 35.99 1.20 11.58
N ARG B 9 36.08 2.18 10.68
CA ARG B 9 35.94 1.97 9.23
C ARG B 9 37.29 2.22 8.52
N LEU B 10 38.27 2.79 9.24
CA LEU B 10 39.64 2.92 8.69
C LEU B 10 40.20 1.50 8.57
N GLY B 11 40.84 1.18 7.46
CA GLY B 11 41.41 -0.16 7.24
C GLY B 11 40.36 -1.19 6.88
N THR B 12 39.31 -0.77 6.18
CA THR B 12 38.26 -1.70 5.71
C THR B 12 38.09 -1.54 4.20
N GLN B 13 39.00 -0.81 3.56
CA GLN B 13 38.97 -0.48 2.12
C GLN B 13 37.70 0.29 1.80
N SER B 14 37.23 1.09 2.75
CA SER B 14 36.04 1.95 2.57
C SER B 14 36.39 3.14 1.64
N VAL B 15 35.60 3.42 0.61
CA VAL B 15 35.79 4.65 -0.23
C VAL B 15 35.66 5.86 0.70
N LYS B 16 34.65 5.87 1.58
CA LYS B 16 34.32 7.02 2.47
C LYS B 16 35.49 7.32 3.41
N TRP B 17 36.07 6.31 4.07
CA TRP B 17 37.07 6.47 5.17
C TRP B 17 38.54 6.28 4.72
N ASP B 18 38.82 5.60 3.60
CA ASP B 18 40.20 5.15 3.27
C ASP B 18 40.74 5.77 1.96
N LYS B 19 39.94 6.56 1.25
CA LYS B 19 40.34 7.16 -0.06
C LYS B 19 40.21 8.70 0.04
N THR B 20 40.23 9.26 1.25
CA THR B 20 40.21 10.72 1.51
C THR B 20 41.53 11.34 1.04
N GLY B 21 42.64 10.59 1.15
CA GLY B 21 43.97 10.98 0.65
C GLY B 21 43.94 11.23 -0.83
N GLU B 22 43.77 10.15 -1.61
CA GLU B 22 43.64 10.15 -3.10
C GLU B 22 42.64 11.21 -3.54
N LEU B 23 41.46 11.27 -2.90
CA LEU B 23 40.29 11.96 -3.51
C LEU B 23 40.19 13.43 -3.10
N PHE B 24 40.56 13.82 -1.86
CA PHE B 24 40.37 15.21 -1.32
C PHE B 24 41.68 15.83 -0.81
N GLY B 25 42.76 15.04 -0.77
CA GLY B 25 44.11 15.47 -0.35
C GLY B 25 44.22 15.71 1.15
N VAL B 26 43.40 15.04 1.97
CA VAL B 26 43.54 15.06 3.45
C VAL B 26 43.33 13.67 4.03
N THR B 27 43.90 13.41 5.21
CA THR B 27 43.71 12.14 5.94
C THR B 27 43.39 12.39 7.42
N ASP B 28 43.25 13.65 7.86
CA ASP B 28 42.92 14.05 9.26
C ASP B 28 41.49 14.63 9.40
N ALA B 29 40.65 14.53 8.38
CA ALA B 29 39.28 15.08 8.38
C ALA B 29 38.29 13.98 8.72
N LEU B 30 37.18 14.32 9.36
CA LEU B 30 36.03 13.42 9.55
C LEU B 30 35.30 13.30 8.21
N PRO B 31 35.30 12.12 7.53
CA PRO B 31 34.54 11.97 6.28
C PRO B 31 33.01 11.88 6.42
N MET B 32 32.30 12.79 5.77
CA MET B 32 30.81 12.86 5.80
C MET B 32 30.31 13.17 4.40
N TRP B 33 30.96 12.62 3.38
CA TRP B 33 30.65 12.93 1.97
C TRP B 33 29.76 11.85 1.33
N VAL B 34 30.30 10.97 0.50
CA VAL B 34 29.70 9.85 -0.26
C VAL B 34 28.67 9.11 0.58
N ALA B 35 27.55 8.79 -0.07
CA ALA B 35 26.38 8.20 0.61
C ALA B 35 26.44 6.71 0.95
N ASP B 36 27.15 6.39 2.02
CA ASP B 36 26.97 5.13 2.79
C ASP B 36 27.04 5.56 4.25
N MET B 37 26.35 4.82 5.11
CA MET B 37 26.23 5.08 6.56
C MET B 37 27.42 4.41 7.25
N ASP B 38 27.70 4.82 8.50
CA ASP B 38 28.75 4.32 9.41
C ASP B 38 28.16 3.23 10.30
N PHE B 39 27.00 2.69 9.95
CA PHE B 39 26.29 1.68 10.77
C PHE B 39 26.45 0.29 10.14
N ARG B 40 26.43 -0.71 11.01
CA ARG B 40 26.36 -2.14 10.67
C ARG B 40 25.04 -2.40 9.98
N ALA B 41 25.06 -3.11 8.86
CA ALA B 41 23.85 -3.71 8.27
C ALA B 41 23.06 -4.39 9.37
N PRO B 42 21.72 -4.46 9.27
CA PRO B 42 20.88 -5.17 10.23
C PRO B 42 21.27 -6.64 10.43
N GLU B 43 20.96 -7.21 11.59
CA GLU B 43 21.36 -8.60 11.90
C GLU B 43 20.60 -9.57 10.98
N ALA B 44 19.52 -9.15 10.31
CA ALA B 44 18.72 -10.05 9.45
C ALA B 44 19.53 -10.30 8.18
N ILE B 45 20.20 -9.26 7.69
CA ILE B 45 21.04 -9.41 6.47
C ILE B 45 22.28 -10.23 6.85
N THR B 46 22.97 -9.90 7.95
CA THR B 46 24.32 -10.43 8.28
C THR B 46 24.21 -11.88 8.73
N GLU B 47 23.12 -12.33 9.38
CA GLU B 47 22.92 -13.77 9.71
C GLU B 47 22.68 -14.56 8.41
N ALA B 48 21.96 -13.99 7.44
CA ALA B 48 21.69 -14.67 6.14
C ALA B 48 23.01 -14.79 5.38
N LEU B 49 23.90 -13.79 5.44
CA LEU B 49 25.23 -13.87 4.78
C LEU B 49 26.09 -14.95 5.46
N LYS B 50 26.10 -14.98 6.81
CA LYS B 50 26.77 -16.00 7.65
C LYS B 50 26.38 -17.39 7.19
N GLU B 51 25.08 -17.64 6.97
CA GLU B 51 24.55 -18.98 6.67
C GLU B 51 24.99 -19.37 5.26
N ARG B 52 25.04 -18.39 4.36
CA ARG B 52 25.56 -18.62 3.00
C ARG B 52 27.05 -18.96 3.13
N LEU B 53 27.74 -18.27 4.01
CA LEU B 53 29.18 -18.48 4.24
C LEU B 53 29.38 -19.87 4.87
N ASP B 54 28.53 -20.25 5.83
CA ASP B 54 28.63 -21.58 6.47
C ASP B 54 28.47 -22.70 5.43
N HIS B 55 27.50 -22.59 4.53
CA HIS B 55 27.33 -23.59 3.43
C HIS B 55 28.67 -23.81 2.70
N GLY B 56 29.44 -22.76 2.41
CA GLY B 56 30.86 -22.84 1.99
C GLY B 56 31.13 -22.86 0.47
N ILE B 57 30.10 -23.06 -0.37
CA ILE B 57 30.27 -23.15 -1.86
C ILE B 57 29.72 -21.88 -2.50
N PHE B 58 30.51 -21.23 -3.37
CA PHE B 58 30.21 -19.90 -3.97
C PHE B 58 30.32 -19.97 -5.49
N GLY B 59 29.57 -20.91 -6.07
CA GLY B 59 29.38 -21.06 -7.52
C GLY B 59 28.26 -20.17 -8.02
N TYR B 60 27.90 -20.33 -9.30
CA TYR B 60 26.87 -19.56 -10.02
C TYR B 60 25.55 -19.66 -9.26
N THR B 61 25.10 -18.52 -8.76
CA THR B 61 23.87 -18.34 -7.96
C THR B 61 22.94 -17.46 -8.78
N THR B 62 21.66 -17.80 -8.80
CA THR B 62 20.62 -16.99 -9.50
C THR B 62 19.51 -16.57 -8.54
N PRO B 63 19.01 -15.33 -8.67
CA PRO B 63 17.71 -14.98 -8.10
C PRO B 63 16.63 -16.01 -8.52
N ASP B 64 15.70 -16.31 -7.62
CA ASP B 64 14.58 -17.22 -7.94
C ASP B 64 13.27 -16.54 -7.52
N GLN B 65 12.20 -17.32 -7.40
CA GLN B 65 10.83 -16.83 -7.13
C GLN B 65 10.82 -16.20 -5.73
N LYS B 66 11.49 -16.81 -4.77
CA LYS B 66 11.60 -16.31 -3.37
C LYS B 66 12.27 -14.93 -3.36
N THR B 67 13.26 -14.71 -4.22
CA THR B 67 13.97 -13.41 -4.34
C THR B 67 13.02 -12.33 -4.90
N LYS B 68 12.44 -12.59 -6.07
CA LYS B 68 11.41 -11.74 -6.72
C LYS B 68 10.24 -11.48 -5.75
N ASP B 69 9.82 -12.46 -4.94
CA ASP B 69 8.64 -12.36 -4.04
C ASP B 69 8.93 -11.43 -2.85
N ALA B 70 10.15 -11.40 -2.34
CA ALA B 70 10.54 -10.47 -1.25
C ALA B 70 10.55 -9.03 -1.81
N VAL B 71 10.98 -8.85 -3.06
CA VAL B 71 10.87 -7.51 -3.70
C VAL B 71 9.39 -7.11 -3.76
N CYS B 72 8.51 -7.98 -4.24
CA CYS B 72 7.08 -7.62 -4.42
C CYS B 72 6.44 -7.37 -3.05
N GLY B 73 6.61 -8.32 -2.13
CA GLY B 73 6.22 -8.22 -0.71
C GLY B 73 6.66 -6.90 -0.13
N TRP B 74 7.88 -6.44 -0.45
CA TRP B 74 8.40 -5.13 0.03
C TRP B 74 7.61 -3.97 -0.58
N MET B 75 7.37 -3.97 -1.90
CA MET B 75 6.79 -2.79 -2.59
C MET B 75 5.31 -2.65 -2.22
N GLN B 76 4.64 -3.76 -1.90
CA GLN B 76 3.27 -3.74 -1.34
C GLN B 76 3.29 -3.19 0.10
N ASN B 77 4.18 -3.70 0.95
CA ASN B 77 4.15 -3.47 2.42
C ASN B 77 4.56 -2.02 2.72
N ARG B 78 5.63 -1.58 2.06
CA ARG B 78 6.30 -0.28 2.23
C ARG B 78 5.76 0.82 1.32
N HIS B 79 5.34 0.52 0.09
CA HIS B 79 4.88 1.61 -0.81
C HIS B 79 3.45 1.44 -1.33
N GLY B 80 2.75 0.41 -0.90
CA GLY B 80 1.36 0.15 -1.34
C GLY B 80 1.30 -0.02 -2.86
N TRP B 81 2.32 -0.66 -3.44
CA TRP B 81 2.56 -0.77 -4.90
C TRP B 81 2.62 -2.25 -5.29
N LYS B 82 1.57 -2.73 -5.97
CA LYS B 82 1.48 -4.10 -6.53
C LYS B 82 2.41 -4.19 -7.76
N VAL B 83 3.43 -5.03 -7.66
CA VAL B 83 4.39 -5.33 -8.76
C VAL B 83 4.27 -6.82 -9.04
N ASN B 84 4.09 -7.17 -10.31
CA ASN B 84 4.15 -8.56 -10.82
C ASN B 84 5.63 -9.00 -10.79
N PRO B 85 5.95 -10.17 -10.20
CA PRO B 85 7.30 -10.72 -10.21
C PRO B 85 8.04 -10.65 -11.57
N GLU B 86 7.39 -11.02 -12.69
CA GLU B 86 7.99 -10.94 -14.05
C GLU B 86 8.43 -9.51 -14.38
N SER B 87 7.96 -8.50 -13.63
CA SER B 87 8.31 -7.07 -13.86
C SER B 87 9.79 -6.83 -13.52
N ILE B 88 10.39 -7.68 -12.70
CA ILE B 88 11.72 -7.42 -12.05
C ILE B 88 12.84 -7.95 -12.96
N THR B 89 13.88 -7.16 -13.08
CA THR B 89 15.15 -7.58 -13.70
C THR B 89 16.24 -7.14 -12.72
N PHE B 90 17.00 -8.07 -12.18
CA PHE B 90 18.06 -7.74 -11.21
C PHE B 90 19.23 -7.03 -11.91
N SER B 91 19.84 -6.11 -11.19
CA SER B 91 21.00 -5.33 -11.64
C SER B 91 22.05 -5.29 -10.53
N PRO B 92 23.35 -5.21 -10.84
CA PRO B 92 24.38 -5.13 -9.82
C PRO B 92 24.44 -3.75 -9.14
N GLY B 93 23.83 -2.73 -9.75
CA GLY B 93 23.73 -1.37 -9.21
C GLY B 93 22.71 -0.56 -9.97
N VAL B 94 22.33 0.56 -9.41
CA VAL B 94 21.34 1.50 -9.99
C VAL B 94 22.03 2.40 -11.01
N VAL B 95 23.33 2.65 -10.84
CA VAL B 95 24.11 3.46 -11.82
C VAL B 95 24.24 2.61 -13.08
N THR B 96 24.41 1.30 -12.91
CA THR B 96 24.55 0.34 -14.04
C THR B 96 23.24 0.41 -14.84
N ALA B 97 22.10 0.27 -14.16
CA ALA B 97 20.73 0.36 -14.70
C ALA B 97 20.53 1.68 -15.45
N LEU B 98 20.95 2.82 -14.88
CA LEU B 98 20.73 4.13 -15.57
C LEU B 98 21.39 4.02 -16.94
N SER B 99 22.64 3.54 -16.99
CA SER B 99 23.41 3.42 -18.25
C SER B 99 22.66 2.47 -19.19
N MET B 100 22.21 1.33 -18.68
CA MET B 100 21.46 0.35 -19.49
C MET B 100 20.17 1.04 -20.01
N ALA B 101 19.46 1.82 -19.19
CA ALA B 101 18.19 2.50 -19.59
C ALA B 101 18.45 3.51 -20.71
N VAL B 102 19.56 4.27 -20.65
CA VAL B 102 19.93 5.26 -21.70
C VAL B 102 20.19 4.50 -23.00
N GLN B 103 20.81 3.33 -22.91
CA GLN B 103 21.20 2.57 -24.12
C GLN B 103 19.94 1.95 -24.71
N ALA B 104 19.03 1.44 -23.89
CA ALA B 104 17.84 0.68 -24.31
C ALA B 104 16.76 1.61 -24.89
N PHE B 105 16.56 2.83 -24.39
CA PHE B 105 15.32 3.63 -24.61
C PHE B 105 15.57 4.94 -25.36
N THR B 106 16.77 5.15 -25.88
CA THR B 106 17.17 6.37 -26.61
C THR B 106 18.20 6.00 -27.68
N GLU B 107 18.38 6.85 -28.69
CA GLU B 107 19.37 6.63 -29.78
C GLU B 107 20.55 7.54 -29.49
N PRO B 108 21.76 7.24 -29.98
CA PRO B 108 22.86 8.18 -29.87
C PRO B 108 22.34 9.51 -30.43
N GLY B 109 22.69 10.63 -29.78
CA GLY B 109 22.37 12.01 -30.20
C GLY B 109 21.09 12.52 -29.56
N ASP B 110 20.30 11.66 -28.92
CA ASP B 110 18.99 12.02 -28.34
C ASP B 110 19.26 12.89 -27.11
N GLN B 111 18.19 13.47 -26.57
CA GLN B 111 18.29 14.29 -25.35
C GLN B 111 17.63 13.55 -24.21
N VAL B 112 18.14 13.80 -23.01
CA VAL B 112 17.62 13.22 -21.76
C VAL B 112 17.45 14.36 -20.77
N VAL B 113 16.25 14.52 -20.23
CA VAL B 113 15.90 15.59 -19.26
C VAL B 113 16.21 15.15 -17.83
N VAL B 114 16.98 15.98 -17.14
CA VAL B 114 17.32 15.84 -15.71
C VAL B 114 16.99 17.18 -15.03
N GLN B 115 16.81 17.16 -13.72
CA GLN B 115 16.40 18.35 -12.93
C GLN B 115 17.56 18.73 -12.01
N PRO B 116 18.50 19.60 -12.45
CA PRO B 116 19.62 19.99 -11.60
C PRO B 116 19.18 20.88 -10.45
N PRO B 117 19.98 20.99 -9.38
CA PRO B 117 21.17 20.14 -9.22
C PRO B 117 20.74 18.71 -8.88
N VAL B 118 21.56 17.73 -9.30
CA VAL B 118 21.21 16.28 -9.21
C VAL B 118 22.49 15.42 -9.20
N TYR B 119 22.39 14.29 -8.49
CA TYR B 119 23.35 13.16 -8.42
C TYR B 119 24.20 13.04 -9.70
N THR B 120 25.51 13.20 -9.58
CA THR B 120 26.45 13.41 -10.71
C THR B 120 26.36 12.31 -11.77
N PRO B 121 26.33 11.00 -11.44
CA PRO B 121 26.28 9.97 -12.48
C PRO B 121 25.11 10.15 -13.46
N PHE B 122 24.02 10.85 -13.08
CA PHE B 122 22.91 11.22 -14.01
C PHE B 122 23.53 11.85 -15.25
N TYR B 123 24.43 12.83 -15.10
CA TYR B 123 25.10 13.50 -16.26
C TYR B 123 25.93 12.48 -17.03
N HIS B 124 26.74 11.66 -16.35
CA HIS B 124 27.81 10.84 -17.01
C HIS B 124 27.21 9.68 -17.81
N MET B 125 26.10 9.12 -17.33
CA MET B 125 25.48 7.90 -17.92
C MET B 125 24.75 8.30 -19.20
N VAL B 126 24.27 9.54 -19.25
CA VAL B 126 23.76 10.21 -20.49
C VAL B 126 24.97 10.55 -21.38
N GLU B 127 25.93 11.33 -20.90
CA GLU B 127 26.94 11.98 -21.77
C GLU B 127 27.95 10.96 -22.29
N LYS B 128 28.38 10.02 -21.46
CA LYS B 128 29.42 9.02 -21.87
C LYS B 128 28.82 8.02 -22.90
N ASN B 129 27.48 7.89 -23.01
CA ASN B 129 26.81 7.04 -24.04
C ASN B 129 26.38 7.86 -25.26
N GLY B 130 26.97 9.05 -25.44
CA GLY B 130 26.76 9.96 -26.59
C GLY B 130 25.36 10.54 -26.69
N ARG B 131 24.56 10.54 -25.63
CA ARG B 131 23.31 11.36 -25.51
C ARG B 131 23.63 12.69 -24.80
N HIS B 132 22.82 13.73 -25.05
CA HIS B 132 22.98 15.09 -24.49
C HIS B 132 22.04 15.29 -23.30
N ILE B 133 22.55 16.01 -22.30
CA ILE B 133 21.76 16.43 -21.12
C ILE B 133 20.99 17.69 -21.49
N LEU B 134 19.69 17.71 -21.23
CA LEU B 134 18.86 18.92 -21.29
C LEU B 134 18.25 19.13 -19.89
N HIS B 135 18.71 20.20 -19.21
CA HIS B 135 18.39 20.54 -17.81
C HIS B 135 16.95 21.05 -17.72
N ASN B 136 16.18 20.60 -16.74
CA ASN B 136 14.93 21.26 -16.27
C ASN B 136 15.19 21.80 -14.87
N PRO B 137 15.86 22.96 -14.69
CA PRO B 137 16.38 23.33 -13.37
C PRO B 137 15.25 23.34 -12.33
N LEU B 138 15.56 22.94 -11.09
CA LEU B 138 14.61 23.04 -9.95
C LEU B 138 14.60 24.49 -9.48
N LEU B 139 13.44 24.94 -8.98
CA LEU B 139 13.28 26.31 -8.39
C LEU B 139 13.37 26.16 -6.89
N GLU B 140 14.03 27.11 -6.24
CA GLU B 140 14.02 27.15 -4.75
C GLU B 140 12.87 28.09 -4.36
N LYS B 141 11.84 27.60 -3.67
CA LYS B 141 10.71 28.44 -3.19
C LYS B 141 10.48 28.15 -1.70
N ASP B 142 10.47 29.19 -0.85
CA ASP B 142 10.23 29.06 0.63
C ASP B 142 11.17 27.99 1.19
N GLY B 143 12.44 28.02 0.80
CA GLY B 143 13.54 27.20 1.37
C GLY B 143 13.50 25.72 0.99
N ALA B 144 12.85 25.36 -0.13
CA ALA B 144 12.64 23.97 -0.61
C ALA B 144 12.52 24.01 -2.13
N TYR B 145 12.92 22.93 -2.78
CA TYR B 145 12.90 22.83 -4.26
C TYR B 145 11.46 22.54 -4.65
N ALA B 146 11.01 23.15 -5.75
CA ALA B 146 9.77 22.75 -6.48
C ALA B 146 10.12 22.47 -7.93
N ILE B 147 9.27 21.72 -8.62
CA ILE B 147 9.42 21.44 -10.08
C ILE B 147 8.86 22.64 -10.86
N ASP B 148 9.66 23.20 -11.79
CA ASP B 148 9.22 24.19 -12.81
C ASP B 148 8.60 23.46 -14.02
N PHE B 149 7.28 23.26 -13.96
CA PHE B 149 6.44 22.45 -14.89
C PHE B 149 6.21 23.14 -16.24
N GLU B 150 6.32 24.46 -16.33
CA GLU B 150 6.18 25.17 -17.64
C GLU B 150 7.48 24.99 -18.42
N ASP B 151 8.64 25.23 -17.79
CA ASP B 151 9.97 24.90 -18.39
C ASP B 151 9.92 23.44 -18.84
N LEU B 152 9.37 22.57 -18.01
CA LEU B 152 9.35 21.12 -18.29
C LEU B 152 8.45 20.83 -19.52
N GLU B 153 7.17 21.24 -19.50
CA GLU B 153 6.20 21.14 -20.64
C GLU B 153 6.91 21.57 -21.93
N THR B 154 7.63 22.69 -21.89
CA THR B 154 8.38 23.23 -23.04
C THR B 154 9.46 22.22 -23.46
N LYS B 155 10.32 21.81 -22.53
CA LYS B 155 11.52 20.99 -22.85
C LYS B 155 11.07 19.61 -23.36
N LEU B 156 10.02 19.03 -22.77
CA LEU B 156 9.50 17.69 -23.13
C LEU B 156 8.86 17.66 -24.52
N SER B 157 8.53 18.82 -25.10
CA SER B 157 7.86 18.96 -26.43
C SER B 157 8.74 18.36 -27.51
N ASP B 158 9.96 18.87 -27.60
CA ASP B 158 10.97 18.64 -28.67
C ASP B 158 11.01 17.13 -28.95
N PRO B 159 10.79 16.70 -30.21
CA PRO B 159 10.74 15.27 -30.54
C PRO B 159 12.06 14.49 -30.31
N SER B 160 13.20 15.19 -30.14
CA SER B 160 14.50 14.53 -29.90
C SER B 160 14.72 14.35 -28.39
N VAL B 161 13.75 14.72 -27.55
CA VAL B 161 13.75 14.31 -26.12
C VAL B 161 12.93 13.03 -25.98
N THR B 162 13.56 11.94 -25.55
CA THR B 162 12.91 10.61 -25.44
C THR B 162 13.02 10.03 -24.03
N LEU B 163 13.76 10.68 -23.15
CA LEU B 163 13.97 10.12 -21.79
C LEU B 163 14.01 11.22 -20.70
N PHE B 164 13.30 10.97 -19.63
CA PHE B 164 13.30 11.84 -18.45
C PHE B 164 13.75 11.00 -17.27
N ILE B 165 14.81 11.40 -16.58
CA ILE B 165 15.29 10.62 -15.41
C ILE B 165 14.89 11.41 -14.18
N LEU B 166 13.92 10.85 -13.46
CA LEU B 166 13.37 11.37 -12.21
C LEU B 166 14.25 10.82 -11.09
N CYS B 167 14.71 11.68 -10.17
CA CYS B 167 15.32 11.25 -8.89
C CYS B 167 14.27 11.54 -7.81
N ASN B 168 13.70 10.50 -7.19
CA ASN B 168 12.59 10.62 -6.20
C ASN B 168 12.68 9.51 -5.16
N PRO B 169 13.08 9.82 -3.90
CA PRO B 169 13.48 11.17 -3.49
C PRO B 169 14.69 11.72 -4.23
N HIS B 170 14.80 13.04 -4.28
CA HIS B 170 15.80 13.77 -5.11
C HIS B 170 17.09 13.92 -4.28
N ASN B 171 18.22 13.67 -4.95
CA ASN B 171 19.60 13.77 -4.42
C ASN B 171 20.32 14.81 -5.26
N PRO B 172 20.73 15.98 -4.70
CA PRO B 172 20.60 16.27 -3.27
C PRO B 172 19.29 16.99 -2.87
N SER B 173 18.97 16.93 -1.57
CA SER B 173 17.93 17.70 -0.81
C SER B 173 17.11 16.72 0.02
N GLY B 174 16.84 15.54 -0.57
CA GLY B 174 16.03 14.49 0.06
C GLY B 174 14.56 14.73 -0.22
N ARG B 175 14.30 15.49 -1.29
CA ARG B 175 12.95 16.05 -1.58
C ARG B 175 12.09 14.92 -2.16
N SER B 176 10.97 14.65 -1.49
CA SER B 176 9.96 13.65 -1.89
C SER B 176 8.88 14.37 -2.70
N TRP B 177 8.70 14.02 -3.98
CA TRP B 177 7.73 14.67 -4.90
C TRP B 177 6.31 14.24 -4.51
N SER B 178 5.36 15.18 -4.57
CA SER B 178 3.93 14.94 -4.23
C SER B 178 3.32 14.05 -5.29
N ARG B 179 2.26 13.32 -4.94
CA ARG B 179 1.37 12.65 -5.92
C ARG B 179 1.04 13.62 -7.07
N GLU B 180 0.81 14.90 -6.76
CA GLU B 180 0.28 15.90 -7.71
C GLU B 180 1.42 16.19 -8.67
N ASP B 181 2.61 16.42 -8.13
CA ASP B 181 3.85 16.60 -8.92
C ASP B 181 3.91 15.45 -9.96
N LEU B 182 3.78 14.22 -9.49
CA LEU B 182 4.12 13.03 -10.30
C LEU B 182 3.06 12.88 -11.39
N LEU B 183 1.78 13.10 -11.06
CA LEU B 183 0.64 12.99 -11.99
C LEU B 183 0.87 13.94 -13.16
N LYS B 184 1.35 15.15 -12.87
CA LYS B 184 1.58 16.18 -13.91
C LYS B 184 2.76 15.76 -14.82
N LEU B 185 3.87 15.37 -14.23
CA LEU B 185 5.04 14.84 -14.98
C LEU B 185 4.59 13.71 -15.92
N GLY B 186 3.83 12.74 -15.40
CA GLY B 186 3.31 11.60 -16.19
C GLY B 186 2.49 12.05 -17.39
N GLU B 187 1.51 12.95 -17.21
CA GLU B 187 0.66 13.52 -18.28
C GLU B 187 1.55 14.11 -19.38
N LEU B 188 2.59 14.88 -19.03
CA LEU B 188 3.51 15.49 -20.03
C LEU B 188 4.33 14.41 -20.74
N CYS B 189 4.76 13.38 -20.02
CA CYS B 189 5.62 12.30 -20.55
C CYS B 189 4.80 11.35 -21.45
N LEU B 190 3.60 10.95 -21.00
CA LEU B 190 2.59 10.21 -21.80
C LEU B 190 2.36 10.97 -23.10
N GLU B 191 2.06 12.27 -22.99
CA GLU B 191 1.65 13.15 -24.11
C GLU B 191 2.79 13.28 -25.12
N HIS B 192 4.04 13.44 -24.68
CA HIS B 192 5.17 13.69 -25.60
C HIS B 192 6.03 12.46 -25.90
N GLY B 193 5.56 11.29 -25.53
CA GLY B 193 6.21 9.98 -25.82
C GLY B 193 7.61 9.87 -25.23
N VAL B 194 7.79 10.37 -24.01
CA VAL B 194 9.07 10.29 -23.22
C VAL B 194 8.98 9.15 -22.20
N THR B 195 9.93 8.22 -22.26
CA THR B 195 10.15 7.15 -21.24
C THR B 195 10.65 7.77 -19.93
N VAL B 196 10.16 7.29 -18.78
CA VAL B 196 10.48 7.79 -17.40
C VAL B 196 11.38 6.77 -16.73
N VAL B 197 12.58 7.15 -16.38
CA VAL B 197 13.41 6.40 -15.41
C VAL B 197 13.27 7.14 -14.09
N SER B 198 12.71 6.46 -13.10
CA SER B 198 12.51 6.92 -11.70
C SER B 198 13.51 6.17 -10.82
N ASP B 199 14.49 6.91 -10.29
CA ASP B 199 15.52 6.41 -9.36
C ASP B 199 14.97 6.63 -7.95
N GLU B 200 14.55 5.55 -7.29
CA GLU B 200 13.81 5.51 -6.01
C GLU B 200 14.70 4.82 -4.96
N ILE B 201 16.01 4.88 -5.14
CA ILE B 201 16.98 4.26 -4.18
C ILE B 201 16.87 4.93 -2.81
N HIS B 202 16.33 6.16 -2.68
CA HIS B 202 16.21 6.80 -1.33
C HIS B 202 14.81 6.61 -0.75
N SER B 203 13.95 5.83 -1.39
CA SER B 203 12.47 5.82 -1.15
C SER B 203 12.11 5.17 0.20
N ASP B 204 12.92 4.28 0.75
CA ASP B 204 12.55 3.53 1.98
C ASP B 204 12.83 4.37 3.24
N LEU B 205 13.66 5.40 3.11
CA LEU B 205 14.10 6.19 4.27
C LEU B 205 13.24 7.44 4.34
N MET B 206 11.94 7.33 4.03
CA MET B 206 10.96 8.42 4.30
C MET B 206 11.03 8.83 5.78
N LEU B 207 11.14 10.13 6.05
CA LEU B 207 11.20 10.73 7.40
C LEU B 207 9.84 11.30 7.80
N TYR B 208 9.65 11.49 9.11
CA TYR B 208 8.50 12.17 9.72
C TYR B 208 7.17 11.82 9.06
N GLY B 209 6.98 10.57 8.70
CA GLY B 209 5.72 10.24 8.03
C GLY B 209 5.48 10.97 6.72
N HIS B 210 6.53 11.26 5.95
CA HIS B 210 6.36 11.70 4.55
C HIS B 210 6.04 10.42 3.78
N LYS B 211 5.36 10.51 2.66
CA LYS B 211 4.97 9.25 1.97
C LYS B 211 5.57 9.26 0.56
N HIS B 212 6.31 8.22 0.21
CA HIS B 212 6.87 8.04 -1.15
C HIS B 212 5.78 7.52 -2.08
N THR B 213 5.62 8.19 -3.20
CA THR B 213 4.72 7.71 -4.27
C THR B 213 5.62 7.19 -5.38
N PRO B 214 5.63 5.84 -5.59
CA PRO B 214 6.33 5.27 -6.74
C PRO B 214 5.56 5.72 -7.98
N PHE B 215 6.26 6.32 -8.93
CA PHE B 215 5.66 6.94 -10.13
C PHE B 215 4.90 5.92 -10.98
N ALA B 216 5.20 4.63 -10.90
CA ALA B 216 4.53 3.58 -11.70
C ALA B 216 3.24 3.09 -11.04
N SER B 217 2.99 3.48 -9.78
CA SER B 217 1.84 3.01 -8.97
C SER B 217 0.57 3.82 -9.30
N LEU B 218 0.70 4.87 -10.10
CA LEU B 218 -0.33 5.93 -10.28
C LEU B 218 -1.37 5.53 -11.34
N SER B 219 -0.98 4.73 -12.34
CA SER B 219 -1.90 4.12 -13.31
C SER B 219 -1.18 3.07 -14.15
N ASP B 220 -1.98 2.22 -14.81
CA ASP B 220 -1.49 1.25 -15.80
C ASP B 220 -0.64 1.99 -16.85
N ASP B 221 -1.06 3.16 -17.31
CA ASP B 221 -0.37 3.95 -18.37
C ASP B 221 0.98 4.47 -17.86
N PHE B 222 1.06 4.86 -16.59
CA PHE B 222 2.32 5.35 -15.98
C PHE B 222 3.28 4.16 -15.88
N ALA B 223 2.77 3.03 -15.38
CA ALA B 223 3.49 1.75 -15.28
C ALA B 223 4.15 1.42 -16.61
N ASP B 224 3.43 1.60 -17.72
CA ASP B 224 3.79 1.09 -19.06
C ASP B 224 4.91 1.93 -19.70
N ILE B 225 5.12 3.17 -19.26
CA ILE B 225 6.21 4.02 -19.84
C ILE B 225 7.38 4.16 -18.86
N SER B 226 7.43 3.33 -17.81
CA SER B 226 8.24 3.58 -16.59
C SER B 226 9.26 2.46 -16.34
N VAL B 227 10.46 2.88 -15.97
CA VAL B 227 11.58 2.04 -15.47
C VAL B 227 11.88 2.51 -14.03
N THR B 228 11.68 1.64 -13.03
CA THR B 228 11.84 2.01 -11.61
C THR B 228 13.08 1.34 -11.03
N CYS B 229 14.00 2.13 -10.50
CA CYS B 229 15.26 1.63 -9.90
C CYS B 229 15.09 1.70 -8.39
N ALA B 230 14.99 0.49 -7.82
CA ALA B 230 14.88 0.20 -6.37
C ALA B 230 16.07 -0.66 -5.96
N ALA B 231 16.51 -0.56 -4.71
CA ALA B 231 17.65 -1.34 -4.16
C ALA B 231 17.56 -1.36 -2.64
N PRO B 232 18.20 -2.34 -1.97
CA PRO B 232 18.37 -2.28 -0.52
C PRO B 232 19.60 -1.45 -0.15
N SER B 233 20.48 -1.16 -1.10
CA SER B 233 21.79 -0.46 -0.91
C SER B 233 21.74 0.68 0.12
N LYS B 234 20.88 1.65 -0.08
CA LYS B 234 20.92 2.89 0.70
C LYS B 234 20.20 2.69 2.03
N THR B 235 19.03 2.05 1.85
CA THR B 235 18.13 1.71 2.97
C THR B 235 18.87 0.90 4.03
N PHE B 236 19.81 0.06 3.61
CA PHE B 236 20.38 -0.89 4.60
C PHE B 236 21.91 -0.77 4.71
N ASN B 237 22.49 0.23 4.03
CA ASN B 237 23.96 0.46 4.01
C ASN B 237 24.65 -0.80 3.51
N ILE B 238 24.24 -1.33 2.35
CA ILE B 238 24.80 -2.57 1.73
C ILE B 238 25.04 -2.32 0.23
N ALA B 239 25.43 -1.11 -0.15
CA ALA B 239 25.96 -0.78 -1.50
C ALA B 239 27.16 -1.68 -1.85
N GLY B 240 27.88 -2.18 -0.84
CA GLY B 240 29.07 -3.02 -1.07
C GLY B 240 28.72 -4.38 -1.66
N LEU B 241 27.42 -4.74 -1.68
CA LEU B 241 26.96 -6.08 -2.08
C LEU B 241 26.45 -6.10 -3.52
N GLN B 242 26.31 -4.94 -4.16
CA GLN B 242 25.97 -4.81 -5.60
C GLN B 242 24.65 -5.55 -5.90
N ALA B 243 23.54 -5.02 -5.40
CA ALA B 243 22.18 -5.59 -5.52
C ALA B 243 21.21 -4.47 -5.92
N SER B 244 20.44 -4.66 -7.00
CA SER B 244 19.38 -3.75 -7.51
C SER B 244 18.21 -4.59 -7.99
N ALA B 245 16.97 -4.08 -7.83
CA ALA B 245 15.75 -4.58 -8.49
C ALA B 245 15.18 -3.47 -9.39
N ILE B 246 15.15 -3.73 -10.68
CA ILE B 246 14.71 -2.78 -11.74
C ILE B 246 13.37 -3.27 -12.26
N ILE B 247 12.32 -2.49 -11.98
CA ILE B 247 10.90 -2.84 -12.19
C ILE B 247 10.41 -2.11 -13.43
N ILE B 248 10.12 -2.89 -14.50
CA ILE B 248 9.66 -2.41 -15.84
C ILE B 248 8.46 -3.24 -16.24
N PRO B 249 7.23 -2.80 -15.88
CA PRO B 249 6.03 -3.59 -16.10
C PRO B 249 5.73 -3.85 -17.59
N ASP B 250 6.15 -2.96 -18.49
CA ASP B 250 5.97 -3.18 -19.94
C ASP B 250 6.95 -4.26 -20.40
N ARG B 251 6.46 -5.37 -20.90
CA ARG B 251 7.28 -6.51 -21.41
C ARG B 251 8.25 -6.02 -22.51
N LEU B 252 7.82 -5.19 -23.45
CA LEU B 252 8.72 -4.76 -24.56
C LEU B 252 9.90 -4.00 -23.96
N LYS B 253 9.58 -3.00 -23.15
CA LYS B 253 10.59 -2.19 -22.46
C LYS B 253 11.54 -3.11 -21.68
N ARG B 254 10.99 -4.05 -20.93
CA ARG B 254 11.78 -4.98 -20.09
C ARG B 254 12.78 -5.76 -20.94
N ALA B 255 12.44 -6.09 -22.18
CA ALA B 255 13.29 -6.93 -23.07
C ALA B 255 14.44 -6.10 -23.64
N LYS B 256 14.19 -4.83 -23.97
CA LYS B 256 15.22 -3.86 -24.42
C LYS B 256 16.27 -3.64 -23.32
N PHE B 257 15.82 -3.58 -22.07
CA PHE B 257 16.67 -3.39 -20.86
C PHE B 257 17.50 -4.67 -20.67
N SER B 258 16.84 -5.83 -20.72
CA SER B 258 17.47 -7.16 -20.62
C SER B 258 18.48 -7.35 -21.75
N ALA B 259 18.17 -6.87 -22.96
CA ALA B 259 19.09 -6.98 -24.11
C ALA B 259 20.33 -6.15 -23.79
N SER B 260 20.15 -4.97 -23.19
CA SER B 260 21.27 -4.07 -22.78
C SER B 260 22.13 -4.76 -21.73
N LEU B 261 21.52 -5.36 -20.69
CA LEU B 261 22.30 -6.10 -19.67
C LEU B 261 23.10 -7.22 -20.34
N GLN B 262 22.41 -8.10 -21.13
CA GLN B 262 23.00 -9.29 -21.79
C GLN B 262 24.21 -8.96 -22.67
N ARG B 263 24.04 -8.00 -23.56
CA ARG B 263 25.02 -7.45 -24.52
C ARG B 263 26.30 -7.00 -23.81
N ASN B 264 26.15 -6.39 -22.64
CA ASN B 264 27.29 -5.86 -21.84
C ASN B 264 27.83 -6.89 -20.86
N GLY B 265 27.52 -8.16 -21.10
CA GLY B 265 28.04 -9.29 -20.32
C GLY B 265 27.61 -9.20 -18.88
N LEU B 266 26.36 -8.82 -18.63
CA LEU B 266 25.76 -8.61 -17.29
C LEU B 266 24.47 -9.42 -17.14
N GLY B 267 23.86 -9.37 -15.94
CA GLY B 267 22.57 -10.01 -15.62
C GLY B 267 22.69 -10.87 -14.38
N GLY B 268 23.85 -11.43 -14.12
CA GLY B 268 24.15 -12.13 -12.85
C GLY B 268 24.12 -11.23 -11.62
N LEU B 269 23.69 -11.78 -10.46
CA LEU B 269 24.02 -11.25 -9.11
C LEU B 269 25.05 -12.16 -8.45
N ASN B 270 26.04 -11.58 -7.78
CA ASN B 270 26.94 -12.37 -6.91
C ASN B 270 26.07 -13.09 -5.87
N ALA B 271 26.57 -14.16 -5.26
CA ALA B 271 25.82 -15.04 -4.34
C ALA B 271 25.33 -14.26 -3.11
N PHE B 272 26.14 -13.35 -2.59
CA PHE B 272 25.82 -12.57 -1.36
C PHE B 272 24.70 -11.56 -1.64
N ALA B 273 24.77 -10.83 -2.74
CA ALA B 273 23.66 -9.97 -3.22
C ALA B 273 22.36 -10.75 -3.21
N VAL B 274 22.38 -11.98 -3.74
CA VAL B 274 21.12 -12.77 -3.91
C VAL B 274 20.50 -13.03 -2.54
N THR B 275 21.31 -13.39 -1.55
CA THR B 275 20.77 -13.67 -0.20
C THR B 275 20.53 -12.34 0.51
N ALA B 276 21.35 -11.31 0.30
CA ALA B 276 21.19 -10.00 0.99
C ALA B 276 19.84 -9.36 0.63
N ILE B 277 19.50 -9.35 -0.66
CA ILE B 277 18.33 -8.61 -1.20
C ILE B 277 17.05 -9.29 -0.68
N GLU B 278 17.01 -10.61 -0.62
CA GLU B 278 15.79 -11.28 -0.10
C GLU B 278 15.71 -11.13 1.43
N ALA B 279 16.84 -11.10 2.12
CA ALA B 279 16.85 -10.97 3.59
C ALA B 279 16.44 -9.52 3.96
N ALA B 280 17.09 -8.53 3.34
CA ALA B 280 16.78 -7.09 3.51
C ALA B 280 15.27 -6.91 3.45
N TYR B 281 14.65 -7.45 2.39
CA TYR B 281 13.27 -7.10 1.98
C TYR B 281 12.26 -7.99 2.71
N SER B 282 12.65 -9.11 3.33
CA SER B 282 11.69 -9.93 4.12
C SER B 282 11.83 -9.70 5.63
N LYS B 283 12.96 -9.20 6.15
CA LYS B 283 13.14 -9.04 7.62
C LYS B 283 13.80 -7.70 8.01
N GLY B 284 14.05 -6.82 7.04
CA GLY B 284 14.72 -5.52 7.26
C GLY B 284 13.83 -4.52 7.97
N GLY B 285 12.51 -4.73 7.96
CA GLY B 285 11.48 -3.75 8.37
C GLY B 285 11.75 -3.10 9.73
N PRO B 286 11.71 -3.89 10.83
CA PRO B 286 11.94 -3.37 12.18
C PRO B 286 13.21 -2.52 12.39
N TRP B 287 14.37 -2.95 11.87
CA TRP B 287 15.64 -2.17 11.92
C TRP B 287 15.49 -0.89 11.10
N LEU B 288 14.80 -0.94 9.96
CA LEU B 288 14.55 0.28 9.15
C LEU B 288 13.70 1.26 9.98
N ASP B 289 12.67 0.81 10.71
CA ASP B 289 11.75 1.77 11.38
C ASP B 289 12.49 2.47 12.53
N GLU B 290 13.50 1.82 13.10
CA GLU B 290 14.34 2.36 14.20
C GLU B 290 15.48 3.22 13.61
N LEU B 291 15.96 2.88 12.43
CA LEU B 291 16.92 3.75 11.71
C LEU B 291 16.22 5.08 11.35
N ILE B 292 14.99 5.02 10.82
CA ILE B 292 14.18 6.23 10.53
C ILE B 292 14.11 7.06 11.82
N THR B 293 13.79 6.46 12.97
CA THR B 293 13.68 7.23 14.24
C THR B 293 15.02 7.90 14.56
N TYR B 294 16.14 7.21 14.30
CA TYR B 294 17.51 7.72 14.58
C TYR B 294 17.86 8.84 13.59
N ILE B 295 17.64 8.66 12.29
CA ILE B 295 17.88 9.73 11.27
C ILE B 295 17.15 11.00 11.70
N GLU B 296 15.87 10.87 12.11
CA GLU B 296 14.95 11.97 12.52
C GLU B 296 15.62 12.76 13.64
N LYS B 297 16.11 12.07 14.66
CA LYS B 297 16.74 12.74 15.83
C LYS B 297 17.99 13.49 15.33
N ASN B 298 18.76 12.91 14.42
CA ASN B 298 19.98 13.54 13.83
C ASN B 298 19.60 14.78 13.02
N MET B 299 18.49 14.73 12.30
CA MET B 299 17.98 15.92 11.55
C MET B 299 17.54 16.99 12.55
N ASN B 300 16.81 16.64 13.61
CA ASN B 300 16.36 17.63 14.64
C ASN B 300 17.60 18.33 15.22
N GLU B 301 18.68 17.59 15.45
CA GLU B 301 19.91 18.12 16.07
C GLU B 301 20.60 19.10 15.11
N ALA B 302 20.83 18.65 13.88
CA ALA B 302 21.45 19.45 12.81
C ALA B 302 20.64 20.75 12.60
N GLU B 303 19.31 20.67 12.73
CA GLU B 303 18.40 21.84 12.56
C GLU B 303 18.59 22.80 13.73
N ALA B 304 18.56 22.31 14.98
CA ALA B 304 18.69 23.16 16.20
C ALA B 304 20.07 23.83 16.22
N PHE B 305 21.11 23.05 15.94
CA PHE B 305 22.53 23.48 15.97
C PHE B 305 22.75 24.54 14.88
N LEU B 306 22.37 24.27 13.63
CA LEU B 306 22.69 25.21 12.53
C LEU B 306 21.94 26.53 12.71
N SER B 307 20.64 26.51 13.08
CA SER B 307 19.77 27.70 13.14
C SER B 307 20.04 28.57 14.38
N THR B 308 20.89 28.11 15.31
CA THR B 308 21.28 28.79 16.58
C THR B 308 22.78 29.14 16.59
N GLU B 309 23.65 28.33 15.98
CA GLU B 309 25.12 28.55 15.99
C GLU B 309 25.58 29.13 14.65
N LEU B 310 24.91 28.76 13.54
CA LEU B 310 25.24 29.24 12.16
C LEU B 310 23.98 29.66 11.41
N PRO B 311 23.26 30.71 11.89
CA PRO B 311 22.00 31.13 11.31
C PRO B 311 22.06 31.43 9.80
N LYS B 312 23.23 31.88 9.32
CA LYS B 312 23.51 32.22 7.89
C LYS B 312 23.51 30.96 7.01
N VAL B 313 23.68 29.78 7.60
CA VAL B 313 23.57 28.47 6.87
C VAL B 313 22.09 28.10 6.82
N LYS B 314 21.58 27.88 5.61
CA LYS B 314 20.19 27.44 5.35
C LYS B 314 20.21 25.93 5.09
N MET B 315 19.66 25.18 6.03
CA MET B 315 19.47 23.72 5.92
C MET B 315 18.10 23.44 5.31
N MET B 316 18.08 22.80 4.13
CA MET B 316 16.93 22.02 3.63
C MET B 316 16.75 20.76 4.47
N LYS B 317 15.68 20.73 5.25
CA LYS B 317 15.24 19.59 6.11
C LYS B 317 14.74 18.48 5.18
N PRO B 318 15.47 17.38 5.07
CA PRO B 318 15.12 16.35 4.10
C PRO B 318 13.76 15.71 4.41
N ASP B 319 12.98 15.42 3.37
CA ASP B 319 11.77 14.56 3.43
C ASP B 319 12.19 13.09 3.57
N ALA B 320 13.39 12.72 3.11
CA ALA B 320 13.86 11.32 2.99
C ALA B 320 15.38 11.22 3.08
N SER B 321 15.83 10.08 3.60
CA SER B 321 17.25 9.69 3.67
C SER B 321 18.04 10.56 4.64
N TYR B 322 19.36 10.37 4.65
CA TYR B 322 20.25 10.78 5.76
C TYR B 322 21.23 11.85 5.29
N LEU B 323 21.03 12.41 4.09
CA LEU B 323 21.93 13.44 3.50
C LEU B 323 21.26 14.80 3.56
N ILE B 324 21.99 15.83 4.03
CA ILE B 324 21.44 17.19 4.22
C ILE B 324 22.09 18.13 3.22
N TRP B 325 21.28 18.85 2.49
CA TRP B 325 21.75 19.87 1.52
C TRP B 325 21.83 21.20 2.28
N LEU B 326 23.00 21.82 2.34
CA LEU B 326 23.28 23.04 3.18
C LEU B 326 23.72 24.16 2.24
N ASP B 327 23.13 25.34 2.38
CA ASP B 327 23.42 26.54 1.57
C ASP B 327 24.34 27.49 2.38
N PHE B 328 25.60 27.63 1.95
CA PHE B 328 26.61 28.54 2.57
C PHE B 328 26.70 29.86 1.80
N SER B 329 25.79 30.12 0.83
CA SER B 329 25.69 31.33 -0.03
C SER B 329 26.00 32.58 0.77
N ALA B 330 25.43 32.65 1.97
CA ALA B 330 25.32 33.88 2.77
C ALA B 330 26.69 34.30 3.34
N TYR B 331 27.66 33.40 3.35
CA TYR B 331 29.05 33.64 3.81
C TYR B 331 29.87 34.31 2.72
N GLY B 332 29.41 34.24 1.47
CA GLY B 332 30.03 34.94 0.32
C GLY B 332 31.41 34.42 -0.05
N LEU B 333 31.74 33.19 0.30
CA LEU B 333 33.02 32.51 -0.03
C LEU B 333 32.84 31.75 -1.34
N SER B 334 33.86 31.72 -2.22
CA SER B 334 33.87 30.90 -3.46
C SER B 334 33.67 29.43 -3.06
N ASP B 335 33.18 28.60 -3.99
CA ASP B 335 33.01 27.13 -3.78
C ASP B 335 34.36 26.47 -3.45
N ALA B 336 35.46 26.90 -4.10
CA ALA B 336 36.84 26.44 -3.84
C ALA B 336 37.27 26.82 -2.41
N GLU B 337 37.01 28.07 -2.04
CA GLU B 337 37.48 28.62 -0.74
C GLU B 337 36.66 28.00 0.39
N LEU B 338 35.34 27.86 0.23
CA LEU B 338 34.48 27.16 1.21
C LEU B 338 35.01 25.75 1.43
N GLN B 339 35.24 25.01 0.36
CA GLN B 339 35.71 23.62 0.49
C GLN B 339 37.07 23.60 1.21
N GLN B 340 37.99 24.50 0.84
CA GLN B 340 39.34 24.58 1.48
C GLN B 340 39.20 24.76 2.99
N ARG B 341 38.26 25.57 3.45
CA ARG B 341 38.10 25.84 4.92
C ARG B 341 37.50 24.61 5.60
N MET B 342 36.66 23.87 4.90
CA MET B 342 36.02 22.67 5.48
C MET B 342 37.08 21.59 5.72
N LEU B 343 37.95 21.34 4.75
CA LEU B 343 38.99 20.28 4.81
C LEU B 343 40.14 20.69 5.75
N LYS B 344 40.57 21.97 5.71
CA LYS B 344 41.85 22.46 6.32
C LYS B 344 41.60 23.09 7.70
N LYS B 345 40.61 23.96 7.85
CA LYS B 345 40.34 24.60 9.17
C LYS B 345 39.35 23.72 9.97
N GLY B 346 38.26 23.20 9.38
CA GLY B 346 37.29 22.38 10.12
C GLY B 346 37.71 20.92 10.19
N LYS B 347 38.50 20.50 9.21
CA LYS B 347 38.87 19.06 9.03
C LYS B 347 37.56 18.25 9.00
N VAL B 348 36.72 18.56 8.01
CA VAL B 348 35.50 17.78 7.72
C VAL B 348 35.36 17.70 6.19
N ILE B 349 34.98 16.51 5.68
CA ILE B 349 34.76 16.24 4.23
C ILE B 349 33.26 16.18 3.96
N LEU B 350 32.78 17.25 3.36
CA LEU B 350 31.42 17.30 2.84
C LEU B 350 31.54 17.13 1.32
N GLU B 351 30.46 16.75 0.67
CA GLU B 351 30.45 16.72 -0.82
C GLU B 351 30.23 18.15 -1.31
N PRO B 352 31.10 18.73 -2.16
CA PRO B 352 30.89 20.07 -2.71
C PRO B 352 29.75 20.09 -3.74
N GLY B 353 28.85 21.05 -3.61
CA GLY B 353 27.59 21.12 -4.36
C GLY B 353 27.83 21.24 -5.85
N THR B 354 28.97 21.81 -6.25
CA THR B 354 29.34 22.00 -7.66
C THR B 354 29.26 20.66 -8.41
N LYS B 355 29.55 19.57 -7.72
CA LYS B 355 29.41 18.17 -8.21
C LYS B 355 28.07 17.95 -8.91
N TYR B 356 26.98 18.42 -8.31
CA TYR B 356 25.61 18.24 -8.81
C TYR B 356 25.24 19.18 -9.94
N GLY B 357 26.18 19.95 -10.49
CA GLY B 357 25.86 20.80 -11.66
C GLY B 357 25.17 22.11 -11.25
N PRO B 358 24.39 22.73 -12.18
CA PRO B 358 23.74 24.01 -11.93
C PRO B 358 22.71 23.99 -10.77
N GLY B 359 22.80 25.04 -9.94
CA GLY B 359 22.16 25.17 -8.63
C GLY B 359 22.99 24.56 -7.49
N GLY B 360 24.20 24.10 -7.77
CA GLY B 360 25.10 23.51 -6.75
C GLY B 360 25.95 24.57 -6.09
N GLU B 361 26.25 25.65 -6.82
CA GLU B 361 26.99 26.83 -6.36
C GLU B 361 26.49 27.20 -4.96
N GLY B 362 27.41 27.30 -4.00
CA GLY B 362 27.12 27.79 -2.65
C GLY B 362 26.65 26.70 -1.71
N PHE B 363 26.32 25.53 -2.23
CA PHE B 363 25.84 24.39 -1.41
C PHE B 363 26.98 23.41 -1.10
N MET B 364 26.77 22.60 -0.07
CA MET B 364 27.57 21.38 0.23
C MET B 364 26.62 20.36 0.83
N ARG B 365 26.88 19.06 0.67
CA ARG B 365 26.01 17.97 1.20
C ARG B 365 26.71 17.30 2.38
N LEU B 366 25.97 17.13 3.48
CA LEU B 366 26.48 16.60 4.77
C LEU B 366 25.84 15.22 5.03
N ASN B 367 26.68 14.17 5.13
CA ASN B 367 26.23 12.79 5.37
C ASN B 367 26.00 12.65 6.88
N ALA B 368 24.74 12.63 7.26
CA ALA B 368 24.31 12.50 8.67
C ALA B 368 23.94 11.04 8.95
N GLY B 369 24.48 10.11 8.13
CA GLY B 369 24.36 8.65 8.27
C GLY B 369 25.40 8.09 9.24
N CYS B 370 25.38 8.61 10.47
CA CYS B 370 26.37 8.36 11.53
C CYS B 370 25.71 8.43 12.91
N SER B 371 26.43 8.03 13.94
CA SER B 371 26.02 8.22 15.36
C SER B 371 25.76 9.70 15.58
N LEU B 372 24.81 10.04 16.46
CA LEU B 372 24.62 11.43 16.95
C LEU B 372 25.97 12.05 17.33
N ALA B 373 26.85 11.34 18.06
CA ALA B 373 28.15 11.87 18.52
C ALA B 373 28.96 12.41 17.33
N THR B 374 29.07 11.63 16.27
CA THR B 374 29.90 11.95 15.09
C THR B 374 29.31 13.20 14.42
N LEU B 375 27.99 13.22 14.31
CA LEU B 375 27.28 14.34 13.66
C LEU B 375 27.58 15.60 14.47
N GLN B 376 27.32 15.58 15.77
CA GLN B 376 27.65 16.71 16.68
C GLN B 376 29.10 17.09 16.47
N ASP B 377 29.99 16.11 16.31
CA ASP B 377 31.43 16.41 16.02
C ASP B 377 31.50 17.14 14.66
N GLY B 378 30.87 16.60 13.62
CA GLY B 378 30.75 17.26 12.29
C GLY B 378 30.23 18.68 12.38
N LEU B 379 29.18 18.92 13.15
CA LEU B 379 28.60 20.27 13.30
C LEU B 379 29.61 21.23 13.95
N ARG B 380 30.32 20.82 15.02
CA ARG B 380 31.32 21.71 15.68
C ARG B 380 32.41 22.05 14.66
N ARG B 381 32.70 21.10 13.75
CA ARG B 381 33.79 21.20 12.73
C ARG B 381 33.37 22.14 11.60
N ILE B 382 32.11 22.09 11.18
CA ILE B 382 31.57 23.09 10.22
C ILE B 382 31.65 24.45 10.88
N LYS B 383 31.31 24.57 12.17
CA LYS B 383 31.35 25.88 12.87
C LYS B 383 32.80 26.41 12.88
N ALA B 384 33.75 25.55 13.19
CA ALA B 384 35.19 25.87 13.27
C ALA B 384 35.67 26.41 11.92
N ALA B 385 35.20 25.78 10.85
CA ALA B 385 35.59 26.13 9.46
C ALA B 385 35.12 27.53 9.07
N LEU B 386 34.01 27.99 9.64
CA LEU B 386 33.41 29.27 9.23
C LEU B 386 33.75 30.39 10.21
N SER B 387 34.58 30.10 11.21
CA SER B 387 34.92 31.09 12.27
C SER B 387 35.39 32.43 11.69
N MET C 1 42.35 -30.50 1.16
CA MET C 1 41.19 -30.66 2.10
C MET C 1 40.56 -32.05 1.93
N ASN C 2 39.30 -32.21 2.35
CA ASN C 2 38.50 -33.48 2.29
C ASN C 2 37.50 -33.41 1.12
N PHE C 3 37.98 -33.63 -0.10
CA PHE C 3 37.18 -33.56 -1.36
C PHE C 3 36.19 -34.71 -1.49
N ASP C 4 36.40 -35.84 -0.78
CA ASP C 4 35.52 -37.03 -0.91
C ASP C 4 34.18 -36.69 -0.25
N LYS C 5 34.17 -35.79 0.76
CA LYS C 5 32.94 -35.31 1.45
C LYS C 5 32.03 -34.67 0.41
N ARG C 6 30.84 -35.24 0.29
CA ARG C 6 29.82 -34.82 -0.68
C ARG C 6 28.99 -33.74 0.01
N GLU C 7 28.86 -32.60 -0.66
CA GLU C 7 28.17 -31.39 -0.15
C GLU C 7 26.76 -31.41 -0.74
N GLU C 8 25.74 -31.15 0.09
CA GLU C 8 24.36 -30.86 -0.36
C GLU C 8 24.34 -29.49 -1.06
N ARG C 9 24.15 -29.46 -2.39
CA ARG C 9 24.03 -28.20 -3.17
C ARG C 9 22.59 -27.93 -3.58
N LEU C 10 21.67 -28.88 -3.39
CA LEU C 10 20.22 -28.67 -3.62
C LEU C 10 19.75 -27.57 -2.65
N GLY C 11 18.78 -26.75 -3.08
CA GLY C 11 18.17 -25.70 -2.24
C GLY C 11 19.11 -24.56 -1.92
N THR C 12 20.13 -24.28 -2.75
CA THR C 12 21.16 -23.22 -2.50
C THR C 12 21.16 -22.16 -3.62
N GLN C 13 20.11 -22.10 -4.43
CA GLN C 13 19.98 -21.18 -5.60
C GLN C 13 21.21 -21.36 -6.51
N SER C 14 21.75 -22.59 -6.58
CA SER C 14 22.77 -23.01 -7.57
C SER C 14 22.16 -23.09 -8.96
N VAL C 15 22.81 -22.50 -9.97
CA VAL C 15 22.39 -22.66 -11.40
C VAL C 15 22.48 -24.15 -11.73
N LYS C 16 23.63 -24.77 -11.44
CA LYS C 16 23.95 -26.20 -11.73
C LYS C 16 22.92 -27.14 -11.13
N TRP C 17 22.60 -27.00 -9.85
CA TRP C 17 21.78 -27.97 -9.09
C TRP C 17 20.31 -27.58 -9.04
N ASP C 18 19.96 -26.29 -9.03
CA ASP C 18 18.56 -25.89 -8.73
C ASP C 18 17.79 -25.46 -9.99
N LYS C 19 18.46 -25.18 -11.10
CA LYS C 19 17.79 -24.60 -12.29
C LYS C 19 17.65 -25.67 -13.37
N THR C 20 17.58 -26.97 -13.01
CA THR C 20 17.56 -28.11 -13.97
C THR C 20 16.16 -28.23 -14.62
N GLY C 21 15.07 -28.00 -13.87
CA GLY C 21 13.67 -27.99 -14.37
C GLY C 21 13.47 -26.97 -15.50
N GLU C 22 13.90 -25.74 -15.26
CA GLU C 22 13.79 -24.57 -16.18
C GLU C 22 14.64 -24.80 -17.45
N LEU C 23 15.87 -25.30 -17.36
CA LEU C 23 16.82 -25.28 -18.52
C LEU C 23 16.91 -26.64 -19.22
N PHE C 24 16.59 -27.76 -18.56
CA PHE C 24 16.70 -29.13 -19.15
C PHE C 24 15.43 -29.96 -18.90
N GLY C 25 14.37 -29.42 -18.30
CA GLY C 25 13.07 -30.11 -18.12
C GLY C 25 13.16 -31.39 -17.30
N VAL C 26 14.12 -31.51 -16.38
CA VAL C 26 14.24 -32.68 -15.43
C VAL C 26 14.64 -32.19 -14.02
N THR C 27 14.33 -32.97 -12.98
CA THR C 27 14.73 -32.73 -11.56
C THR C 27 15.11 -34.05 -10.85
N ASP C 28 15.16 -35.16 -11.59
CA ASP C 28 15.64 -36.47 -11.10
C ASP C 28 17.01 -36.81 -11.73
N ALA C 29 17.80 -35.79 -12.12
CA ALA C 29 19.04 -35.96 -12.92
C ALA C 29 20.27 -35.44 -12.17
N LEU C 30 21.38 -36.20 -12.19
CA LEU C 30 22.69 -35.77 -11.64
C LEU C 30 23.27 -34.65 -12.51
N PRO C 31 23.35 -33.40 -12.00
CA PRO C 31 23.86 -32.28 -12.78
C PRO C 31 25.38 -32.23 -12.87
N MET C 32 25.93 -32.19 -14.09
CA MET C 32 27.38 -32.26 -14.37
C MET C 32 27.67 -31.42 -15.63
N TRP C 33 26.98 -30.28 -15.72
CA TRP C 33 26.96 -29.43 -16.93
C TRP C 33 27.79 -28.16 -16.70
N VAL C 34 27.19 -27.11 -16.10
CA VAL C 34 27.79 -25.74 -16.03
C VAL C 34 29.06 -25.85 -15.18
N ALA C 35 30.08 -25.04 -15.51
CA ALA C 35 31.43 -25.10 -14.93
C ALA C 35 31.51 -24.30 -13.62
N ASP C 36 30.91 -24.84 -12.55
CA ASP C 36 31.29 -24.61 -11.13
C ASP C 36 31.51 -26.00 -10.50
N MET C 37 32.17 -26.09 -9.32
CA MET C 37 32.51 -27.41 -8.72
C MET C 37 31.57 -27.73 -7.57
N ASP C 38 31.51 -28.99 -7.14
CA ASP C 38 30.69 -29.41 -5.98
C ASP C 38 31.50 -29.26 -4.67
N PHE C 39 32.60 -28.49 -4.66
CA PHE C 39 33.52 -28.37 -3.49
C PHE C 39 33.43 -27.01 -2.76
N ARG C 40 33.38 -27.09 -1.42
CA ARG C 40 33.63 -25.95 -0.49
C ARG C 40 34.84 -25.21 -1.00
N ALA C 41 34.78 -23.88 -1.07
CA ALA C 41 35.96 -23.04 -1.40
C ALA C 41 37.03 -23.26 -0.35
N PRO C 42 38.31 -22.91 -0.63
CA PRO C 42 39.39 -22.99 0.35
C PRO C 42 39.07 -22.35 1.70
N GLU C 43 39.67 -22.85 2.79
CA GLU C 43 39.51 -22.22 4.12
C GLU C 43 40.06 -20.78 4.01
N ALA C 44 41.18 -20.57 3.31
CA ALA C 44 41.82 -19.25 3.16
C ALA C 44 40.80 -18.19 2.71
N ILE C 45 40.04 -18.44 1.63
CA ILE C 45 38.98 -17.50 1.15
C ILE C 45 37.85 -17.38 2.19
N THR C 46 37.26 -18.48 2.66
CA THR C 46 36.07 -18.37 3.56
C THR C 46 36.46 -17.68 4.87
N GLU C 47 37.67 -17.92 5.40
CA GLU C 47 38.16 -17.26 6.64
C GLU C 47 38.12 -15.76 6.42
N ALA C 48 38.68 -15.27 5.29
CA ALA C 48 38.77 -13.83 4.95
C ALA C 48 37.37 -13.20 4.83
N LEU C 49 36.38 -13.94 4.31
CA LEU C 49 34.98 -13.48 4.14
C LEU C 49 34.26 -13.40 5.50
N LYS C 50 34.57 -14.31 6.41
CA LYS C 50 33.99 -14.29 7.76
C LYS C 50 34.55 -13.06 8.50
N GLU C 51 35.74 -12.61 8.10
CA GLU C 51 36.43 -11.45 8.74
C GLU C 51 35.73 -10.16 8.29
N ARG C 52 35.50 -10.02 6.99
CA ARG C 52 34.72 -8.88 6.45
C ARG C 52 33.31 -8.93 7.02
N LEU C 53 32.77 -10.12 7.22
CA LEU C 53 31.39 -10.29 7.72
C LEU C 53 31.29 -9.90 9.20
N ASP C 54 32.33 -10.13 9.99
CA ASP C 54 32.33 -9.78 11.43
C ASP C 54 32.37 -8.26 11.55
N HIS C 55 33.04 -7.57 10.63
CA HIS C 55 33.08 -6.10 10.60
C HIS C 55 31.65 -5.54 10.55
N GLY C 56 30.78 -6.12 9.72
CA GLY C 56 29.34 -5.83 9.71
C GLY C 56 28.93 -4.64 8.89
N ILE C 57 29.86 -3.98 8.23
CA ILE C 57 29.56 -2.75 7.46
C ILE C 57 29.94 -3.02 6.01
N PHE C 58 28.98 -2.83 5.11
CA PHE C 58 29.11 -3.18 3.67
C PHE C 58 28.84 -1.95 2.77
N GLY C 59 29.46 -0.81 3.06
CA GLY C 59 29.49 0.38 2.19
C GLY C 59 30.38 0.20 0.98
N TYR C 60 30.56 1.26 0.20
CA TYR C 60 31.40 1.27 -1.03
C TYR C 60 32.82 0.81 -0.65
N THR C 61 33.23 -0.33 -1.21
CA THR C 61 34.55 -1.00 -1.01
C THR C 61 35.28 -1.04 -2.36
N THR C 62 36.59 -0.83 -2.31
CA THR C 62 37.43 -0.60 -3.52
C THR C 62 38.74 -1.38 -3.38
N PRO C 63 39.20 -2.08 -4.44
CA PRO C 63 40.53 -2.69 -4.39
C PRO C 63 41.58 -1.62 -4.09
N ASP C 64 42.71 -2.03 -3.51
CA ASP C 64 43.88 -1.16 -3.28
C ASP C 64 45.14 -1.92 -3.71
N GLN C 65 46.31 -1.38 -3.36
CA GLN C 65 47.65 -1.89 -3.72
C GLN C 65 47.77 -3.36 -3.34
N LYS C 66 47.35 -3.77 -2.14
CA LYS C 66 47.61 -5.16 -1.65
C LYS C 66 46.67 -6.14 -2.40
N THR C 67 45.62 -5.63 -3.07
CA THR C 67 44.70 -6.42 -3.91
C THR C 67 45.43 -6.71 -5.24
N LYS C 68 45.98 -5.67 -5.84
CA LYS C 68 46.73 -5.70 -7.12
C LYS C 68 48.01 -6.52 -6.92
N ASP C 69 48.60 -6.47 -5.73
CA ASP C 69 49.91 -7.10 -5.43
C ASP C 69 49.66 -8.60 -5.31
N ALA C 70 48.56 -9.01 -4.68
CA ALA C 70 48.15 -10.42 -4.50
C ALA C 70 48.06 -11.13 -5.87
N VAL C 71 47.64 -10.38 -6.90
CA VAL C 71 47.44 -10.82 -8.32
C VAL C 71 48.82 -10.95 -8.97
N CYS C 72 49.63 -9.91 -8.81
CA CYS C 72 50.95 -9.78 -9.46
C CYS C 72 51.85 -10.90 -8.93
N GLY C 73 51.73 -11.18 -7.65
CA GLY C 73 52.47 -12.24 -6.94
C GLY C 73 52.08 -13.58 -7.47
N TRP C 74 50.79 -13.81 -7.67
CA TRP C 74 50.27 -15.10 -8.16
C TRP C 74 50.75 -15.33 -9.60
N MET C 75 50.71 -14.33 -10.45
CA MET C 75 51.16 -14.46 -11.85
C MET C 75 52.65 -14.82 -11.92
N GLN C 76 53.44 -14.24 -11.02
CA GLN C 76 54.90 -14.49 -10.89
C GLN C 76 55.13 -15.88 -10.31
N ASN C 77 54.46 -16.25 -9.23
CA ASN C 77 54.68 -17.52 -8.52
C ASN C 77 54.24 -18.73 -9.34
N ARG C 78 52.98 -18.77 -9.78
CA ARG C 78 52.37 -19.91 -10.48
C ARG C 78 52.70 -19.96 -11.97
N HIS C 79 52.89 -18.83 -12.67
CA HIS C 79 53.11 -18.89 -14.14
C HIS C 79 54.41 -18.21 -14.58
N GLY C 80 55.23 -17.70 -13.67
CA GLY C 80 56.52 -17.08 -14.01
C GLY C 80 56.40 -15.81 -14.81
N TRP C 81 55.28 -15.12 -14.70
CA TRP C 81 54.95 -13.94 -15.50
C TRP C 81 54.98 -12.70 -14.62
N LYS C 82 55.61 -11.67 -15.14
CA LYS C 82 55.76 -10.43 -14.39
C LYS C 82 54.74 -9.40 -14.87
N VAL C 83 53.87 -8.97 -13.98
CA VAL C 83 52.77 -8.02 -14.24
C VAL C 83 53.02 -6.76 -13.38
N ASN C 84 53.09 -5.58 -13.99
CA ASN C 84 53.04 -4.31 -13.25
C ASN C 84 51.64 -4.18 -12.68
N PRO C 85 51.49 -3.71 -11.42
CA PRO C 85 50.17 -3.52 -10.83
C PRO C 85 49.33 -2.49 -11.61
N GLU C 86 49.99 -1.61 -12.39
CA GLU C 86 49.32 -0.49 -13.10
C GLU C 86 48.52 -1.02 -14.30
N SER C 87 48.88 -2.21 -14.78
CA SER C 87 48.29 -2.95 -15.94
C SER C 87 46.94 -3.56 -15.57
N ILE C 88 46.63 -3.69 -14.28
CA ILE C 88 45.44 -4.45 -13.81
C ILE C 88 44.19 -3.55 -13.75
N THR C 89 43.11 -3.93 -14.43
CA THR C 89 41.75 -3.38 -14.21
C THR C 89 40.86 -4.49 -13.65
N PHE C 90 40.22 -4.29 -12.52
CA PHE C 90 39.22 -5.26 -12.00
C PHE C 90 37.96 -5.21 -12.88
N SER C 91 37.19 -6.31 -12.89
CA SER C 91 35.95 -6.56 -13.66
C SER C 91 35.08 -7.49 -12.82
N PRO C 92 33.74 -7.34 -12.81
CA PRO C 92 32.89 -8.27 -12.08
C PRO C 92 32.85 -9.66 -12.75
N GLY C 93 33.48 -9.81 -13.90
CA GLY C 93 33.72 -11.15 -14.48
C GLY C 93 34.40 -11.10 -15.83
N VAL C 94 34.74 -12.27 -16.35
CA VAL C 94 35.46 -12.43 -17.64
C VAL C 94 34.48 -12.10 -18.77
N VAL C 95 33.29 -12.71 -18.76
CA VAL C 95 32.19 -12.48 -19.76
C VAL C 95 31.96 -10.96 -19.93
N THR C 96 31.84 -10.19 -18.84
CA THR C 96 31.72 -8.71 -18.84
C THR C 96 32.96 -8.12 -19.51
N ALA C 97 34.16 -8.60 -19.15
CA ALA C 97 35.46 -8.18 -19.72
C ALA C 97 35.45 -8.39 -21.25
N LEU C 98 35.02 -9.55 -21.69
CA LEU C 98 34.89 -9.90 -23.14
C LEU C 98 34.03 -8.84 -23.84
N SER C 99 32.88 -8.53 -23.26
CA SER C 99 31.96 -7.50 -23.80
C SER C 99 32.68 -6.15 -23.87
N MET C 100 33.28 -5.69 -22.77
CA MET C 100 33.94 -4.35 -22.74
C MET C 100 35.03 -4.34 -23.82
N ALA C 101 35.71 -5.48 -24.02
CA ALA C 101 36.85 -5.56 -24.95
C ALA C 101 36.33 -5.48 -26.39
N VAL C 102 35.21 -6.14 -26.66
CA VAL C 102 34.56 -6.00 -27.99
C VAL C 102 34.25 -4.52 -28.22
N GLN C 103 33.62 -3.89 -27.25
CA GLN C 103 33.19 -2.48 -27.37
C GLN C 103 34.39 -1.55 -27.46
N ALA C 104 35.44 -1.84 -26.72
CA ALA C 104 36.68 -1.03 -26.70
C ALA C 104 37.44 -1.12 -28.01
N PHE C 105 37.59 -2.33 -28.60
CA PHE C 105 38.70 -2.59 -29.58
C PHE C 105 38.18 -2.84 -30.99
N THR C 106 36.87 -2.73 -31.20
CA THR C 106 36.22 -2.98 -32.51
C THR C 106 35.18 -1.90 -32.78
N GLU C 107 34.93 -1.62 -34.06
CA GLU C 107 33.78 -0.81 -34.50
C GLU C 107 32.63 -1.77 -34.80
N PRO C 108 31.38 -1.31 -34.67
CA PRO C 108 30.22 -2.08 -35.14
C PRO C 108 30.42 -2.52 -36.59
N GLY C 109 30.00 -3.75 -36.92
CA GLY C 109 30.13 -4.32 -38.26
C GLY C 109 31.47 -5.01 -38.46
N ASP C 110 32.44 -4.73 -37.58
CA ASP C 110 33.76 -5.40 -37.59
C ASP C 110 33.57 -6.90 -37.38
N GLN C 111 34.56 -7.68 -37.82
CA GLN C 111 34.56 -9.14 -37.68
C GLN C 111 35.50 -9.53 -36.54
N VAL C 112 35.10 -10.57 -35.80
CA VAL C 112 35.88 -11.15 -34.69
C VAL C 112 36.05 -12.65 -34.94
N VAL C 113 37.30 -13.09 -34.90
CA VAL C 113 37.68 -14.50 -35.14
C VAL C 113 37.71 -15.23 -33.79
N VAL C 114 37.11 -16.41 -33.76
CA VAL C 114 37.13 -17.36 -32.61
C VAL C 114 37.42 -18.75 -33.18
N GLN C 115 37.80 -19.69 -32.33
CA GLN C 115 38.13 -21.03 -32.85
C GLN C 115 37.12 -22.06 -32.33
N PRO C 116 36.11 -22.45 -33.12
CA PRO C 116 35.11 -23.42 -32.70
C PRO C 116 35.63 -24.87 -32.68
N PRO C 117 35.07 -25.74 -31.81
CA PRO C 117 34.01 -25.35 -30.88
C PRO C 117 34.58 -24.54 -29.69
N VAL C 118 33.78 -23.63 -29.13
CA VAL C 118 34.28 -22.63 -28.15
C VAL C 118 33.14 -22.20 -27.23
N TYR C 119 33.48 -21.89 -25.97
CA TYR C 119 32.62 -21.25 -24.93
C TYR C 119 31.61 -20.30 -25.61
N THR C 120 30.33 -20.58 -25.35
CA THR C 120 29.13 -20.01 -26.04
C THR C 120 29.08 -18.49 -25.91
N PRO C 121 29.42 -17.86 -24.75
CA PRO C 121 29.44 -16.41 -24.65
C PRO C 121 30.41 -15.65 -25.58
N PHE C 122 31.42 -16.29 -26.15
CA PHE C 122 32.31 -15.64 -27.16
C PHE C 122 31.45 -15.14 -28.35
N TYR C 123 30.51 -15.98 -28.81
CA TYR C 123 29.57 -15.74 -29.92
C TYR C 123 28.62 -14.59 -29.53
N HIS C 124 27.88 -14.79 -28.45
CA HIS C 124 26.96 -13.77 -27.86
C HIS C 124 27.67 -12.42 -27.68
N MET C 125 28.82 -12.36 -27.02
CA MET C 125 29.40 -11.03 -26.67
C MET C 125 29.86 -10.32 -27.95
N VAL C 126 30.02 -11.04 -29.07
CA VAL C 126 30.38 -10.44 -30.38
C VAL C 126 29.10 -10.01 -31.12
N GLU C 127 28.17 -10.95 -31.30
CA GLU C 127 26.97 -10.80 -32.17
C GLU C 127 26.01 -9.74 -31.60
N LYS C 128 25.76 -9.79 -30.30
CA LYS C 128 24.84 -8.89 -29.59
C LYS C 128 25.39 -7.47 -29.58
N ASN C 129 26.69 -7.29 -29.81
CA ASN C 129 27.22 -5.91 -29.88
C ASN C 129 27.27 -5.44 -31.34
N GLY C 130 26.71 -6.22 -32.26
CA GLY C 130 26.69 -5.83 -33.67
C GLY C 130 27.99 -6.13 -34.38
N ARG C 131 28.79 -7.01 -33.82
CA ARG C 131 30.01 -7.49 -34.52
C ARG C 131 29.68 -8.88 -35.02
N HIS C 132 30.44 -9.36 -36.00
CA HIS C 132 30.15 -10.65 -36.70
C HIS C 132 31.25 -11.65 -36.39
N ILE C 133 30.85 -12.82 -35.90
CA ILE C 133 31.76 -13.92 -35.53
C ILE C 133 32.37 -14.53 -36.79
N LEU C 134 33.68 -14.67 -36.84
CA LEU C 134 34.32 -15.32 -37.99
C LEU C 134 35.09 -16.55 -37.49
N HIS C 135 34.63 -17.73 -37.89
CA HIS C 135 35.22 -19.01 -37.44
C HIS C 135 36.58 -19.32 -38.08
N ASN C 136 37.46 -19.87 -37.26
CA ASN C 136 38.77 -20.46 -37.63
C ASN C 136 38.70 -21.79 -36.91
N PRO C 137 38.03 -22.79 -37.50
CA PRO C 137 37.70 -24.04 -36.85
C PRO C 137 38.92 -24.86 -36.46
N LEU C 138 38.89 -25.43 -35.25
CA LEU C 138 39.92 -26.38 -34.76
C LEU C 138 39.82 -27.70 -35.54
N LEU C 139 40.99 -28.30 -35.79
CA LEU C 139 41.22 -29.64 -36.41
C LEU C 139 41.48 -30.64 -35.31
N GLU C 140 40.75 -31.75 -35.31
CA GLU C 140 40.93 -32.91 -34.39
C GLU C 140 42.07 -33.78 -34.94
N LYS C 141 43.29 -33.68 -34.38
CA LYS C 141 44.53 -34.40 -34.80
C LYS C 141 45.04 -35.29 -33.66
N ASP C 142 44.90 -36.60 -33.83
CA ASP C 142 45.47 -37.63 -32.93
C ASP C 142 44.75 -37.57 -31.56
N GLY C 143 43.43 -37.30 -31.59
CA GLY C 143 42.57 -37.29 -30.39
C GLY C 143 42.82 -36.06 -29.52
N ALA C 144 43.49 -35.04 -30.06
CA ALA C 144 43.60 -33.69 -29.44
C ALA C 144 43.36 -32.62 -30.51
N TYR C 145 43.01 -31.40 -30.09
CA TYR C 145 42.73 -30.27 -31.00
C TYR C 145 44.08 -29.67 -31.41
N ALA C 146 44.15 -28.95 -32.53
CA ALA C 146 45.35 -28.28 -33.08
C ALA C 146 44.90 -27.14 -34.00
N ILE C 147 45.64 -26.05 -34.08
CA ILE C 147 45.16 -24.84 -34.79
C ILE C 147 45.43 -25.02 -36.28
N ASP C 148 44.42 -24.76 -37.11
CA ASP C 148 44.52 -24.58 -38.57
C ASP C 148 45.13 -23.21 -38.89
N PHE C 149 46.45 -23.11 -38.98
CA PHE C 149 47.18 -21.84 -39.13
C PHE C 149 47.02 -21.24 -40.54
N GLU C 150 46.81 -22.08 -41.57
CA GLU C 150 46.63 -21.62 -42.98
C GLU C 150 45.23 -21.02 -43.11
N ASP C 151 44.23 -21.60 -42.43
CA ASP C 151 42.88 -21.00 -42.39
C ASP C 151 42.95 -19.67 -41.61
N LEU C 152 43.57 -19.72 -40.43
CA LEU C 152 43.71 -18.56 -39.53
C LEU C 152 44.40 -17.43 -40.25
N GLU C 153 45.51 -17.72 -40.95
CA GLU C 153 46.23 -16.69 -41.74
C GLU C 153 45.22 -16.04 -42.69
N THR C 154 44.56 -16.82 -43.55
CA THR C 154 43.51 -16.31 -44.49
C THR C 154 42.52 -15.40 -43.73
N LYS C 155 41.95 -15.89 -42.64
CA LYS C 155 40.87 -15.17 -41.91
C LYS C 155 41.42 -13.87 -41.25
N LEU C 156 42.60 -13.86 -40.63
CA LEU C 156 43.10 -12.62 -39.95
C LEU C 156 43.44 -11.54 -40.99
N SER C 157 43.54 -11.87 -42.27
CA SER C 157 44.03 -10.95 -43.33
C SER C 157 42.84 -10.23 -43.95
N ASP C 158 41.62 -10.70 -43.70
CA ASP C 158 40.39 -9.97 -44.09
C ASP C 158 40.45 -8.64 -43.34
N PRO C 159 40.38 -7.48 -44.05
CA PRO C 159 40.58 -6.18 -43.40
C PRO C 159 39.48 -5.76 -42.40
N SER C 160 38.34 -6.44 -42.39
CA SER C 160 37.26 -6.18 -41.39
C SER C 160 37.52 -6.96 -40.08
N VAL C 161 38.47 -7.90 -40.06
CA VAL C 161 38.92 -8.59 -38.80
C VAL C 161 39.79 -7.61 -38.00
N THR C 162 39.43 -7.38 -36.74
CA THR C 162 40.05 -6.37 -35.85
C THR C 162 40.38 -7.02 -34.51
N LEU C 163 39.81 -8.16 -34.21
CA LEU C 163 39.89 -8.80 -32.89
C LEU C 163 39.92 -10.31 -33.07
N PHE C 164 40.71 -10.96 -32.22
CA PHE C 164 40.76 -12.42 -32.04
C PHE C 164 40.51 -12.74 -30.58
N ILE C 165 39.62 -13.68 -30.27
CA ILE C 165 39.39 -14.18 -28.88
C ILE C 165 39.92 -15.61 -28.73
N LEU C 166 41.00 -15.72 -27.96
CA LEU C 166 41.71 -16.97 -27.62
C LEU C 166 41.10 -17.51 -26.34
N CYS C 167 40.93 -18.82 -26.26
CA CYS C 167 40.55 -19.51 -25.01
C CYS C 167 41.72 -20.46 -24.68
N ASN C 168 42.49 -20.12 -23.62
CA ASN C 168 43.77 -20.81 -23.30
C ASN C 168 43.94 -20.96 -21.79
N PRO C 169 43.76 -22.17 -21.20
CA PRO C 169 43.21 -23.34 -21.91
C PRO C 169 41.83 -23.15 -22.53
N HIS C 170 41.58 -23.90 -23.62
CA HIS C 170 40.39 -23.82 -24.52
C HIS C 170 39.24 -24.58 -23.88
N ASN C 171 38.09 -23.92 -23.77
CA ASN C 171 36.81 -24.49 -23.29
C ASN C 171 35.94 -24.61 -24.55
N PRO C 172 35.53 -25.81 -25.01
CA PRO C 172 35.75 -27.07 -24.30
C PRO C 172 37.02 -27.83 -24.77
N SER C 173 37.41 -28.86 -24.00
CA SER C 173 38.58 -29.76 -24.23
C SER C 173 39.62 -29.63 -23.10
N GLY C 174 39.76 -28.43 -22.51
CA GLY C 174 40.85 -28.06 -21.58
C GLY C 174 42.23 -28.11 -22.25
N ARG C 175 42.25 -27.93 -23.56
CA ARG C 175 43.48 -27.92 -24.36
C ARG C 175 44.32 -26.72 -23.91
N SER C 176 45.55 -26.97 -23.41
CA SER C 176 46.58 -25.93 -23.14
C SER C 176 47.45 -25.82 -24.37
N TRP C 177 47.57 -24.64 -24.97
CA TRP C 177 48.29 -24.47 -26.26
C TRP C 177 49.79 -24.50 -26.02
N SER C 178 50.56 -25.03 -26.96
CA SER C 178 52.04 -24.87 -26.99
C SER C 178 52.42 -23.38 -27.11
N ARG C 179 53.67 -23.06 -26.79
CA ARG C 179 54.24 -21.71 -26.97
C ARG C 179 54.36 -21.43 -28.47
N GLU C 180 54.71 -22.46 -29.25
CA GLU C 180 54.84 -22.38 -30.74
C GLU C 180 53.51 -21.91 -31.33
N ASP C 181 52.41 -22.56 -30.93
CA ASP C 181 51.00 -22.19 -31.27
C ASP C 181 50.78 -20.68 -31.03
N LEU C 182 51.14 -20.18 -29.83
CA LEU C 182 50.82 -18.80 -29.34
C LEU C 182 51.64 -17.73 -30.08
N LEU C 183 52.91 -18.07 -30.39
CA LEU C 183 53.89 -17.21 -31.11
C LEU C 183 53.49 -17.03 -32.59
N LYS C 184 53.02 -18.11 -33.25
CA LYS C 184 52.49 -18.02 -34.63
C LYS C 184 51.20 -17.19 -34.60
N LEU C 185 50.33 -17.53 -33.66
CA LEU C 185 49.08 -16.75 -33.44
C LEU C 185 49.43 -15.27 -33.34
N GLY C 186 50.38 -14.94 -32.44
CA GLY C 186 50.86 -13.56 -32.19
C GLY C 186 51.42 -12.88 -33.43
N GLU C 187 52.29 -13.58 -34.17
CA GLU C 187 52.97 -13.11 -35.41
C GLU C 187 51.91 -12.70 -36.45
N LEU C 188 50.80 -13.44 -36.52
CA LEU C 188 49.72 -13.16 -37.48
C LEU C 188 48.90 -11.94 -37.05
N CYS C 189 48.47 -11.90 -35.78
CA CYS C 189 47.63 -10.80 -35.23
C CYS C 189 48.37 -9.47 -35.31
N LEU C 190 49.69 -9.48 -35.08
CA LEU C 190 50.52 -8.24 -35.07
C LEU C 190 50.64 -7.73 -36.51
N GLU C 191 50.97 -8.64 -37.43
CA GLU C 191 51.18 -8.32 -38.86
C GLU C 191 49.89 -7.77 -39.45
N HIS C 192 48.74 -8.25 -39.00
CA HIS C 192 47.43 -7.88 -39.61
C HIS C 192 46.61 -6.95 -38.70
N GLY C 193 47.23 -6.33 -37.68
CA GLY C 193 46.62 -5.21 -36.92
C GLY C 193 45.38 -5.68 -36.17
N VAL C 194 45.49 -6.77 -35.42
CA VAL C 194 44.37 -7.47 -34.72
C VAL C 194 44.70 -7.50 -33.25
N THR C 195 43.80 -6.98 -32.42
CA THR C 195 43.89 -7.08 -30.95
C THR C 195 43.51 -8.51 -30.53
N VAL C 196 44.27 -9.05 -29.59
CA VAL C 196 44.10 -10.42 -29.01
C VAL C 196 43.49 -10.25 -27.62
N VAL C 197 42.34 -10.89 -27.37
CA VAL C 197 41.78 -11.05 -26.00
C VAL C 197 41.96 -12.51 -25.59
N SER C 198 42.61 -12.77 -24.46
CA SER C 198 43.01 -14.13 -24.04
C SER C 198 42.26 -14.50 -22.76
N ASP C 199 41.27 -15.38 -22.88
CA ASP C 199 40.45 -15.84 -21.75
C ASP C 199 41.31 -16.94 -21.10
N GLU C 200 41.89 -16.67 -19.92
CA GLU C 200 42.84 -17.59 -19.24
C GLU C 200 42.23 -18.10 -17.91
N ILE C 201 40.92 -18.30 -17.86
CA ILE C 201 40.16 -18.49 -16.57
C ILE C 201 40.42 -19.90 -16.06
N HIS C 202 40.63 -20.85 -16.97
CA HIS C 202 40.99 -22.25 -16.67
C HIS C 202 42.49 -22.39 -16.38
N SER C 203 43.28 -21.32 -16.52
CA SER C 203 44.75 -21.38 -16.73
C SER C 203 45.51 -21.75 -15.45
N ASP C 204 44.85 -21.86 -14.28
CA ASP C 204 45.53 -22.14 -12.99
C ASP C 204 45.37 -23.63 -12.70
N LEU C 205 44.40 -24.27 -13.36
CA LEU C 205 44.04 -25.67 -13.09
C LEU C 205 44.80 -26.60 -14.04
N MET C 206 46.12 -26.38 -14.16
CA MET C 206 47.03 -27.22 -14.98
C MET C 206 47.19 -28.62 -14.36
N LEU C 207 47.01 -29.67 -15.18
CA LEU C 207 47.14 -31.10 -14.81
C LEU C 207 48.48 -31.65 -15.28
N TYR C 208 48.93 -32.76 -14.68
CA TYR C 208 49.95 -33.71 -15.22
C TYR C 208 51.23 -32.97 -15.61
N GLY C 209 51.65 -31.99 -14.82
CA GLY C 209 52.86 -31.18 -15.06
C GLY C 209 52.79 -30.25 -16.29
N HIS C 210 51.72 -30.27 -17.10
CA HIS C 210 51.50 -29.26 -18.18
C HIS C 210 51.68 -27.84 -17.61
N LYS C 211 52.25 -26.92 -18.40
CA LYS C 211 52.61 -25.55 -17.96
C LYS C 211 51.89 -24.53 -18.85
N HIS C 212 51.10 -23.65 -18.21
CA HIS C 212 50.33 -22.56 -18.88
C HIS C 212 51.28 -21.49 -19.37
N THR C 213 50.99 -20.91 -20.53
CA THR C 213 51.80 -19.82 -21.15
C THR C 213 50.91 -18.63 -21.47
N PRO C 214 50.91 -17.58 -20.64
CA PRO C 214 50.05 -16.44 -20.90
C PRO C 214 50.53 -15.79 -22.21
N PHE C 215 49.62 -15.51 -23.14
CA PHE C 215 49.93 -14.82 -24.42
C PHE C 215 50.81 -13.58 -24.16
N ALA C 216 50.40 -12.71 -23.24
CA ALA C 216 51.06 -11.41 -22.98
C ALA C 216 52.50 -11.60 -22.47
N SER C 217 52.82 -12.77 -21.91
CA SER C 217 54.16 -13.10 -21.33
C SER C 217 55.22 -13.39 -22.41
N LEU C 218 54.86 -13.41 -23.69
CA LEU C 218 55.73 -13.98 -24.77
C LEU C 218 56.82 -12.97 -25.18
N SER C 219 56.45 -11.70 -25.39
CA SER C 219 57.36 -10.64 -25.86
C SER C 219 56.69 -9.30 -25.54
N ASP C 220 57.42 -8.18 -25.71
CA ASP C 220 56.89 -6.80 -25.50
C ASP C 220 55.78 -6.52 -26.53
N ASP C 221 56.04 -6.80 -27.80
CA ASP C 221 55.08 -6.60 -28.92
C ASP C 221 53.73 -7.26 -28.60
N PHE C 222 53.76 -8.47 -28.05
CA PHE C 222 52.55 -9.33 -27.87
C PHE C 222 51.76 -8.87 -26.62
N ALA C 223 52.45 -8.57 -25.53
CA ALA C 223 51.88 -7.90 -24.36
C ALA C 223 51.10 -6.65 -24.82
N ASP C 224 51.69 -5.87 -25.75
CA ASP C 224 51.21 -4.51 -26.15
C ASP C 224 49.96 -4.59 -27.03
N ILE C 225 49.65 -5.74 -27.62
CA ILE C 225 48.39 -5.88 -28.39
C ILE C 225 47.43 -6.83 -27.64
N SER C 226 47.62 -7.09 -26.33
CA SER C 226 46.88 -8.16 -25.60
C SER C 226 45.95 -7.58 -24.52
N VAL C 227 44.86 -8.28 -24.30
CA VAL C 227 43.96 -8.12 -23.13
C VAL C 227 43.82 -9.50 -22.48
N THR C 228 44.25 -9.67 -21.24
CA THR C 228 44.36 -11.02 -20.62
C THR C 228 43.32 -11.11 -19.52
N CYS C 229 42.33 -11.96 -19.65
CA CYS C 229 41.25 -12.10 -18.63
C CYS C 229 41.67 -13.26 -17.72
N ALA C 230 42.11 -12.95 -16.50
CA ALA C 230 42.38 -13.97 -15.45
C ALA C 230 41.36 -13.79 -14.34
N ALA C 231 41.13 -14.83 -13.57
CA ALA C 231 40.16 -14.76 -12.46
C ALA C 231 40.38 -15.93 -11.52
N PRO C 232 40.11 -15.73 -10.21
CA PRO C 232 40.12 -16.83 -9.26
C PRO C 232 38.86 -17.70 -9.33
N SER C 233 37.86 -17.27 -10.08
CA SER C 233 36.54 -17.96 -10.04
C SER C 233 36.56 -19.43 -10.43
N LYS C 234 37.22 -19.82 -11.52
CA LYS C 234 37.20 -21.24 -11.90
C LYS C 234 38.13 -22.07 -11.01
N THR C 235 39.25 -21.38 -10.70
CA THR C 235 40.35 -21.98 -9.93
C THR C 235 39.90 -22.39 -8.52
N PHE C 236 39.00 -21.63 -7.92
CA PHE C 236 38.75 -21.77 -6.47
C PHE C 236 37.25 -21.96 -6.22
N ASN C 237 36.47 -22.15 -7.29
CA ASN C 237 35.02 -22.43 -7.22
C ASN C 237 34.32 -21.24 -6.55
N ILE C 238 34.65 -20.02 -6.99
CA ILE C 238 34.05 -18.75 -6.46
C ILE C 238 33.50 -17.85 -7.58
N ALA C 239 32.86 -18.46 -8.60
CA ALA C 239 32.12 -17.80 -9.71
C ALA C 239 31.06 -16.88 -9.12
N GLY C 240 30.48 -17.28 -8.00
CA GLY C 240 29.45 -16.48 -7.33
C GLY C 240 29.95 -15.15 -6.78
N LEU C 241 31.27 -14.98 -6.67
CA LEU C 241 31.87 -13.79 -6.02
C LEU C 241 32.06 -12.65 -7.03
N GLN C 242 31.91 -12.89 -8.33
CA GLN C 242 32.10 -11.86 -9.40
C GLN C 242 33.40 -11.08 -9.16
N ALA C 243 34.53 -11.77 -9.20
CA ALA C 243 35.89 -11.17 -9.10
C ALA C 243 36.72 -11.59 -10.30
N SER C 244 37.37 -10.66 -10.96
CA SER C 244 38.24 -11.01 -12.11
C SER C 244 39.26 -9.90 -12.27
N ALA C 245 40.34 -10.18 -12.98
CA ALA C 245 41.49 -9.27 -13.08
C ALA C 245 41.89 -9.26 -14.53
N ILE C 246 41.68 -8.12 -15.18
CA ILE C 246 41.93 -7.91 -16.63
C ILE C 246 43.22 -7.13 -16.72
N ILE C 247 44.26 -7.87 -17.14
CA ILE C 247 45.62 -7.35 -17.42
C ILE C 247 45.71 -6.82 -18.85
N ILE C 248 46.11 -5.57 -19.02
CA ILE C 248 46.25 -4.83 -20.30
C ILE C 248 47.45 -3.91 -20.16
N PRO C 249 48.65 -4.39 -20.56
CA PRO C 249 49.89 -3.58 -20.50
C PRO C 249 49.94 -2.29 -21.34
N ASP C 250 49.37 -2.23 -22.54
CA ASP C 250 49.37 -0.98 -23.36
C ASP C 250 48.47 0.09 -22.72
N ARG C 251 49.04 1.24 -22.37
CA ARG C 251 48.38 2.36 -21.64
C ARG C 251 47.15 2.84 -22.42
N LEU C 252 47.28 3.00 -23.74
CA LEU C 252 46.18 3.55 -24.57
C LEU C 252 45.01 2.57 -24.48
N LYS C 253 45.28 1.30 -24.74
CA LYS C 253 44.26 0.24 -24.72
C LYS C 253 43.66 0.13 -23.31
N ARG C 254 44.45 0.35 -22.26
CA ARG C 254 43.92 0.28 -20.89
C ARG C 254 42.85 1.35 -20.68
N ALA C 255 43.08 2.57 -21.16
CA ALA C 255 42.15 3.72 -21.07
C ALA C 255 40.81 3.37 -21.77
N LYS C 256 40.88 2.87 -23.01
CA LYS C 256 39.72 2.41 -23.81
C LYS C 256 38.93 1.34 -23.03
N PHE C 257 39.59 0.41 -22.36
CA PHE C 257 38.87 -0.68 -21.65
C PHE C 257 38.07 -0.06 -20.51
N SER C 258 38.72 0.83 -19.76
CA SER C 258 38.16 1.60 -18.62
C SER C 258 36.99 2.48 -19.09
N ALA C 259 37.21 3.25 -20.15
CA ALA C 259 36.19 4.13 -20.77
C ALA C 259 34.90 3.32 -20.99
N SER C 260 35.03 2.06 -21.46
CA SER C 260 33.89 1.17 -21.77
C SER C 260 33.20 0.71 -20.47
N LEU C 261 33.95 0.35 -19.43
CA LEU C 261 33.40 0.07 -18.08
C LEU C 261 32.62 1.29 -17.55
N GLN C 262 33.25 2.45 -17.50
CA GLN C 262 32.60 3.66 -16.93
C GLN C 262 31.27 3.89 -17.65
N ARG C 263 31.34 4.00 -18.98
CA ARG C 263 30.19 4.21 -19.89
C ARG C 263 29.06 3.26 -19.53
N ASN C 264 29.38 2.05 -19.08
CA ASN C 264 28.36 1.03 -18.76
C ASN C 264 28.01 1.02 -17.26
N GLY C 265 28.45 2.03 -16.53
CA GLY C 265 28.20 2.18 -15.08
C GLY C 265 28.79 1.01 -14.30
N LEU C 266 29.99 0.58 -14.69
CA LEU C 266 30.78 -0.51 -14.06
C LEU C 266 32.15 0.03 -13.60
N GLY C 267 32.97 -0.87 -13.06
CA GLY C 267 34.36 -0.64 -12.62
C GLY C 267 34.47 -1.00 -11.15
N GLY C 268 33.37 -0.81 -10.44
CA GLY C 268 33.28 -1.14 -9.02
C GLY C 268 33.20 -2.63 -8.84
N LEU C 269 33.85 -3.11 -7.79
CA LEU C 269 33.83 -4.53 -7.38
C LEU C 269 33.08 -4.64 -6.06
N ASN C 270 32.34 -5.72 -5.84
CA ASN C 270 31.60 -5.90 -4.57
C ASN C 270 32.59 -6.20 -3.44
N ALA C 271 32.18 -5.91 -2.20
CA ALA C 271 33.07 -5.90 -1.01
C ALA C 271 33.68 -7.29 -0.80
N PHE C 272 32.92 -8.35 -1.08
CA PHE C 272 33.34 -9.76 -0.89
C PHE C 272 34.30 -10.17 -2.03
N ALA C 273 34.09 -9.68 -3.27
CA ALA C 273 35.05 -9.88 -4.39
C ALA C 273 36.41 -9.38 -3.90
N VAL C 274 36.45 -8.19 -3.32
CA VAL C 274 37.74 -7.51 -3.00
C VAL C 274 38.52 -8.35 -1.98
N THR C 275 37.87 -8.81 -0.91
CA THR C 275 38.44 -9.76 0.06
C THR C 275 38.89 -11.04 -0.65
N ALA C 276 37.95 -11.69 -1.35
CA ALA C 276 38.09 -13.05 -1.94
C ALA C 276 39.32 -13.12 -2.86
N ILE C 277 39.46 -12.17 -3.79
CA ILE C 277 40.53 -12.17 -4.83
C ILE C 277 41.87 -12.06 -4.13
N GLU C 278 41.97 -11.19 -3.13
CA GLU C 278 43.21 -10.99 -2.36
C GLU C 278 43.59 -12.28 -1.61
N ALA C 279 42.65 -12.90 -0.88
CA ALA C 279 42.90 -14.12 -0.08
C ALA C 279 43.28 -15.29 -1.00
N ALA C 280 42.52 -15.54 -2.08
CA ALA C 280 42.75 -16.67 -3.02
C ALA C 280 44.18 -16.64 -3.58
N TYR C 281 44.58 -15.50 -4.13
CA TYR C 281 45.87 -15.39 -4.86
C TYR C 281 47.07 -15.33 -3.89
N SER C 282 46.90 -15.03 -2.61
CA SER C 282 48.05 -14.99 -1.65
C SER C 282 48.08 -16.24 -0.77
N LYS C 283 46.95 -16.84 -0.46
CA LYS C 283 46.88 -17.98 0.49
C LYS C 283 46.31 -19.26 -0.15
N GLY C 284 45.76 -19.24 -1.37
CA GLY C 284 45.04 -20.41 -1.92
C GLY C 284 45.94 -21.52 -2.48
N GLY C 285 47.19 -21.21 -2.85
CA GLY C 285 48.18 -22.12 -3.47
C GLY C 285 48.08 -23.58 -3.01
N PRO C 286 48.20 -23.90 -1.70
CA PRO C 286 48.15 -25.29 -1.23
C PRO C 286 46.85 -26.02 -1.60
N TRP C 287 45.68 -25.43 -1.31
CA TRP C 287 44.36 -25.99 -1.69
C TRP C 287 44.36 -26.35 -3.19
N LEU C 288 44.92 -25.50 -4.04
CA LEU C 288 44.95 -25.68 -5.51
C LEU C 288 45.85 -26.88 -5.87
N ASP C 289 47.07 -26.94 -5.36
CA ASP C 289 47.95 -28.13 -5.58
C ASP C 289 47.15 -29.38 -5.22
N GLU C 290 46.40 -29.39 -4.12
CA GLU C 290 45.68 -30.62 -3.66
C GLU C 290 44.51 -30.86 -4.61
N LEU C 291 43.82 -29.81 -5.05
CA LEU C 291 42.72 -29.94 -6.04
C LEU C 291 43.28 -30.58 -7.31
N ILE C 292 44.40 -30.07 -7.86
CA ILE C 292 45.01 -30.63 -9.11
C ILE C 292 45.03 -32.15 -8.97
N THR C 293 45.57 -32.65 -7.84
CA THR C 293 45.83 -34.09 -7.57
C THR C 293 44.52 -34.86 -7.63
N TYR C 294 43.48 -34.37 -7.01
CA TYR C 294 42.16 -35.04 -6.96
C TYR C 294 41.54 -35.10 -8.37
N ILE C 295 41.78 -34.07 -9.18
CA ILE C 295 41.26 -33.94 -10.57
C ILE C 295 42.00 -34.96 -11.42
N GLU C 296 43.32 -34.99 -11.33
CA GLU C 296 44.12 -35.99 -12.09
C GLU C 296 43.53 -37.38 -11.78
N LYS C 297 43.36 -37.75 -10.51
CA LYS C 297 42.73 -39.03 -10.09
C LYS C 297 41.34 -39.18 -10.71
N ASN C 298 40.51 -38.13 -10.72
CA ASN C 298 39.16 -38.18 -11.35
C ASN C 298 39.31 -38.44 -12.86
N MET C 299 40.26 -37.81 -13.56
CA MET C 299 40.44 -37.96 -15.02
C MET C 299 40.99 -39.36 -15.33
N ASN C 300 41.93 -39.83 -14.51
CA ASN C 300 42.50 -41.20 -14.52
C ASN C 300 41.35 -42.22 -14.47
N GLU C 301 40.45 -42.08 -13.49
CA GLU C 301 39.27 -42.97 -13.28
C GLU C 301 38.32 -42.96 -14.50
N ALA C 302 38.19 -41.78 -15.14
CA ALA C 302 37.28 -41.60 -16.31
C ALA C 302 37.86 -42.33 -17.51
N GLU C 303 39.16 -42.18 -17.77
CA GLU C 303 39.80 -42.86 -18.93
C GLU C 303 39.65 -44.39 -18.76
N ALA C 304 40.04 -44.93 -17.60
CA ALA C 304 39.99 -46.37 -17.27
C ALA C 304 38.58 -46.94 -17.51
N PHE C 305 37.58 -46.30 -16.89
CA PHE C 305 36.18 -46.78 -16.87
C PHE C 305 35.57 -46.70 -18.27
N LEU C 306 35.82 -45.61 -19.02
CA LEU C 306 35.34 -45.43 -20.42
C LEU C 306 36.04 -46.46 -21.35
N SER C 307 37.37 -46.47 -21.41
CA SER C 307 38.10 -47.38 -22.35
C SER C 307 37.84 -48.87 -21.99
N THR C 308 37.40 -49.16 -20.76
CA THR C 308 36.97 -50.51 -20.31
C THR C 308 35.50 -50.76 -20.66
N GLU C 309 34.56 -49.89 -20.23
CA GLU C 309 33.08 -50.19 -20.22
C GLU C 309 32.34 -49.60 -21.45
N LEU C 310 32.81 -48.48 -22.02
CA LEU C 310 32.24 -47.80 -23.22
C LEU C 310 33.38 -47.47 -24.18
N PRO C 311 34.02 -48.46 -24.83
CA PRO C 311 35.21 -48.21 -25.67
C PRO C 311 34.96 -47.41 -26.98
N LYS C 312 33.68 -47.21 -27.32
CA LYS C 312 33.24 -46.44 -28.50
C LYS C 312 33.27 -44.94 -28.20
N VAL C 313 33.11 -44.53 -26.93
CA VAL C 313 33.33 -43.13 -26.43
C VAL C 313 34.81 -42.80 -26.56
N LYS C 314 35.18 -41.67 -27.19
CA LYS C 314 36.57 -41.15 -27.22
C LYS C 314 36.66 -39.89 -26.33
N MET C 315 37.21 -40.08 -25.13
CA MET C 315 37.57 -39.01 -24.15
C MET C 315 38.83 -38.30 -24.66
N MET C 316 38.78 -36.98 -24.87
CA MET C 316 40.00 -36.15 -24.96
C MET C 316 40.49 -35.94 -23.51
N LYS C 317 41.67 -36.47 -23.15
CA LYS C 317 42.33 -36.12 -21.86
C LYS C 317 42.58 -34.61 -21.88
N PRO C 318 42.00 -33.85 -20.93
CA PRO C 318 42.30 -32.41 -20.82
C PRO C 318 43.68 -32.14 -20.20
N ASP C 319 44.40 -31.17 -20.76
CA ASP C 319 45.68 -30.68 -20.21
C ASP C 319 45.39 -29.82 -18.97
N ALA C 320 44.18 -29.26 -18.87
CA ALA C 320 43.80 -28.37 -17.74
C ALA C 320 42.31 -28.50 -17.39
N SER C 321 42.00 -28.16 -16.14
CA SER C 321 40.65 -27.92 -15.60
C SER C 321 39.91 -29.24 -15.43
N TYR C 322 38.64 -29.18 -15.02
CA TYR C 322 37.89 -30.34 -14.45
C TYR C 322 36.79 -30.81 -15.39
N LEU C 323 36.80 -30.33 -16.63
CA LEU C 323 35.73 -30.58 -17.62
C LEU C 323 36.25 -31.48 -18.73
N ILE C 324 35.47 -32.50 -19.06
CA ILE C 324 35.86 -33.52 -20.07
C ILE C 324 35.03 -33.43 -21.34
N TRP C 325 35.69 -33.31 -22.47
CA TRP C 325 35.04 -33.34 -23.81
C TRP C 325 34.94 -34.81 -24.24
N LEU C 326 33.73 -35.36 -24.30
CA LEU C 326 33.53 -36.77 -24.68
C LEU C 326 32.91 -36.86 -26.08
N ASP C 327 33.53 -37.59 -26.98
CA ASP C 327 33.04 -37.84 -28.38
C ASP C 327 32.17 -39.10 -28.34
N PHE C 328 30.86 -38.98 -28.62
CA PHE C 328 29.88 -40.09 -28.72
C PHE C 328 29.49 -40.38 -30.17
N SER C 329 30.22 -39.89 -31.16
CA SER C 329 29.78 -39.93 -32.58
C SER C 329 29.80 -41.38 -33.10
N ALA C 330 30.67 -42.24 -32.55
CA ALA C 330 30.79 -43.66 -32.95
C ALA C 330 29.47 -44.40 -32.70
N TYR C 331 28.56 -43.84 -31.90
CA TYR C 331 27.28 -44.51 -31.55
C TYR C 331 26.31 -44.33 -32.70
N GLY C 332 26.49 -43.25 -33.48
CA GLY C 332 25.59 -42.82 -34.56
C GLY C 332 24.24 -42.34 -34.06
N LEU C 333 24.15 -41.85 -32.81
CA LEU C 333 22.90 -41.19 -32.31
C LEU C 333 22.89 -39.74 -32.80
N SER C 334 21.74 -39.14 -33.09
CA SER C 334 21.67 -37.67 -33.34
C SER C 334 22.02 -36.93 -32.04
N ASP C 335 22.54 -35.72 -32.17
CA ASP C 335 22.76 -34.77 -31.03
C ASP C 335 21.49 -34.74 -30.16
N ALA C 336 20.28 -34.64 -30.73
CA ALA C 336 18.99 -34.64 -29.98
C ALA C 336 18.76 -35.98 -29.26
N GLU C 337 18.98 -37.11 -29.94
CA GLU C 337 18.79 -38.47 -29.38
C GLU C 337 19.77 -38.63 -28.21
N LEU C 338 21.04 -38.30 -28.45
CA LEU C 338 22.11 -38.35 -27.41
C LEU C 338 21.66 -37.59 -26.16
N GLN C 339 21.28 -36.32 -26.31
CA GLN C 339 20.84 -35.53 -25.14
C GLN C 339 19.70 -36.29 -24.46
N GLN C 340 18.64 -36.64 -25.22
CA GLN C 340 17.41 -37.31 -24.72
C GLN C 340 17.76 -38.52 -23.84
N ARG C 341 18.67 -39.38 -24.30
CA ARG C 341 19.12 -40.60 -23.61
C ARG C 341 19.73 -40.26 -22.25
N MET C 342 20.60 -39.24 -22.18
CA MET C 342 21.29 -38.85 -20.91
C MET C 342 20.27 -38.33 -19.89
N LEU C 343 19.37 -37.42 -20.29
CA LEU C 343 18.43 -36.76 -19.38
C LEU C 343 17.33 -37.72 -18.90
N LYS C 344 16.81 -38.58 -19.80
CA LYS C 344 15.60 -39.43 -19.56
C LYS C 344 15.95 -40.85 -19.10
N LYS C 345 16.93 -41.50 -19.74
CA LYS C 345 17.29 -42.93 -19.51
C LYS C 345 18.43 -43.00 -18.46
N GLY C 346 19.58 -42.36 -18.68
CA GLY C 346 20.67 -42.32 -17.69
C GLY C 346 20.38 -41.40 -16.51
N LYS C 347 19.53 -40.39 -16.70
CA LYS C 347 19.24 -39.29 -15.72
C LYS C 347 20.55 -38.59 -15.31
N VAL C 348 21.36 -38.15 -16.28
CA VAL C 348 22.59 -37.35 -16.01
C VAL C 348 22.63 -36.19 -17.00
N ILE C 349 23.13 -35.03 -16.57
CA ILE C 349 23.10 -33.78 -17.38
C ILE C 349 24.52 -33.36 -17.78
N LEU C 350 24.79 -33.39 -19.08
CA LEU C 350 26.04 -32.90 -19.71
C LEU C 350 25.70 -31.65 -20.54
N GLU C 351 26.68 -30.80 -20.86
CA GLU C 351 26.52 -29.69 -21.82
C GLU C 351 26.47 -30.29 -23.22
N PRO C 352 25.36 -30.14 -23.98
CA PRO C 352 25.30 -30.71 -25.33
C PRO C 352 26.33 -29.94 -26.15
N GLY C 353 27.18 -30.68 -26.86
CA GLY C 353 28.28 -30.13 -27.68
C GLY C 353 27.81 -29.06 -28.64
N THR C 354 26.54 -29.09 -29.02
CA THR C 354 25.98 -28.15 -30.02
C THR C 354 26.09 -26.72 -29.49
N LYS C 355 25.98 -26.51 -28.17
CA LYS C 355 26.18 -25.20 -27.48
C LYS C 355 27.42 -24.48 -28.04
N TYR C 356 28.51 -25.21 -28.31
CA TYR C 356 29.86 -24.68 -28.60
C TYR C 356 30.00 -24.43 -30.11
N GLY C 357 29.02 -24.84 -30.92
CA GLY C 357 28.97 -24.49 -32.36
C GLY C 357 29.63 -25.54 -33.25
N PRO C 358 30.11 -25.17 -34.45
CA PRO C 358 30.71 -26.14 -35.37
C PRO C 358 31.82 -26.96 -34.70
N GLY C 359 31.90 -28.25 -35.04
CA GLY C 359 32.85 -29.21 -34.46
C GLY C 359 32.33 -29.78 -33.15
N GLY C 360 31.15 -29.30 -32.72
CA GLY C 360 30.51 -29.64 -31.45
C GLY C 360 29.60 -30.86 -31.56
N GLU C 361 29.16 -31.21 -32.79
CA GLU C 361 28.21 -32.31 -33.10
C GLU C 361 28.84 -33.61 -32.59
N GLY C 362 28.03 -34.49 -31.99
CA GLY C 362 28.51 -35.79 -31.46
C GLY C 362 29.20 -35.69 -30.11
N PHE C 363 29.57 -34.49 -29.64
CA PHE C 363 30.27 -34.32 -28.33
C PHE C 363 29.30 -33.86 -27.25
N MET C 364 29.60 -34.21 -26.00
CA MET C 364 29.03 -33.56 -24.80
C MET C 364 30.17 -33.31 -23.81
N ARG C 365 30.00 -32.38 -22.87
CA ARG C 365 31.04 -32.01 -21.87
C ARG C 365 30.60 -32.48 -20.48
N LEU C 366 31.43 -33.31 -19.85
CA LEU C 366 31.20 -33.87 -18.49
C LEU C 366 32.00 -33.02 -17.50
N ASN C 367 31.30 -32.49 -16.49
CA ASN C 367 31.88 -31.80 -15.30
C ASN C 367 32.34 -32.83 -14.26
N ALA C 368 33.67 -32.99 -14.12
CA ALA C 368 34.29 -33.92 -13.14
C ALA C 368 34.91 -33.12 -11.99
N GLY C 369 34.49 -31.86 -11.81
CA GLY C 369 34.74 -31.07 -10.60
C GLY C 369 33.79 -31.48 -9.48
N CYS C 370 33.93 -32.74 -9.01
CA CYS C 370 33.03 -33.38 -8.03
C CYS C 370 33.81 -34.51 -7.31
N SER C 371 33.23 -35.05 -6.25
CA SER C 371 33.75 -36.23 -5.54
C SER C 371 33.92 -37.34 -6.57
N LEU C 372 34.94 -38.18 -6.38
CA LEU C 372 35.08 -39.48 -7.11
C LEU C 372 33.74 -40.24 -7.06
N ALA C 373 33.13 -40.47 -5.88
CA ALA C 373 31.82 -41.14 -5.73
C ALA C 373 30.77 -40.58 -6.72
N THR C 374 30.69 -39.25 -6.87
CA THR C 374 29.73 -38.53 -7.76
C THR C 374 30.07 -38.82 -9.23
N LEU C 375 31.33 -38.60 -9.63
CA LEU C 375 31.82 -38.87 -11.00
C LEU C 375 31.52 -40.32 -11.37
N GLN C 376 31.79 -41.27 -10.46
CA GLN C 376 31.54 -42.72 -10.68
C GLN C 376 30.05 -42.92 -11.02
N ASP C 377 29.17 -42.21 -10.30
CA ASP C 377 27.70 -42.33 -10.47
C ASP C 377 27.30 -41.91 -11.90
N GLY C 378 27.90 -40.83 -12.40
CA GLY C 378 27.55 -40.25 -13.72
C GLY C 378 28.11 -41.06 -14.86
N LEU C 379 29.31 -41.61 -14.68
CA LEU C 379 29.87 -42.62 -15.60
C LEU C 379 28.88 -43.80 -15.70
N ARG C 380 28.43 -44.39 -14.59
CA ARG C 380 27.32 -45.40 -14.53
C ARG C 380 26.09 -44.89 -15.32
N ARG C 381 25.71 -43.63 -15.12
CA ARG C 381 24.51 -43.07 -15.79
C ARG C 381 24.79 -42.90 -17.31
N ILE C 382 26.01 -42.50 -17.70
CA ILE C 382 26.39 -42.33 -19.14
C ILE C 382 26.29 -43.70 -19.82
N LYS C 383 26.77 -44.78 -19.18
CA LYS C 383 26.67 -46.19 -19.67
C LYS C 383 25.20 -46.61 -19.81
N ALA C 384 24.42 -46.59 -18.72
CA ALA C 384 22.98 -46.97 -18.73
C ALA C 384 22.28 -46.32 -19.92
N ALA C 385 22.64 -45.07 -20.20
CA ALA C 385 22.02 -44.21 -21.23
C ALA C 385 22.33 -44.72 -22.65
N LEU C 386 23.42 -45.49 -22.85
CA LEU C 386 23.98 -45.87 -24.18
C LEU C 386 23.81 -47.37 -24.53
N ASN D 2 -43.03 31.75 3.20
CA ASN D 2 -43.59 32.12 1.86
C ASN D 2 -43.23 31.11 0.75
N PHE D 3 -44.17 30.27 0.30
CA PHE D 3 -43.93 29.09 -0.57
C PHE D 3 -43.78 29.43 -2.06
N ASP D 4 -43.96 30.68 -2.48
CA ASP D 4 -43.79 31.03 -3.93
C ASP D 4 -42.34 31.44 -4.21
N LYS D 5 -41.49 31.62 -3.20
CA LYS D 5 -40.06 31.97 -3.42
C LYS D 5 -39.41 30.85 -4.24
N ARG D 6 -38.82 31.20 -5.38
CA ARG D 6 -38.04 30.29 -6.28
C ARG D 6 -36.80 29.85 -5.50
N GLU D 7 -36.59 28.53 -5.38
CA GLU D 7 -35.58 27.91 -4.48
C GLU D 7 -34.69 27.02 -5.35
N GLU D 8 -33.39 27.30 -5.44
CA GLU D 8 -32.40 26.52 -6.26
C GLU D 8 -31.94 25.25 -5.51
N ARG D 9 -32.21 24.05 -6.04
CA ARG D 9 -31.82 22.78 -5.38
C ARG D 9 -30.78 22.02 -6.21
N LEU D 10 -30.50 22.43 -7.45
CA LEU D 10 -29.34 21.88 -8.20
C LEU D 10 -28.06 22.27 -7.46
N GLY D 11 -27.20 21.27 -7.23
CA GLY D 11 -25.85 21.39 -6.65
C GLY D 11 -25.86 21.33 -5.13
N THR D 12 -26.81 20.63 -4.52
CA THR D 12 -27.06 20.65 -3.05
C THR D 12 -27.11 19.21 -2.53
N GLN D 13 -26.52 18.27 -3.29
CA GLN D 13 -26.44 16.81 -2.94
C GLN D 13 -27.84 16.25 -2.67
N SER D 14 -28.86 16.84 -3.31
CA SER D 14 -30.28 16.41 -3.27
C SER D 14 -30.41 15.18 -4.18
N VAL D 15 -30.87 14.07 -3.63
CA VAL D 15 -31.27 12.87 -4.43
C VAL D 15 -32.25 13.37 -5.50
N LYS D 16 -33.27 14.10 -5.09
CA LYS D 16 -34.36 14.51 -6.00
C LYS D 16 -33.83 15.23 -7.24
N TRP D 17 -32.89 16.17 -7.08
CA TRP D 17 -32.48 17.13 -8.13
C TRP D 17 -31.11 16.78 -8.77
N ASP D 18 -30.19 16.11 -8.06
CA ASP D 18 -28.78 15.91 -8.48
C ASP D 18 -28.48 14.44 -8.86
N LYS D 19 -29.43 13.52 -8.70
CA LYS D 19 -29.20 12.05 -8.92
C LYS D 19 -30.06 11.52 -10.08
N THR D 20 -30.54 12.41 -10.96
CA THR D 20 -31.47 12.04 -12.06
C THR D 20 -30.73 11.29 -13.17
N GLY D 21 -29.53 11.75 -13.53
CA GLY D 21 -28.60 11.12 -14.50
C GLY D 21 -28.44 9.63 -14.24
N GLU D 22 -28.09 9.28 -12.99
CA GLU D 22 -27.86 7.90 -12.47
C GLU D 22 -29.17 7.11 -12.37
N LEU D 23 -30.28 7.71 -11.93
CA LEU D 23 -31.51 6.93 -11.58
C LEU D 23 -32.54 6.92 -12.71
N PHE D 24 -32.50 7.87 -13.66
CA PHE D 24 -33.54 8.02 -14.74
C PHE D 24 -32.92 8.25 -16.13
N GLY D 25 -31.60 8.44 -16.25
CA GLY D 25 -30.87 8.56 -17.54
C GLY D 25 -31.11 9.90 -18.22
N VAL D 26 -31.41 10.95 -17.44
CA VAL D 26 -31.66 12.32 -17.95
C VAL D 26 -31.11 13.34 -16.93
N THR D 27 -30.66 14.50 -17.43
CA THR D 27 -30.28 15.70 -16.63
C THR D 27 -31.00 16.97 -17.10
N ASP D 28 -31.87 16.92 -18.12
CA ASP D 28 -32.62 18.10 -18.65
C ASP D 28 -34.12 18.05 -18.28
N ALA D 29 -34.52 17.35 -17.21
CA ALA D 29 -35.95 17.14 -16.85
C ALA D 29 -36.26 17.73 -15.47
N LEU D 30 -37.47 18.27 -15.31
CA LEU D 30 -37.99 18.77 -14.02
C LEU D 30 -38.29 17.57 -13.13
N PRO D 31 -37.64 17.42 -11.94
CA PRO D 31 -37.86 16.26 -11.09
C PRO D 31 -39.06 16.47 -10.17
N MET D 32 -40.05 15.58 -10.24
CA MET D 32 -41.26 15.65 -9.39
C MET D 32 -41.63 14.22 -8.90
N TRP D 33 -40.60 13.50 -8.43
CA TRP D 33 -40.69 12.05 -8.14
C TRP D 33 -40.58 11.80 -6.62
N VAL D 34 -39.37 11.67 -6.07
CA VAL D 34 -39.15 11.22 -4.66
C VAL D 34 -39.82 12.23 -3.72
N ALA D 35 -40.37 11.74 -2.60
CA ALA D 35 -41.19 12.52 -1.65
C ALA D 35 -40.32 13.30 -0.65
N ASP D 36 -39.64 14.34 -1.14
CA ASP D 36 -39.29 15.53 -0.33
C ASP D 36 -39.76 16.75 -1.12
N MET D 37 -39.88 17.91 -0.44
CA MET D 37 -40.50 19.13 -1.03
C MET D 37 -39.40 20.03 -1.58
N ASP D 38 -39.74 21.03 -2.40
CA ASP D 38 -38.78 22.06 -2.90
C ASP D 38 -38.78 23.32 -1.97
N PHE D 39 -39.29 23.21 -0.74
CA PHE D 39 -39.38 24.38 0.18
C PHE D 39 -38.37 24.29 1.33
N ARG D 40 -37.93 25.45 1.77
CA ARG D 40 -37.24 25.68 3.07
C ARG D 40 -38.09 25.08 4.19
N ALA D 41 -37.41 24.45 5.16
CA ALA D 41 -38.01 23.96 6.42
C ALA D 41 -38.64 25.13 7.17
N PRO D 42 -39.55 24.89 8.13
CA PRO D 42 -40.00 25.93 9.04
C PRO D 42 -38.87 26.66 9.76
N GLU D 43 -39.05 27.97 9.94
CA GLU D 43 -38.10 28.84 10.67
C GLU D 43 -37.95 28.32 12.10
N ALA D 44 -39.00 27.73 12.67
CA ALA D 44 -38.98 27.20 14.05
C ALA D 44 -37.93 26.09 14.18
N ILE D 45 -37.67 25.35 13.09
CA ILE D 45 -36.58 24.32 13.06
C ILE D 45 -35.28 25.00 12.69
N THR D 46 -35.20 25.80 11.63
CA THR D 46 -33.90 26.42 11.23
C THR D 46 -33.35 27.32 12.35
N GLU D 47 -34.18 28.00 13.14
CA GLU D 47 -33.67 28.92 14.20
C GLU D 47 -33.07 28.07 15.31
N ALA D 48 -33.71 26.95 15.68
CA ALA D 48 -33.19 26.09 16.75
C ALA D 48 -31.91 25.38 16.26
N LEU D 49 -31.82 25.02 14.98
CA LEU D 49 -30.56 24.51 14.38
C LEU D 49 -29.42 25.52 14.52
N LYS D 50 -29.62 26.82 14.21
CA LYS D 50 -28.58 27.88 14.35
C LYS D 50 -28.04 27.92 15.79
N GLU D 51 -28.93 27.74 16.77
CA GLU D 51 -28.59 27.80 18.21
C GLU D 51 -27.56 26.71 18.51
N ARG D 52 -27.80 25.48 18.04
CA ARG D 52 -26.89 24.34 18.30
C ARG D 52 -25.59 24.54 17.50
N LEU D 53 -25.66 25.10 16.29
CA LEU D 53 -24.47 25.45 15.47
C LEU D 53 -23.61 26.49 16.21
N ASP D 54 -24.21 27.48 16.87
CA ASP D 54 -23.47 28.62 17.48
C ASP D 54 -22.71 28.07 18.72
N HIS D 55 -23.31 27.12 19.43
CA HIS D 55 -22.69 26.44 20.61
C HIS D 55 -21.38 25.73 20.18
N GLY D 56 -21.29 25.16 18.96
CA GLY D 56 -20.02 24.90 18.23
C GLY D 56 -19.35 23.56 18.56
N ILE D 57 -19.98 22.78 19.46
CA ILE D 57 -19.54 21.43 19.91
C ILE D 57 -20.64 20.42 19.56
N PHE D 58 -20.22 19.28 19.00
CA PHE D 58 -21.10 18.26 18.36
C PHE D 58 -20.63 16.87 18.79
N GLY D 59 -20.47 16.70 20.09
CA GLY D 59 -20.20 15.39 20.68
C GLY D 59 -21.46 14.57 20.75
N TYR D 60 -21.36 13.41 21.38
CA TYR D 60 -22.50 12.50 21.67
C TYR D 60 -23.62 13.33 22.29
N THR D 61 -24.74 13.40 21.57
CA THR D 61 -25.98 14.12 21.94
C THR D 61 -27.15 13.15 22.01
N THR D 62 -27.96 13.24 23.05
CA THR D 62 -29.05 12.27 23.32
C THR D 62 -30.38 12.99 23.50
N PRO D 63 -31.49 12.46 22.93
CA PRO D 63 -32.84 12.83 23.38
C PRO D 63 -32.96 12.78 24.91
N ASP D 64 -33.78 13.69 25.47
CA ASP D 64 -34.08 13.85 26.92
C ASP D 64 -35.61 13.82 27.06
N GLN D 65 -36.12 14.14 28.25
CA GLN D 65 -37.58 14.11 28.57
C GLN D 65 -38.31 15.17 27.72
N LYS D 66 -37.68 16.32 27.48
CA LYS D 66 -38.35 17.45 26.78
C LYS D 66 -38.43 17.12 25.27
N THR D 67 -37.57 16.24 24.77
CA THR D 67 -37.73 15.67 23.40
C THR D 67 -38.99 14.80 23.35
N LYS D 68 -39.22 13.96 24.35
CA LYS D 68 -40.36 13.01 24.30
C LYS D 68 -41.68 13.77 24.52
N ASP D 69 -41.64 14.83 25.33
CA ASP D 69 -42.74 15.78 25.63
C ASP D 69 -43.20 16.51 24.37
N ALA D 70 -42.26 17.04 23.59
CA ALA D 70 -42.54 17.61 22.24
C ALA D 70 -43.42 16.62 21.46
N VAL D 71 -43.02 15.35 21.39
CA VAL D 71 -43.71 14.27 20.62
C VAL D 71 -45.10 14.06 21.21
N CYS D 72 -45.23 13.90 22.54
CA CYS D 72 -46.56 13.70 23.22
C CYS D 72 -47.47 14.93 23.05
N GLY D 73 -46.87 16.13 23.06
CA GLY D 73 -47.54 17.42 22.82
C GLY D 73 -48.23 17.44 21.47
N TRP D 74 -47.51 17.03 20.43
CA TRP D 74 -48.03 16.98 19.03
C TRP D 74 -49.20 16.01 18.92
N MET D 75 -49.04 14.82 19.47
CA MET D 75 -50.00 13.72 19.30
C MET D 75 -51.29 14.08 20.04
N GLN D 76 -51.16 14.72 21.21
CA GLN D 76 -52.29 15.28 21.97
C GLN D 76 -52.92 16.45 21.18
N ASN D 77 -52.16 17.45 20.76
CA ASN D 77 -52.70 18.70 20.18
C ASN D 77 -53.24 18.45 18.76
N ARG D 78 -52.49 17.77 17.89
CA ARG D 78 -52.91 17.51 16.48
C ARG D 78 -53.93 16.38 16.42
N HIS D 79 -53.86 15.32 17.25
CA HIS D 79 -54.67 14.07 17.06
C HIS D 79 -55.62 13.78 18.23
N GLY D 80 -55.34 14.18 19.46
CA GLY D 80 -56.18 13.78 20.60
C GLY D 80 -55.82 12.38 21.04
N TRP D 81 -54.54 12.02 20.88
CA TRP D 81 -54.00 10.69 21.26
C TRP D 81 -53.09 10.88 22.47
N LYS D 82 -53.46 10.31 23.64
CA LYS D 82 -52.56 10.33 24.82
C LYS D 82 -51.46 9.27 24.60
N VAL D 83 -50.22 9.71 24.59
CA VAL D 83 -48.99 8.89 24.44
C VAL D 83 -48.13 9.13 25.68
N ASN D 84 -47.86 8.09 26.47
CA ASN D 84 -46.91 8.14 27.61
C ASN D 84 -45.50 8.17 27.01
N PRO D 85 -44.60 9.07 27.48
CA PRO D 85 -43.20 9.10 27.02
C PRO D 85 -42.40 7.78 27.02
N GLU D 86 -42.68 6.86 27.95
CA GLU D 86 -42.07 5.51 28.08
C GLU D 86 -42.27 4.71 26.78
N SER D 87 -43.32 5.02 26.03
CA SER D 87 -43.73 4.33 24.79
C SER D 87 -42.84 4.71 23.61
N ILE D 88 -42.12 5.83 23.69
CA ILE D 88 -41.38 6.36 22.51
C ILE D 88 -39.96 5.78 22.48
N THR D 89 -39.61 5.19 21.34
CA THR D 89 -38.22 4.85 20.98
C THR D 89 -37.86 5.65 19.75
N PHE D 90 -36.76 6.38 19.78
CA PHE D 90 -36.22 7.15 18.62
C PHE D 90 -35.53 6.18 17.65
N SER D 91 -35.64 6.52 16.37
CA SER D 91 -35.07 5.80 15.20
C SER D 91 -34.57 6.83 14.20
N PRO D 92 -33.48 6.54 13.43
CA PRO D 92 -33.01 7.48 12.41
C PRO D 92 -33.98 7.64 11.22
N GLY D 93 -35.05 6.86 11.15
CA GLY D 93 -35.96 6.89 9.98
C GLY D 93 -37.09 5.89 10.11
N VAL D 94 -38.15 6.04 9.32
CA VAL D 94 -39.28 5.09 9.34
C VAL D 94 -38.90 3.79 8.57
N VAL D 95 -38.16 3.85 7.47
CA VAL D 95 -37.71 2.60 6.79
C VAL D 95 -36.87 1.79 7.79
N THR D 96 -35.89 2.41 8.46
CA THR D 96 -35.11 1.76 9.54
C THR D 96 -36.08 1.13 10.55
N ALA D 97 -37.11 1.83 10.97
CA ALA D 97 -38.08 1.32 11.96
C ALA D 97 -38.74 0.07 11.41
N LEU D 98 -39.12 0.09 10.13
CA LEU D 98 -39.90 -1.01 9.50
C LEU D 98 -39.00 -2.23 9.54
N SER D 99 -37.75 -2.12 9.08
CA SER D 99 -36.79 -3.25 9.11
C SER D 99 -36.73 -3.85 10.52
N MET D 100 -36.52 -2.99 11.52
CA MET D 100 -36.39 -3.37 12.94
C MET D 100 -37.67 -4.09 13.39
N ALA D 101 -38.84 -3.57 13.01
CA ALA D 101 -40.13 -4.14 13.43
C ALA D 101 -40.24 -5.55 12.86
N VAL D 102 -39.93 -5.68 11.58
CA VAL D 102 -39.96 -7.00 10.85
C VAL D 102 -39.06 -8.00 11.58
N GLN D 103 -37.85 -7.58 12.00
CA GLN D 103 -36.83 -8.47 12.60
C GLN D 103 -37.27 -8.84 14.02
N ALA D 104 -38.02 -7.96 14.68
CA ALA D 104 -38.34 -8.07 16.12
C ALA D 104 -39.61 -8.89 16.32
N PHE D 105 -40.55 -8.79 15.38
CA PHE D 105 -41.95 -9.21 15.57
C PHE D 105 -42.33 -10.40 14.67
N THR D 106 -41.40 -10.90 13.84
CA THR D 106 -41.61 -12.09 12.98
C THR D 106 -40.43 -13.08 13.12
N GLU D 107 -40.63 -14.27 12.58
CA GLU D 107 -39.59 -15.30 12.40
C GLU D 107 -39.25 -15.28 10.92
N PRO D 108 -38.00 -15.62 10.53
CA PRO D 108 -37.73 -15.98 9.14
C PRO D 108 -38.74 -17.04 8.62
N GLY D 109 -39.25 -16.86 7.40
CA GLY D 109 -40.27 -17.74 6.82
C GLY D 109 -41.69 -17.25 7.08
N ASP D 110 -41.89 -16.41 8.12
CA ASP D 110 -43.21 -15.81 8.43
C ASP D 110 -43.72 -15.00 7.24
N GLN D 111 -45.04 -14.84 7.12
CA GLN D 111 -45.70 -14.06 6.06
C GLN D 111 -46.12 -12.70 6.64
N VAL D 112 -45.95 -11.66 5.85
CA VAL D 112 -46.28 -10.25 6.20
C VAL D 112 -47.26 -9.72 5.15
N VAL D 113 -48.45 -9.33 5.59
CA VAL D 113 -49.50 -8.73 4.71
C VAL D 113 -49.19 -7.23 4.54
N VAL D 114 -49.38 -6.75 3.32
CA VAL D 114 -49.38 -5.30 2.97
C VAL D 114 -50.47 -5.12 1.89
N GLN D 115 -50.85 -3.87 1.67
CA GLN D 115 -51.94 -3.51 0.75
C GLN D 115 -51.39 -2.82 -0.50
N PRO D 116 -51.14 -3.55 -1.59
CA PRO D 116 -50.64 -2.94 -2.81
C PRO D 116 -51.72 -2.24 -3.62
N PRO D 117 -51.34 -1.23 -4.41
CA PRO D 117 -49.94 -0.81 -4.53
C PRO D 117 -49.50 0.03 -3.33
N VAL D 118 -48.25 -0.14 -2.88
CA VAL D 118 -47.74 0.54 -1.66
C VAL D 118 -46.25 0.85 -1.78
N TYR D 119 -45.81 1.82 -0.98
CA TYR D 119 -44.41 2.32 -0.87
C TYR D 119 -43.48 1.11 -0.98
N THR D 120 -42.61 1.10 -2.00
CA THR D 120 -41.61 0.05 -2.35
C THR D 120 -40.83 -0.52 -1.14
N PRO D 121 -40.28 0.27 -0.22
CA PRO D 121 -39.57 -0.27 0.95
C PRO D 121 -40.33 -1.30 1.79
N PHE D 122 -41.67 -1.25 1.85
CA PHE D 122 -42.50 -2.26 2.55
C PHE D 122 -42.15 -3.67 2.02
N TYR D 123 -41.91 -3.82 0.72
CA TYR D 123 -41.57 -5.11 0.09
C TYR D 123 -40.14 -5.53 0.44
N HIS D 124 -39.18 -4.64 0.21
CA HIS D 124 -37.75 -4.85 0.52
C HIS D 124 -37.52 -5.23 2.00
N MET D 125 -38.19 -4.60 2.95
CA MET D 125 -37.85 -4.76 4.39
C MET D 125 -38.45 -6.06 4.92
N VAL D 126 -39.31 -6.67 4.13
CA VAL D 126 -39.86 -8.02 4.43
C VAL D 126 -39.05 -9.02 3.63
N GLU D 127 -39.05 -8.95 2.31
CA GLU D 127 -38.38 -9.94 1.41
C GLU D 127 -36.87 -10.01 1.77
N LYS D 128 -36.13 -8.90 1.88
CA LYS D 128 -34.64 -8.90 2.08
C LYS D 128 -34.24 -9.51 3.44
N ASN D 129 -35.20 -9.70 4.35
CA ASN D 129 -34.97 -10.22 5.73
C ASN D 129 -35.44 -11.69 5.83
N GLY D 130 -35.74 -12.36 4.70
CA GLY D 130 -36.17 -13.78 4.67
C GLY D 130 -37.60 -14.00 5.18
N ARG D 131 -38.47 -12.98 5.02
CA ARG D 131 -39.94 -13.07 5.27
C ARG D 131 -40.67 -12.94 3.94
N HIS D 132 -41.94 -13.33 3.90
CA HIS D 132 -42.73 -13.50 2.64
C HIS D 132 -43.90 -12.51 2.65
N ILE D 133 -43.91 -11.63 1.64
CA ILE D 133 -44.99 -10.66 1.31
C ILE D 133 -46.23 -11.44 0.86
N LEU D 134 -47.34 -11.16 1.53
CA LEU D 134 -48.71 -11.63 1.21
C LEU D 134 -49.54 -10.39 0.88
N HIS D 135 -50.07 -10.27 -0.35
CA HIS D 135 -50.81 -9.06 -0.80
C HIS D 135 -52.27 -9.11 -0.34
N ASN D 136 -52.81 -7.98 0.11
CA ASN D 136 -54.25 -7.70 0.34
C ASN D 136 -54.51 -6.53 -0.60
N PRO D 137 -54.74 -6.76 -1.90
CA PRO D 137 -54.84 -5.67 -2.88
C PRO D 137 -55.95 -4.70 -2.51
N LEU D 138 -55.69 -3.42 -2.74
CA LEU D 138 -56.74 -2.38 -2.62
C LEU D 138 -57.65 -2.45 -3.86
N LEU D 139 -58.96 -2.26 -3.65
CA LEU D 139 -59.99 -2.03 -4.70
C LEU D 139 -60.08 -0.52 -5.02
N GLU D 140 -60.15 -0.14 -6.29
CA GLU D 140 -60.55 1.22 -6.75
C GLU D 140 -62.09 1.26 -6.76
N LYS D 141 -62.73 2.07 -5.92
CA LYS D 141 -64.20 2.29 -5.89
C LYS D 141 -64.50 3.80 -5.76
N ASP D 142 -65.29 4.35 -6.70
CA ASP D 142 -65.61 5.80 -6.76
C ASP D 142 -64.30 6.59 -6.92
N GLY D 143 -63.43 6.17 -7.85
CA GLY D 143 -62.08 6.73 -8.06
C GLY D 143 -61.27 6.96 -6.78
N ALA D 144 -61.45 6.13 -5.74
CA ALA D 144 -60.68 6.14 -4.47
C ALA D 144 -60.37 4.70 -4.03
N TYR D 145 -59.30 4.50 -3.26
CA TYR D 145 -58.96 3.15 -2.74
C TYR D 145 -59.90 2.82 -1.58
N ALA D 146 -60.34 1.57 -1.50
CA ALA D 146 -60.97 0.96 -0.31
C ALA D 146 -60.33 -0.40 -0.03
N ILE D 147 -60.34 -0.79 1.23
CA ILE D 147 -59.81 -2.09 1.73
C ILE D 147 -60.78 -3.20 1.30
N ASP D 148 -60.22 -4.35 0.86
CA ASP D 148 -60.97 -5.60 0.54
C ASP D 148 -60.99 -6.47 1.81
N PHE D 149 -61.92 -6.20 2.71
CA PHE D 149 -61.99 -6.87 4.03
C PHE D 149 -62.19 -8.38 3.92
N GLU D 150 -62.97 -8.87 2.96
CA GLU D 150 -63.20 -10.34 2.77
C GLU D 150 -61.85 -11.03 2.44
N ASP D 151 -61.07 -10.49 1.50
CA ASP D 151 -59.74 -11.03 1.10
C ASP D 151 -58.78 -10.92 2.29
N LEU D 152 -58.76 -9.76 2.93
CA LEU D 152 -57.91 -9.48 4.11
C LEU D 152 -58.19 -10.54 5.20
N GLU D 153 -59.46 -10.84 5.48
CA GLU D 153 -59.83 -11.82 6.54
C GLU D 153 -59.19 -13.16 6.18
N THR D 154 -59.32 -13.63 4.94
CA THR D 154 -58.75 -14.93 4.47
C THR D 154 -57.27 -14.98 4.84
N LYS D 155 -56.53 -13.90 4.52
CA LYS D 155 -55.06 -13.85 4.55
C LYS D 155 -54.56 -13.74 6.01
N LEU D 156 -55.11 -12.84 6.82
CA LEU D 156 -54.79 -12.76 8.28
C LEU D 156 -55.11 -14.09 9.01
N SER D 157 -55.76 -15.06 8.36
CA SER D 157 -56.19 -16.35 8.99
C SER D 157 -55.07 -17.38 8.88
N ASP D 158 -54.34 -17.35 7.76
CA ASP D 158 -53.10 -18.15 7.52
C ASP D 158 -52.24 -18.02 8.79
N PRO D 159 -51.82 -19.14 9.41
CA PRO D 159 -51.15 -19.07 10.71
C PRO D 159 -49.69 -18.64 10.65
N SER D 160 -49.02 -18.77 9.49
CA SER D 160 -47.63 -18.26 9.30
C SER D 160 -47.65 -16.74 9.01
N VAL D 161 -48.82 -16.12 8.87
CA VAL D 161 -48.97 -14.64 8.82
C VAL D 161 -48.96 -14.08 10.25
N THR D 162 -47.97 -13.23 10.56
CA THR D 162 -47.68 -12.69 11.92
C THR D 162 -47.70 -11.14 11.95
N LEU D 163 -47.62 -10.47 10.81
CA LEU D 163 -47.41 -9.00 10.72
C LEU D 163 -48.29 -8.37 9.63
N PHE D 164 -48.88 -7.23 9.94
CA PHE D 164 -49.62 -6.40 8.96
C PHE D 164 -48.96 -5.03 8.94
N ILE D 165 -48.54 -4.58 7.78
CA ILE D 165 -47.92 -3.23 7.64
C ILE D 165 -48.92 -2.29 6.98
N LEU D 166 -49.55 -1.48 7.81
CA LEU D 166 -50.55 -0.49 7.40
C LEU D 166 -49.87 0.80 6.99
N CYS D 167 -50.24 1.34 5.85
CA CYS D 167 -49.80 2.71 5.46
C CYS D 167 -50.99 3.65 5.69
N ASN D 168 -50.90 4.61 6.61
CA ASN D 168 -52.07 5.45 6.96
C ASN D 168 -51.64 6.84 7.38
N PRO D 169 -51.72 7.87 6.50
CA PRO D 169 -52.18 7.72 5.11
C PRO D 169 -51.37 6.79 4.20
N HIS D 170 -52.01 6.34 3.12
CA HIS D 170 -51.48 5.31 2.21
C HIS D 170 -50.70 6.01 1.09
N ASN D 171 -49.45 5.61 0.88
CA ASN D 171 -48.59 6.09 -0.25
C ASN D 171 -48.37 4.88 -1.15
N PRO D 172 -48.78 4.91 -2.45
CA PRO D 172 -49.41 6.08 -3.08
C PRO D 172 -50.94 6.23 -2.92
N SER D 173 -51.47 7.41 -3.27
CA SER D 173 -52.90 7.83 -3.26
C SER D 173 -53.13 8.96 -2.24
N GLY D 174 -52.41 8.93 -1.12
CA GLY D 174 -52.61 9.82 0.03
C GLY D 174 -53.85 9.43 0.83
N ARG D 175 -54.38 8.22 0.63
CA ARG D 175 -55.63 7.80 1.32
C ARG D 175 -55.52 7.84 2.85
N SER D 176 -56.50 8.47 3.51
CA SER D 176 -56.62 8.54 4.99
C SER D 176 -57.70 7.57 5.44
N TRP D 177 -57.33 6.48 6.12
CA TRP D 177 -58.30 5.41 6.45
C TRP D 177 -59.27 5.95 7.52
N SER D 178 -60.54 5.53 7.43
CA SER D 178 -61.64 5.91 8.36
C SER D 178 -61.42 5.18 9.66
N ARG D 179 -62.00 5.74 10.73
CA ARG D 179 -62.11 5.08 12.05
C ARG D 179 -62.64 3.66 11.82
N GLU D 180 -63.71 3.54 11.04
CA GLU D 180 -64.45 2.27 10.77
C GLU D 180 -63.49 1.29 10.12
N ASP D 181 -62.83 1.70 9.03
CA ASP D 181 -61.80 0.89 8.33
C ASP D 181 -60.82 0.29 9.36
N LEU D 182 -60.35 1.10 10.31
CA LEU D 182 -59.24 0.77 11.22
C LEU D 182 -59.79 -0.14 12.31
N LEU D 183 -61.02 0.10 12.75
CA LEU D 183 -61.63 -0.72 13.81
C LEU D 183 -61.79 -2.16 13.31
N LYS D 184 -62.17 -2.31 12.05
CA LYS D 184 -62.42 -3.64 11.43
C LYS D 184 -61.06 -4.33 11.27
N LEU D 185 -60.02 -3.60 10.83
CA LEU D 185 -58.65 -4.14 10.67
C LEU D 185 -58.11 -4.59 12.03
N GLY D 186 -58.30 -3.79 13.08
CA GLY D 186 -57.83 -4.15 14.43
C GLY D 186 -58.48 -5.42 14.91
N GLU D 187 -59.80 -5.50 14.81
CA GLU D 187 -60.59 -6.69 15.22
C GLU D 187 -59.97 -7.96 14.64
N LEU D 188 -59.68 -7.97 13.34
CA LEU D 188 -59.11 -9.13 12.62
C LEU D 188 -57.71 -9.48 13.15
N CYS D 189 -56.85 -8.50 13.35
CA CYS D 189 -55.48 -8.77 13.85
C CYS D 189 -55.55 -9.23 15.31
N LEU D 190 -56.48 -8.71 16.09
CA LEU D 190 -56.63 -9.14 17.49
C LEU D 190 -57.10 -10.59 17.52
N GLU D 191 -58.05 -10.91 16.64
CA GLU D 191 -58.64 -12.27 16.49
C GLU D 191 -57.52 -13.24 16.16
N HIS D 192 -56.61 -12.86 15.26
CA HIS D 192 -55.63 -13.75 14.58
C HIS D 192 -54.18 -13.53 15.02
N GLY D 193 -53.95 -12.87 16.16
CA GLY D 193 -52.62 -12.74 16.78
C GLY D 193 -51.62 -12.12 15.83
N VAL D 194 -52.04 -11.13 15.02
CA VAL D 194 -51.12 -10.40 14.10
C VAL D 194 -50.67 -9.09 14.76
N THR D 195 -49.38 -8.75 14.65
CA THR D 195 -48.84 -7.46 15.11
C THR D 195 -49.07 -6.42 14.02
N VAL D 196 -49.54 -5.23 14.39
CA VAL D 196 -49.81 -4.11 13.42
C VAL D 196 -48.64 -3.14 13.47
N VAL D 197 -47.92 -2.96 12.37
CA VAL D 197 -46.99 -1.81 12.19
C VAL D 197 -47.76 -0.77 11.38
N SER D 198 -47.92 0.44 11.91
CA SER D 198 -48.63 1.56 11.25
C SER D 198 -47.60 2.60 10.84
N ASP D 199 -47.35 2.75 9.55
CA ASP D 199 -46.52 3.87 9.03
C ASP D 199 -47.46 5.07 8.90
N GLU D 200 -47.28 6.08 9.77
CA GLU D 200 -48.18 7.26 9.94
C GLU D 200 -47.41 8.52 9.53
N ILE D 201 -46.51 8.42 8.55
CA ILE D 201 -45.52 9.49 8.26
C ILE D 201 -46.13 10.60 7.38
N HIS D 202 -47.23 10.29 6.70
CA HIS D 202 -48.01 11.24 5.87
C HIS D 202 -49.15 11.83 6.71
N SER D 203 -49.30 11.37 7.95
CA SER D 203 -50.44 11.70 8.85
C SER D 203 -50.58 13.17 9.29
N ASP D 204 -49.58 14.03 9.24
CA ASP D 204 -49.77 15.43 9.69
C ASP D 204 -50.18 16.35 8.52
N LEU D 205 -50.13 15.85 7.31
CA LEU D 205 -50.43 16.71 6.13
C LEU D 205 -51.86 16.45 5.66
N MET D 206 -52.82 16.50 6.59
CA MET D 206 -54.25 16.22 6.31
C MET D 206 -54.80 17.41 5.50
N LEU D 207 -55.36 17.16 4.32
CA LEU D 207 -55.87 18.23 3.45
C LEU D 207 -57.39 18.30 3.54
N TYR D 208 -57.94 19.44 3.15
CA TYR D 208 -59.40 19.72 3.04
C TYR D 208 -60.19 19.22 4.24
N GLY D 209 -59.72 19.46 5.45
CA GLY D 209 -60.44 18.97 6.63
C GLY D 209 -60.39 17.46 6.79
N HIS D 210 -59.46 16.77 6.16
CA HIS D 210 -59.36 15.32 6.44
C HIS D 210 -58.74 15.20 7.84
N LYS D 211 -59.11 14.15 8.58
CA LYS D 211 -58.63 13.95 9.96
C LYS D 211 -57.92 12.59 10.08
N HIS D 212 -56.67 12.57 10.53
CA HIS D 212 -55.89 11.32 10.67
C HIS D 212 -56.35 10.52 11.89
N THR D 213 -56.48 9.21 11.81
CA THR D 213 -56.86 8.45 13.01
C THR D 213 -55.72 7.47 13.36
N PRO D 214 -54.87 7.72 14.37
CA PRO D 214 -53.85 6.74 14.74
C PRO D 214 -54.52 5.45 15.21
N PHE D 215 -54.15 4.35 14.57
CA PHE D 215 -54.60 2.98 14.89
C PHE D 215 -54.61 2.79 16.40
N ALA D 216 -53.48 3.14 17.02
CA ALA D 216 -53.16 2.89 18.45
C ALA D 216 -54.15 3.59 19.40
N SER D 217 -54.69 4.75 18.98
CA SER D 217 -55.59 5.66 19.75
C SER D 217 -56.99 5.05 19.99
N LEU D 218 -57.35 3.95 19.33
CA LEU D 218 -58.75 3.46 19.24
C LEU D 218 -59.15 2.65 20.49
N SER D 219 -58.20 2.03 21.19
CA SER D 219 -58.44 1.28 22.45
C SER D 219 -57.11 0.76 23.03
N ASP D 220 -57.13 0.28 24.27
CA ASP D 220 -55.92 -0.31 24.93
C ASP D 220 -55.53 -1.60 24.19
N ASP D 221 -56.53 -2.39 23.76
CA ASP D 221 -56.35 -3.67 23.03
C ASP D 221 -55.49 -3.41 21.79
N PHE D 222 -55.78 -2.32 21.06
CA PHE D 222 -55.16 -1.97 19.76
C PHE D 222 -53.78 -1.38 20.02
N ALA D 223 -53.71 -0.47 20.99
CA ALA D 223 -52.44 0.16 21.40
C ALA D 223 -51.42 -0.98 21.59
N ASP D 224 -51.81 -1.99 22.37
CA ASP D 224 -50.91 -3.07 22.88
C ASP D 224 -50.43 -4.04 21.77
N ILE D 225 -51.03 -4.04 20.57
CA ILE D 225 -50.50 -4.92 19.50
C ILE D 225 -49.93 -4.05 18.37
N SER D 226 -49.71 -2.76 18.62
CA SER D 226 -49.29 -1.88 17.51
C SER D 226 -47.91 -1.27 17.69
N VAL D 227 -47.28 -0.98 16.57
CA VAL D 227 -45.97 -0.28 16.49
C VAL D 227 -46.24 0.93 15.60
N THR D 228 -46.28 2.12 16.18
CA THR D 228 -46.63 3.32 15.37
C THR D 228 -45.37 4.07 14.96
N CYS D 229 -45.15 4.23 13.67
CA CYS D 229 -43.96 4.95 13.14
C CYS D 229 -44.34 6.36 12.73
N ALA D 230 -43.98 7.36 13.54
CA ALA D 230 -44.22 8.80 13.27
C ALA D 230 -42.88 9.51 13.08
N ALA D 231 -42.92 10.66 12.38
CA ALA D 231 -41.74 11.49 12.10
C ALA D 231 -42.13 12.89 11.68
N PRO D 232 -41.29 13.90 11.96
CA PRO D 232 -41.41 15.21 11.34
C PRO D 232 -40.89 15.32 9.90
N SER D 233 -40.23 14.28 9.42
CA SER D 233 -39.51 14.37 8.11
C SER D 233 -40.41 14.70 6.92
N LYS D 234 -41.56 14.07 6.76
CA LYS D 234 -42.42 14.45 5.60
C LYS D 234 -43.16 15.77 5.88
N THR D 235 -43.68 15.83 7.13
CA THR D 235 -44.45 16.99 7.61
C THR D 235 -43.67 18.31 7.45
N PHE D 236 -42.36 18.29 7.64
CA PHE D 236 -41.62 19.58 7.72
C PHE D 236 -40.45 19.63 6.74
N ASN D 237 -40.39 18.70 5.79
CA ASN D 237 -39.34 18.62 4.74
C ASN D 237 -37.94 18.55 5.37
N ILE D 238 -37.73 17.58 6.26
CA ILE D 238 -36.42 17.37 6.94
C ILE D 238 -36.09 15.87 7.04
N ALA D 239 -36.33 15.13 5.96
CA ALA D 239 -35.94 13.70 5.84
C ALA D 239 -34.40 13.56 5.98
N GLY D 240 -33.63 14.55 5.52
CA GLY D 240 -32.15 14.62 5.62
C GLY D 240 -31.63 14.94 7.03
N LEU D 241 -32.50 15.13 8.02
CA LEU D 241 -32.05 15.17 9.42
C LEU D 241 -32.31 13.81 10.09
N GLN D 242 -32.96 12.87 9.41
CA GLN D 242 -33.01 11.45 9.87
C GLN D 242 -33.45 11.43 11.33
N ALA D 243 -34.67 11.89 11.60
CA ALA D 243 -35.32 11.86 12.92
C ALA D 243 -36.67 11.19 12.76
N SER D 244 -37.04 10.31 13.71
CA SER D 244 -38.34 9.61 13.79
C SER D 244 -38.60 9.11 15.21
N ALA D 245 -39.87 9.00 15.56
CA ALA D 245 -40.38 8.62 16.89
C ALA D 245 -41.26 7.38 16.72
N ILE D 246 -40.87 6.26 17.30
CA ILE D 246 -41.59 4.95 17.15
C ILE D 246 -42.26 4.64 18.48
N ILE D 247 -43.57 4.55 18.42
CA ILE D 247 -44.44 4.39 19.62
C ILE D 247 -44.90 2.94 19.80
N ILE D 248 -44.36 2.31 20.83
CA ILE D 248 -44.74 0.92 21.21
C ILE D 248 -45.21 0.95 22.65
N PRO D 249 -46.54 1.05 22.87
CA PRO D 249 -47.14 1.04 24.19
C PRO D 249 -46.88 -0.24 24.99
N ASP D 250 -46.86 -1.40 24.34
CA ASP D 250 -46.60 -2.69 25.03
C ASP D 250 -45.10 -2.83 25.33
N ARG D 251 -44.76 -2.84 26.62
CA ARG D 251 -43.35 -2.82 27.10
C ARG D 251 -42.56 -3.99 26.48
N LEU D 252 -43.18 -5.16 26.29
CA LEU D 252 -42.47 -6.37 25.82
C LEU D 252 -42.03 -6.12 24.37
N LYS D 253 -42.94 -5.61 23.53
CA LYS D 253 -42.64 -5.34 22.10
C LYS D 253 -41.64 -4.17 22.04
N ARG D 254 -41.71 -3.23 22.98
CA ARG D 254 -40.77 -2.08 23.00
C ARG D 254 -39.37 -2.66 23.26
N ALA D 255 -39.24 -3.57 24.23
CA ALA D 255 -37.94 -4.23 24.56
C ALA D 255 -37.34 -4.91 23.30
N LYS D 256 -38.13 -5.70 22.59
CA LYS D 256 -37.70 -6.45 21.39
C LYS D 256 -37.29 -5.42 20.33
N PHE D 257 -38.04 -4.34 20.17
CA PHE D 257 -37.74 -3.30 19.18
C PHE D 257 -36.41 -2.61 19.54
N SER D 258 -36.19 -2.23 20.82
CA SER D 258 -34.87 -1.69 21.31
C SER D 258 -33.75 -2.68 20.96
N ALA D 259 -33.93 -3.95 21.35
CA ALA D 259 -32.97 -5.04 21.12
C ALA D 259 -32.60 -5.12 19.63
N SER D 260 -33.53 -4.93 18.70
CA SER D 260 -33.18 -4.87 17.26
C SER D 260 -32.33 -3.63 16.99
N LEU D 261 -32.66 -2.48 17.61
CA LEU D 261 -31.83 -1.27 17.38
C LEU D 261 -30.41 -1.52 17.92
N GLN D 262 -30.23 -2.01 19.16
CA GLN D 262 -28.89 -2.26 19.79
C GLN D 262 -28.07 -3.16 18.85
N ARG D 263 -28.65 -4.32 18.52
CA ARG D 263 -28.07 -5.45 17.73
C ARG D 263 -27.45 -4.93 16.43
N ASN D 264 -27.99 -3.82 15.91
CA ASN D 264 -27.67 -3.22 14.59
C ASN D 264 -26.80 -1.97 14.81
N GLY D 265 -26.38 -1.75 16.05
CA GLY D 265 -25.52 -0.62 16.43
C GLY D 265 -26.19 0.70 16.12
N LEU D 266 -27.50 0.75 16.39
CA LEU D 266 -28.38 1.95 16.25
C LEU D 266 -28.88 2.32 17.64
N GLY D 267 -29.69 3.38 17.74
CA GLY D 267 -30.28 3.84 19.01
C GLY D 267 -30.06 5.33 19.18
N GLY D 268 -28.88 5.79 18.82
CA GLY D 268 -28.51 7.21 18.78
C GLY D 268 -29.21 7.91 17.64
N LEU D 269 -29.72 9.12 17.90
CA LEU D 269 -30.04 10.22 16.94
C LEU D 269 -28.85 11.19 16.82
N ASN D 270 -28.65 11.80 15.64
CA ASN D 270 -27.59 12.82 15.41
C ASN D 270 -28.02 14.11 16.15
N ALA D 271 -27.10 15.05 16.42
CA ALA D 271 -27.29 16.18 17.37
C ALA D 271 -28.41 17.10 16.84
N PHE D 272 -28.39 17.29 15.52
CA PHE D 272 -29.33 18.16 14.77
C PHE D 272 -30.74 17.56 14.78
N ALA D 273 -30.87 16.25 14.58
CA ALA D 273 -32.15 15.51 14.69
C ALA D 273 -32.77 15.74 16.08
N VAL D 274 -31.99 15.57 17.16
CA VAL D 274 -32.47 15.81 18.55
C VAL D 274 -33.08 17.23 18.64
N THR D 275 -32.36 18.23 18.12
CA THR D 275 -32.88 19.62 18.10
C THR D 275 -34.14 19.64 17.24
N ALA D 276 -34.02 19.20 16.00
CA ALA D 276 -35.05 19.36 14.95
C ALA D 276 -36.38 18.75 15.40
N ILE D 277 -36.39 17.57 15.98
CA ILE D 277 -37.67 16.86 16.29
C ILE D 277 -38.43 17.66 17.36
N GLU D 278 -37.73 18.21 18.34
CA GLU D 278 -38.31 18.99 19.45
C GLU D 278 -38.96 20.26 18.92
N ALA D 279 -38.17 21.09 18.23
CA ALA D 279 -38.60 22.36 17.65
C ALA D 279 -39.83 22.13 16.74
N ALA D 280 -39.74 21.14 15.83
CA ALA D 280 -40.80 20.80 14.86
C ALA D 280 -42.12 20.48 15.55
N TYR D 281 -42.11 19.57 16.54
CA TYR D 281 -43.35 19.06 17.18
C TYR D 281 -43.82 20.07 18.23
N SER D 282 -42.88 20.90 18.72
CA SER D 282 -43.12 21.95 19.73
C SER D 282 -43.70 23.20 19.06
N LYS D 283 -43.20 23.63 17.90
CA LYS D 283 -43.40 25.00 17.33
C LYS D 283 -43.71 25.02 15.82
N GLY D 284 -43.90 23.87 15.18
CA GLY D 284 -44.09 23.81 13.71
C GLY D 284 -45.54 23.96 13.30
N GLY D 285 -46.47 23.90 14.27
CA GLY D 285 -47.93 23.89 14.03
C GLY D 285 -48.37 24.93 12.99
N PRO D 286 -48.24 26.24 13.25
CA PRO D 286 -48.71 27.24 12.31
C PRO D 286 -48.04 27.27 10.92
N TRP D 287 -46.73 27.00 10.78
CA TRP D 287 -46.08 26.87 9.45
C TRP D 287 -46.74 25.72 8.67
N LEU D 288 -47.08 24.63 9.35
CA LEU D 288 -47.74 23.46 8.74
C LEU D 288 -49.15 23.85 8.30
N ASP D 289 -49.89 24.65 9.08
CA ASP D 289 -51.26 25.08 8.66
C ASP D 289 -51.12 25.94 7.39
N GLU D 290 -50.09 26.77 7.33
CA GLU D 290 -49.83 27.63 6.15
C GLU D 290 -49.50 26.73 4.95
N LEU D 291 -48.80 25.61 5.17
CA LEU D 291 -48.45 24.61 4.11
C LEU D 291 -49.68 23.81 3.62
N ILE D 292 -50.48 23.20 4.51
CA ILE D 292 -51.77 22.53 4.18
C ILE D 292 -52.55 23.40 3.18
N THR D 293 -52.67 24.70 3.46
CA THR D 293 -53.41 25.68 2.62
C THR D 293 -52.76 25.77 1.23
N TYR D 294 -51.42 25.91 1.13
CA TYR D 294 -50.71 26.02 -0.18
C TYR D 294 -50.87 24.71 -0.98
N ILE D 295 -50.86 23.57 -0.28
CA ILE D 295 -50.99 22.22 -0.93
C ILE D 295 -52.38 22.17 -1.55
N GLU D 296 -53.43 22.44 -0.75
CA GLU D 296 -54.86 22.49 -1.15
C GLU D 296 -54.98 23.31 -2.44
N LYS D 297 -54.30 24.45 -2.52
CA LYS D 297 -54.35 25.30 -3.73
C LYS D 297 -53.70 24.55 -4.87
N ASN D 298 -52.57 23.90 -4.59
CA ASN D 298 -51.80 23.14 -5.60
C ASN D 298 -52.66 22.00 -6.16
N MET D 299 -53.41 21.31 -5.30
CA MET D 299 -54.29 20.19 -5.70
C MET D 299 -55.44 20.70 -6.58
N ASN D 300 -56.02 21.82 -6.19
CA ASN D 300 -57.14 22.46 -6.91
C ASN D 300 -56.66 22.80 -8.32
N GLU D 301 -55.49 23.42 -8.40
CA GLU D 301 -54.94 23.78 -9.72
C GLU D 301 -54.78 22.52 -10.57
N ALA D 302 -54.28 21.40 -10.00
CA ALA D 302 -53.98 20.16 -10.76
C ALA D 302 -55.29 19.57 -11.31
N GLU D 303 -56.29 19.35 -10.43
CA GLU D 303 -57.67 18.90 -10.77
C GLU D 303 -58.23 19.77 -11.90
N ALA D 304 -58.24 21.10 -11.74
CA ALA D 304 -58.77 22.08 -12.73
C ALA D 304 -58.08 21.88 -14.08
N PHE D 305 -56.74 21.83 -14.09
CA PHE D 305 -55.93 21.69 -15.33
C PHE D 305 -56.17 20.31 -15.94
N LEU D 306 -56.26 19.26 -15.10
CA LEU D 306 -56.44 17.88 -15.62
C LEU D 306 -57.86 17.73 -16.21
N SER D 307 -58.91 18.18 -15.53
CA SER D 307 -60.32 18.02 -15.99
C SER D 307 -60.56 18.74 -17.34
N THR D 308 -59.85 19.85 -17.59
CA THR D 308 -59.96 20.77 -18.78
C THR D 308 -59.03 20.38 -19.93
N GLU D 309 -57.73 20.20 -19.68
CA GLU D 309 -56.66 20.03 -20.72
C GLU D 309 -56.27 18.54 -20.94
N LEU D 310 -56.63 17.61 -20.05
CA LEU D 310 -56.23 16.17 -20.13
C LEU D 310 -57.30 15.32 -19.47
N PRO D 311 -58.55 15.34 -20.01
CA PRO D 311 -59.70 14.73 -19.33
C PRO D 311 -59.65 13.20 -19.29
N LYS D 312 -58.75 12.58 -20.07
CA LYS D 312 -58.50 11.11 -20.07
C LYS D 312 -57.85 10.69 -18.73
N VAL D 313 -57.09 11.59 -18.10
CA VAL D 313 -56.39 11.34 -16.81
C VAL D 313 -57.43 11.35 -15.68
N LYS D 314 -57.48 10.30 -14.87
CA LYS D 314 -58.21 10.28 -13.59
C LYS D 314 -57.18 10.57 -12.51
N MET D 315 -57.29 11.73 -11.87
CA MET D 315 -56.56 12.12 -10.64
C MET D 315 -57.32 11.54 -9.45
N MET D 316 -56.63 10.83 -8.55
CA MET D 316 -57.11 10.68 -7.15
C MET D 316 -56.72 11.95 -6.35
N LYS D 317 -57.65 12.88 -6.18
CA LYS D 317 -57.53 14.00 -5.20
C LYS D 317 -57.15 13.37 -3.86
N PRO D 318 -55.92 13.63 -3.34
CA PRO D 318 -55.45 12.97 -2.13
C PRO D 318 -56.05 13.55 -0.84
N ASP D 319 -56.43 12.68 0.10
CA ASP D 319 -56.92 13.07 1.43
C ASP D 319 -55.77 13.76 2.20
N ALA D 320 -54.53 13.45 1.84
CA ALA D 320 -53.35 13.88 2.61
C ALA D 320 -52.06 13.81 1.77
N SER D 321 -51.16 14.72 2.08
CA SER D 321 -49.75 14.82 1.65
C SER D 321 -49.72 15.47 0.27
N TYR D 322 -48.54 15.63 -0.31
CA TYR D 322 -48.31 16.50 -1.49
C TYR D 322 -48.03 15.64 -2.73
N LEU D 323 -48.46 14.39 -2.69
CA LEU D 323 -48.17 13.42 -3.77
C LEU D 323 -49.48 13.02 -4.47
N ILE D 324 -49.51 13.21 -5.78
CA ILE D 324 -50.73 12.99 -6.60
C ILE D 324 -50.59 11.67 -7.36
N TRP D 325 -51.49 10.73 -7.08
CA TRP D 325 -51.60 9.44 -7.81
C TRP D 325 -52.48 9.65 -9.05
N LEU D 326 -51.88 9.57 -10.24
CA LEU D 326 -52.49 9.90 -11.55
C LEU D 326 -52.64 8.65 -12.43
N ASP D 327 -53.88 8.30 -12.79
CA ASP D 327 -54.27 7.17 -13.69
C ASP D 327 -54.21 7.64 -15.14
N PHE D 328 -53.24 7.14 -15.91
CA PHE D 328 -53.08 7.42 -17.35
C PHE D 328 -53.57 6.23 -18.19
N SER D 329 -54.24 5.24 -17.57
CA SER D 329 -54.86 4.06 -18.27
C SER D 329 -55.44 4.46 -19.62
N ALA D 330 -56.33 5.46 -19.63
CA ALA D 330 -57.24 5.74 -20.74
C ALA D 330 -56.43 6.03 -22.01
N TYR D 331 -55.13 6.30 -21.88
CA TYR D 331 -54.24 6.61 -23.04
C TYR D 331 -53.79 5.34 -23.78
N GLY D 332 -53.66 4.19 -23.11
CA GLY D 332 -53.25 2.94 -23.76
C GLY D 332 -51.78 2.94 -24.19
N LEU D 333 -50.97 3.63 -23.41
CA LEU D 333 -49.51 3.50 -23.61
C LEU D 333 -49.07 2.38 -22.67
N SER D 334 -47.93 1.78 -22.97
CA SER D 334 -47.40 0.82 -21.99
C SER D 334 -46.72 1.62 -20.86
N ASP D 335 -46.61 1.02 -19.69
CA ASP D 335 -45.93 1.64 -18.53
C ASP D 335 -44.57 2.18 -18.97
N ALA D 336 -43.85 1.42 -19.78
CA ALA D 336 -42.50 1.76 -20.30
C ALA D 336 -42.56 2.96 -21.27
N GLU D 337 -43.57 3.02 -22.15
CA GLU D 337 -43.68 4.13 -23.14
C GLU D 337 -44.18 5.39 -22.42
N LEU D 338 -45.02 5.20 -21.41
CA LEU D 338 -45.53 6.32 -20.58
C LEU D 338 -44.33 7.04 -19.96
N GLN D 339 -43.45 6.30 -19.29
CA GLN D 339 -42.19 6.84 -18.68
C GLN D 339 -41.25 7.42 -19.76
N GLN D 340 -41.03 6.81 -20.94
CA GLN D 340 -40.07 7.39 -21.93
C GLN D 340 -40.66 8.71 -22.46
N ARG D 341 -41.98 8.77 -22.64
CA ARG D 341 -42.71 9.99 -23.09
C ARG D 341 -42.52 11.08 -22.02
N MET D 342 -42.81 10.80 -20.73
CA MET D 342 -42.67 11.77 -19.62
C MET D 342 -41.24 12.29 -19.55
N LEU D 343 -40.26 11.38 -19.54
CA LEU D 343 -38.81 11.70 -19.34
C LEU D 343 -38.21 12.37 -20.59
N LYS D 344 -38.55 11.88 -21.80
CA LYS D 344 -37.88 12.29 -23.08
C LYS D 344 -38.68 13.36 -23.85
N LYS D 345 -40.01 13.23 -23.95
CA LYS D 345 -40.91 14.20 -24.65
C LYS D 345 -41.25 15.37 -23.72
N GLY D 346 -41.95 15.12 -22.61
CA GLY D 346 -42.32 16.17 -21.63
C GLY D 346 -41.12 16.68 -20.85
N LYS D 347 -40.07 15.86 -20.71
CA LYS D 347 -38.85 16.16 -19.90
C LYS D 347 -39.30 16.49 -18.46
N VAL D 348 -40.03 15.57 -17.83
CA VAL D 348 -40.46 15.66 -16.40
C VAL D 348 -40.41 14.25 -15.77
N ILE D 349 -40.02 14.15 -14.50
CA ILE D 349 -39.85 12.85 -13.79
C ILE D 349 -40.95 12.63 -12.76
N LEU D 350 -41.84 11.67 -13.00
CA LEU D 350 -42.75 11.15 -11.96
C LEU D 350 -42.23 9.81 -11.47
N GLU D 351 -42.76 9.30 -10.35
CA GLU D 351 -42.54 7.91 -9.90
C GLU D 351 -43.39 7.03 -10.79
N PRO D 352 -42.81 6.04 -11.53
CA PRO D 352 -43.62 5.11 -12.32
C PRO D 352 -44.36 4.17 -11.38
N GLY D 353 -45.67 4.06 -11.52
CA GLY D 353 -46.55 3.34 -10.59
C GLY D 353 -46.14 1.89 -10.44
N THR D 354 -45.58 1.30 -11.50
CA THR D 354 -44.80 0.03 -11.52
C THR D 354 -44.17 -0.24 -10.15
N LYS D 355 -43.27 0.65 -9.72
CA LYS D 355 -42.42 0.45 -8.52
C LYS D 355 -43.28 0.22 -7.27
N TYR D 356 -44.57 0.53 -7.27
CA TYR D 356 -45.45 0.41 -6.08
C TYR D 356 -46.07 -0.98 -6.05
N GLY D 357 -45.86 -1.76 -7.12
CA GLY D 357 -46.28 -3.17 -7.24
C GLY D 357 -47.64 -3.31 -7.95
N PRO D 358 -48.43 -4.36 -7.63
CA PRO D 358 -49.72 -4.59 -8.25
C PRO D 358 -50.77 -3.52 -7.95
N GLY D 359 -51.61 -3.18 -8.93
CA GLY D 359 -52.58 -2.07 -8.85
C GLY D 359 -51.90 -0.77 -9.23
N GLY D 360 -50.66 -0.84 -9.68
CA GLY D 360 -49.80 0.33 -9.96
C GLY D 360 -49.61 0.59 -11.45
N GLU D 361 -49.89 -0.41 -12.29
CA GLU D 361 -49.79 -0.34 -13.78
C GLU D 361 -50.78 0.70 -14.30
N GLY D 362 -50.31 1.57 -15.19
CA GLY D 362 -51.08 2.68 -15.77
C GLY D 362 -51.03 3.95 -14.93
N PHE D 363 -50.46 3.92 -13.71
CA PHE D 363 -50.37 5.09 -12.81
C PHE D 363 -48.95 5.68 -12.85
N MET D 364 -48.84 6.93 -12.42
CA MET D 364 -47.57 7.54 -12.00
C MET D 364 -47.90 8.51 -10.87
N ARG D 365 -46.92 8.80 -10.02
CA ARG D 365 -47.08 9.64 -8.79
C ARG D 365 -46.39 10.96 -9.09
N LEU D 366 -47.15 12.05 -9.02
CA LEU D 366 -46.66 13.43 -9.27
C LEU D 366 -46.44 14.13 -7.92
N ASN D 367 -45.22 14.64 -7.68
CA ASN D 367 -44.82 15.38 -6.44
C ASN D 367 -45.16 16.88 -6.57
N ALA D 368 -46.21 17.32 -5.87
CA ALA D 368 -46.78 18.68 -5.93
C ALA D 368 -46.27 19.48 -4.72
N GLY D 369 -45.26 18.97 -4.01
CA GLY D 369 -44.62 19.67 -2.88
C GLY D 369 -43.61 20.69 -3.37
N CYS D 370 -44.10 21.77 -3.99
CA CYS D 370 -43.31 22.75 -4.78
C CYS D 370 -44.15 24.02 -5.04
N SER D 371 -43.53 25.08 -5.56
CA SER D 371 -44.23 26.35 -5.92
C SER D 371 -45.28 26.05 -6.99
N LEU D 372 -46.42 26.74 -6.95
CA LEU D 372 -47.51 26.64 -7.95
C LEU D 372 -46.90 26.78 -9.36
N ALA D 373 -45.97 27.71 -9.56
CA ALA D 373 -45.22 27.88 -10.83
C ALA D 373 -44.59 26.56 -11.25
N THR D 374 -43.91 25.86 -10.34
CA THR D 374 -43.20 24.59 -10.65
C THR D 374 -44.23 23.51 -11.02
N LEU D 375 -45.39 23.47 -10.34
CA LEU D 375 -46.49 22.51 -10.61
C LEU D 375 -47.09 22.80 -11.99
N GLN D 376 -47.37 24.05 -12.32
CA GLN D 376 -47.92 24.43 -13.67
C GLN D 376 -46.94 24.03 -14.77
N ASP D 377 -45.63 24.14 -14.53
CA ASP D 377 -44.60 23.71 -15.51
C ASP D 377 -44.68 22.17 -15.61
N GLY D 378 -44.84 21.47 -14.47
CA GLY D 378 -45.06 20.01 -14.41
C GLY D 378 -46.21 19.55 -15.29
N LEU D 379 -47.39 20.15 -15.07
CA LEU D 379 -48.64 19.78 -15.78
C LEU D 379 -48.48 20.09 -17.28
N ARG D 380 -47.94 21.26 -17.62
CA ARG D 380 -47.60 21.62 -19.01
C ARG D 380 -46.73 20.50 -19.61
N ARG D 381 -45.74 19.98 -18.89
CA ARG D 381 -44.82 18.95 -19.45
C ARG D 381 -45.54 17.61 -19.55
N ILE D 382 -46.48 17.31 -18.65
CA ILE D 382 -47.27 16.05 -18.69
C ILE D 382 -48.14 16.05 -19.98
N LYS D 383 -48.92 17.11 -20.22
CA LYS D 383 -49.68 17.36 -21.49
C LYS D 383 -48.74 17.30 -22.71
N ALA D 384 -47.58 17.95 -22.72
CA ALA D 384 -46.67 17.82 -23.90
C ALA D 384 -46.31 16.35 -24.15
N ALA D 385 -46.00 15.59 -23.09
CA ALA D 385 -45.59 14.16 -23.15
C ALA D 385 -46.69 13.33 -23.82
N LEU D 386 -47.96 13.73 -23.66
CA LEU D 386 -49.16 12.96 -24.10
C LEU D 386 -49.72 13.52 -25.41
N SER D 387 -49.27 14.73 -25.85
CA SER D 387 -49.52 15.34 -27.18
C SER D 387 -51.01 15.36 -27.53
C ACT E . -16.01 5.45 24.13
O ACT E . -16.09 6.25 25.07
OXT ACT E . -15.01 4.69 23.92
CH3 ACT E . -17.26 5.43 23.20
N1 PLP F . -14.64 2.58 17.79
C2 PLP F . -13.74 2.98 18.67
C2A PLP F . -12.50 2.18 18.85
C3 PLP F . -13.96 4.12 19.42
O3 PLP F . -13.02 4.48 20.30
C4 PLP F . -15.12 4.87 19.23
C4A PLP F . -15.34 6.05 20.05
C5 PLP F . -16.06 4.43 18.30
C6 PLP F . -15.77 3.29 17.60
C5A PLP F . -17.35 5.16 18.05
O4P PLP F . -17.91 4.98 16.71
P PLP F . -19.12 5.87 16.21
O1P PLP F . -19.04 7.08 17.01
O2P PLP F . -18.90 6.18 14.82
O3P PLP F . -20.29 5.06 16.45
C ACT G . 26.47 9.98 -3.49
O ACT G . 27.16 11.03 -3.51
OXT ACT G . 25.22 9.98 -3.43
CH3 ACT G . 27.16 8.63 -3.60
N1 PLP H . 21.40 6.91 -7.44
C2 PLP H . 21.29 7.76 -6.43
C2A PLP H . 20.32 8.88 -6.53
C3 PLP H . 22.04 7.60 -5.28
O3 PLP H . 21.85 8.47 -4.29
C4 PLP H . 22.92 6.52 -5.17
C4A PLP H . 23.73 6.30 -3.99
C5 PLP H . 23.05 5.65 -6.27
C6 PLP H . 22.27 5.89 -7.36
C5A PLP H . 24.01 4.50 -6.25
O4P PLP H . 23.45 3.26 -6.78
P PLP H . 24.35 1.99 -6.95
O1P PLP H . 25.49 2.19 -6.09
O2P PLP H . 24.73 1.96 -8.34
O3P PLP H . 23.49 0.88 -6.51
C ACT I . 30.62 -22.99 -18.57
O ACT I . 31.79 -23.19 -18.99
OXT ACT I . 29.68 -23.79 -18.72
CH3 ACT I . 30.28 -21.67 -17.85
N1 PLP J . 35.20 -17.99 -19.77
C2 PLP J . 35.38 -19.30 -19.82
C2A PLP J . 36.20 -19.88 -20.90
C3 PLP J . 34.78 -20.12 -18.88
O3 PLP J . 35.01 -21.42 -18.97
C4 PLP J . 34.00 -19.57 -17.86
C4A PLP J . 33.38 -20.41 -16.84
C5 PLP J . 33.81 -18.19 -17.85
C6 PLP J . 34.44 -17.45 -18.80
C5A PLP J . 32.97 -17.52 -16.81
O4P PLP J . 33.30 -16.11 -16.69
P PLP J . 32.71 -15.13 -15.60
O1P PLP J . 33.85 -14.73 -14.78
O2P PLP J . 32.12 -14.00 -16.33
O3P PLP J . 31.73 -15.90 -14.84
C ACT K . -40.97 8.26 -1.69
O ACT K . -42.07 7.96 -1.16
OXT ACT K . -40.86 8.76 -2.83
CH3 ACT K . -39.66 8.02 -0.91
N1 PLP L . -42.82 5.63 4.73
C2 PLP L . -43.56 6.28 3.84
C2A PLP L . -44.99 5.90 3.66
C3 PLP L . -43.01 7.30 3.09
O3 PLP L . -43.76 7.94 2.20
C4 PLP L . -41.68 7.65 3.26
C4A PLP L . -41.15 8.74 2.49
C5 PLP L . -40.91 6.94 4.18
C6 PLP L . -41.53 5.95 4.88
C5A PLP L . -39.46 7.25 4.40
O4P PLP L . -39.16 7.59 5.79
P PLP L . -37.72 7.86 6.32
O1P PLP L . -37.93 8.57 7.59
O2P PLP L . -37.06 8.67 5.33
O3P PLP L . -37.12 6.54 6.48
#